data_5F9T
#
_entry.id   5F9T
#
_cell.length_a   100.236
_cell.length_b   74.843
_cell.length_c   113.352
_cell.angle_alpha   90.000
_cell.angle_beta   96.310
_cell.angle_gamma   90.000
#
_symmetry.space_group_name_H-M   'P 1 21 1'
#
loop_
_entity.id
_entity.type
_entity.pdbx_description
1 polymer 'Neuraminidase C'
2 non-polymer '5-acetamido-3,5-dideoxy-3-fluoro-D-erythro-alpha-L-manno-non-2-ulopyranosonic acid'
3 non-polymer '(2R,3R,4R,5R,6R)-5-acetamido-2,3-difluoro-4-hydroxy-6-[(1R,2R)-1,2,3-trihydroxypropyl]tetrahydro-2H-pyran-2-carboxylic acid'
4 non-polymer GLYCEROL
5 water water
#
_entity_poly.entity_id   1
_entity_poly.type   'polypeptide(L)'
_entity_poly.pdbx_seq_one_letter_code
;ETPVLEKNNVTLTGGGENVTKELKDKFTSGDFTVVIKYNQSSEKGLQALFGISNSKPGQQNSYVDVFLRDNGELGMEARD
TSSNKNNLVSRPASVWGKYKQEAVTNTVAVVADSVKKTYSLYANGTKVVEKKVDNFLNIKDIKGIDYYMLGGVKRAGKTA
FGFNGTLENIKFFNSALDEETVKKMTTNAVTGHLIYTANDTTGSNYFRIPVLYTFSNGRVFSSIDARYGGTHDFLNKINI
ATSYSDDNGKTWTKPKLTLAFDDFAPVPLEWPREVGGRDLQISGGATYIDSVIVEKKNKQVLMFADVMPAGVSFREATRK
DSGYKQIDGNYYLKLRKQGDTDYNYTIRENGTVYDDRTNRPTEFSVDKNFGIKQNGNYLTVEQYSVSFENNKKTEYRNGT
KVHMNIFYKDALFKVVPTNYIAYISSNDHGESWSAPTLLPPIMGLNRNAPYLGPGRGIIESSTGRILIPSYTGKESAFIY
SDDNGASWKVKVVPLPSSWSAEAQFVELSPGVIQAYMRTNNGKIAYLTSKDAGTTWSAPEYLKFVSNPSYGTQLSIINYS
QLIDGKKAVILSTPNSTNGRKHGQIWIGLINDDNTIDWRYHHDVDYSNYGYSYSTLTELPNHEIGLMFEKFDSWSRNELH
MKNVVPYITFKIEDLKKNL
;
_entity_poly.pdbx_strand_id   A,B
#
loop_
_chem_comp.id
_chem_comp.type
_chem_comp.name
_chem_comp.formula
FSI D-saccharide, beta linking '5-acetamido-3,5-dideoxy-3-fluoro-D-erythro-alpha-L-manno-non-2-ulopyranosonic acid' 'C11 H18 F N O9'
GOL non-polymer GLYCEROL 'C3 H8 O3'
SFJ D-saccharide '(2R,3R,4R,5R,6R)-5-acetamido-2,3-difluoro-4-hydroxy-6-[(1R,2R)-1,2,3-trihydroxypropyl]tetrahydro-2H-pyran-2-carboxylic acid' 'C11 H17 F2 N O8'
#
# COMPACT_ATOMS: atom_id res chain seq x y z
N GLU A 1 -39.71 -0.19 -6.32
CA GLU A 1 -38.87 -1.36 -6.83
C GLU A 1 -37.80 -1.86 -5.86
N THR A 2 -37.97 -3.07 -5.34
CA THR A 2 -37.12 -3.57 -4.26
C THR A 2 -36.39 -4.86 -4.67
N PRO A 3 -35.16 -5.05 -4.17
CA PRO A 3 -34.38 -6.21 -4.63
C PRO A 3 -34.94 -7.53 -4.13
N VAL A 4 -34.78 -8.59 -4.92
CA VAL A 4 -35.06 -9.94 -4.46
C VAL A 4 -33.98 -10.42 -3.51
N LEU A 5 -32.78 -9.86 -3.65
CA LEU A 5 -31.72 -10.10 -2.69
C LEU A 5 -30.80 -8.90 -2.61
N GLU A 6 -30.44 -8.53 -1.37
CA GLU A 6 -29.42 -7.54 -1.08
C GLU A 6 -28.44 -8.08 -0.05
N LYS A 7 -27.14 -8.01 -0.33
CA LYS A 7 -26.12 -8.44 0.65
C LYS A 7 -25.07 -7.34 0.81
N ASN A 8 -24.48 -7.26 2.00
CA ASN A 8 -23.51 -6.25 2.35
C ASN A 8 -22.19 -6.85 2.84
N ASN A 9 -21.10 -6.17 2.51
CA ASN A 9 -19.79 -6.41 3.06
C ASN A 9 -19.33 -7.84 2.98
N VAL A 10 -19.41 -8.40 1.79
CA VAL A 10 -18.96 -9.77 1.55
C VAL A 10 -17.53 -9.73 1.02
N THR A 11 -16.58 -10.11 1.87
CA THR A 11 -15.17 -10.11 1.51
C THR A 11 -14.83 -11.50 0.99
N LEU A 12 -14.15 -11.54 -0.15
CA LEU A 12 -13.83 -12.80 -0.81
C LEU A 12 -12.40 -12.81 -1.32
N THR A 13 -11.82 -13.99 -1.33
CA THR A 13 -10.48 -14.22 -1.83
C THR A 13 -10.48 -15.41 -2.81
N GLY A 14 -11.33 -15.36 -3.83
CA GLY A 14 -11.33 -16.36 -4.92
C GLY A 14 -12.32 -17.49 -4.80
N GLY A 15 -12.78 -17.76 -3.57
CA GLY A 15 -13.66 -18.90 -3.31
C GLY A 15 -15.15 -18.69 -3.53
N GLY A 16 -15.61 -17.43 -3.57
CA GLY A 16 -17.03 -17.14 -3.76
C GLY A 16 -17.93 -17.47 -2.58
N GLU A 17 -19.22 -17.20 -2.73
CA GLU A 17 -20.23 -17.57 -1.74
C GLU A 17 -21.50 -18.01 -2.47
N ASN A 18 -22.00 -19.16 -2.06
CA ASN A 18 -23.22 -19.73 -2.59
C ASN A 18 -24.41 -18.94 -2.04
N VAL A 19 -25.24 -18.43 -2.93
CA VAL A 19 -26.50 -17.80 -2.52
C VAL A 19 -27.72 -18.41 -3.23
N THR A 20 -27.60 -19.70 -3.57
CA THR A 20 -28.61 -20.41 -4.34
C THR A 20 -29.98 -20.38 -3.65
N LYS A 21 -30.00 -20.66 -2.34
CA LYS A 21 -31.25 -20.65 -1.55
C LYS A 21 -31.95 -19.29 -1.55
N GLU A 22 -31.18 -18.22 -1.55
CA GLU A 22 -31.70 -16.84 -1.55
C GLU A 22 -31.99 -16.21 -2.94
N LEU A 23 -31.70 -16.94 -4.02
CA LEU A 23 -32.06 -16.52 -5.36
C LEU A 23 -32.84 -17.53 -6.22
N LYS A 24 -32.89 -18.79 -5.84
CA LYS A 24 -33.48 -19.82 -6.69
C LYS A 24 -34.88 -19.48 -7.20
N ASP A 25 -35.03 -19.47 -8.53
CA ASP A 25 -36.34 -19.26 -9.18
C ASP A 25 -37.04 -17.94 -8.84
N LYS A 26 -36.28 -16.97 -8.37
CA LYS A 26 -36.81 -15.65 -8.04
C LYS A 26 -36.95 -14.75 -9.26
N PHE A 27 -36.18 -15.07 -10.32
CA PHE A 27 -36.22 -14.31 -11.55
C PHE A 27 -37.36 -14.79 -12.44
N THR A 28 -38.56 -14.34 -12.05
CA THR A 28 -39.79 -14.85 -12.57
C THR A 28 -39.96 -14.55 -14.05
N SER A 29 -39.76 -13.29 -14.45
CA SER A 29 -39.92 -12.90 -15.85
C SER A 29 -38.70 -13.35 -16.63
N GLY A 30 -37.57 -13.47 -15.94
CA GLY A 30 -36.31 -13.77 -16.58
C GLY A 30 -35.40 -12.55 -16.73
N ASP A 31 -35.97 -11.35 -16.76
CA ASP A 31 -35.18 -10.11 -16.77
C ASP A 31 -34.45 -9.92 -15.46
N PHE A 32 -33.37 -9.15 -15.50
CA PHE A 32 -32.63 -8.88 -14.29
C PHE A 32 -31.87 -7.55 -14.32
N THR A 33 -31.64 -7.02 -13.13
CA THR A 33 -30.74 -5.91 -12.87
C THR A 33 -29.94 -6.31 -11.66
N VAL A 34 -28.62 -6.21 -11.76
CA VAL A 34 -27.74 -6.47 -10.62
C VAL A 34 -26.84 -5.26 -10.47
N VAL A 35 -26.84 -4.68 -9.27
CA VAL A 35 -26.03 -3.48 -8.96
C VAL A 35 -25.03 -3.85 -7.87
N ILE A 36 -23.74 -3.68 -8.19
CA ILE A 36 -22.65 -4.18 -7.36
C ILE A 36 -21.71 -3.02 -7.02
N LYS A 37 -21.67 -2.65 -5.74
CA LYS A 37 -20.67 -1.76 -5.19
C LYS A 37 -19.56 -2.61 -4.63
N TYR A 38 -18.38 -2.50 -5.22
CA TYR A 38 -17.25 -3.38 -4.84
C TYR A 38 -15.92 -2.63 -4.83
N ASN A 39 -14.92 -3.25 -4.23
CA ASN A 39 -13.52 -2.95 -4.54
C ASN A 39 -12.71 -4.24 -4.61
N GLN A 40 -11.71 -4.25 -5.50
CA GLN A 40 -10.86 -5.43 -5.72
C GLN A 40 -9.62 -5.37 -4.83
N SER A 41 -9.28 -6.49 -4.20
CA SER A 41 -8.05 -6.63 -3.43
C SER A 41 -6.91 -7.02 -4.38
N SER A 42 -7.26 -7.65 -5.49
CA SER A 42 -6.31 -7.94 -6.58
C SER A 42 -7.04 -7.89 -7.92
N GLU A 43 -6.41 -7.28 -8.91
CA GLU A 43 -6.97 -7.06 -10.25
C GLU A 43 -6.69 -8.24 -11.22
N LYS A 44 -5.81 -9.15 -10.82
CA LYS A 44 -5.25 -10.18 -11.73
C LYS A 44 -6.34 -11.16 -12.10
N GLY A 45 -6.34 -11.60 -13.35
CA GLY A 45 -7.25 -12.63 -13.79
C GLY A 45 -8.62 -12.11 -14.16
N LEU A 46 -9.38 -12.96 -14.82
CA LEU A 46 -10.76 -12.71 -15.15
C LEU A 46 -11.63 -12.99 -13.93
N GLN A 47 -12.36 -11.99 -13.43
CA GLN A 47 -13.09 -12.13 -12.18
C GLN A 47 -14.57 -11.82 -12.35
N ALA A 48 -15.43 -12.70 -11.84
CA ALA A 48 -16.88 -12.48 -11.88
C ALA A 48 -17.40 -11.94 -10.55
N LEU A 49 -18.21 -10.89 -10.64
CA LEU A 49 -18.80 -10.30 -9.44
C LEU A 49 -19.92 -11.20 -8.93
N PHE A 50 -20.60 -11.88 -9.84
CA PHE A 50 -21.60 -12.90 -9.50
C PHE A 50 -21.78 -13.84 -10.70
N GLY A 51 -22.36 -15.00 -10.45
CA GLY A 51 -22.58 -15.98 -11.51
C GLY A 51 -23.83 -16.77 -11.24
N ILE A 52 -24.69 -16.83 -12.25
CA ILE A 52 -25.91 -17.64 -12.21
C ILE A 52 -25.77 -18.68 -13.29
N SER A 53 -25.78 -19.96 -12.90
CA SER A 53 -25.41 -21.02 -13.81
C SER A 53 -26.14 -22.32 -13.60
N ASN A 54 -26.08 -23.14 -14.66
CA ASN A 54 -26.20 -24.56 -14.57
C ASN A 54 -24.85 -25.16 -14.21
N SER A 55 -24.71 -25.67 -12.98
CA SER A 55 -23.41 -26.15 -12.47
C SER A 55 -23.14 -27.62 -12.78
N LYS A 56 -24.06 -28.30 -13.47
CA LYS A 56 -23.97 -29.74 -13.71
C LYS A 56 -22.92 -30.06 -14.79
N PRO A 57 -22.35 -31.29 -14.76
CA PRO A 57 -21.42 -31.77 -15.80
C PRO A 57 -21.92 -31.49 -17.22
N GLY A 58 -21.04 -31.04 -18.11
CA GLY A 58 -21.46 -30.73 -19.49
C GLY A 58 -22.20 -29.41 -19.71
N GLN A 59 -22.61 -28.71 -18.65
CA GLN A 59 -23.38 -27.46 -18.82
C GLN A 59 -22.55 -26.23 -18.51
N GLN A 60 -21.23 -26.31 -18.71
CA GLN A 60 -20.32 -25.23 -18.36
C GLN A 60 -20.50 -23.98 -19.24
N ASN A 61 -21.17 -24.08 -20.39
CA ASN A 61 -21.53 -22.88 -21.17
C ASN A 61 -22.96 -22.38 -20.98
N SER A 62 -23.52 -22.67 -19.80
CA SER A 62 -24.83 -22.16 -19.41
C SER A 62 -24.69 -21.26 -18.18
N TYR A 63 -24.42 -19.98 -18.43
CA TYR A 63 -24.38 -19.01 -17.33
C TYR A 63 -24.57 -17.57 -17.73
N VAL A 64 -24.81 -16.75 -16.70
CA VAL A 64 -24.80 -15.31 -16.76
C VAL A 64 -23.84 -14.83 -15.72
N ASP A 65 -23.03 -13.84 -16.09
CA ASP A 65 -22.14 -13.18 -15.14
C ASP A 65 -21.87 -11.75 -15.58
N VAL A 66 -21.32 -10.99 -14.64
CA VAL A 66 -20.68 -9.73 -14.93
C VAL A 66 -19.24 -9.89 -14.49
N PHE A 67 -18.32 -9.49 -15.38
CA PHE A 67 -16.90 -9.70 -15.14
C PHE A 67 -16.05 -8.43 -15.23
N LEU A 68 -14.89 -8.54 -14.62
CA LEU A 68 -13.86 -7.52 -14.62
C LEU A 68 -12.55 -8.14 -15.11
N ARG A 69 -11.82 -7.40 -15.94
CA ARG A 69 -10.47 -7.78 -16.35
C ARG A 69 -9.43 -6.85 -15.75
N ASP A 70 -8.17 -7.27 -15.85
CA ASP A 70 -7.04 -6.54 -15.23
C ASP A 70 -6.68 -5.21 -15.90
N ASN A 71 -7.37 -4.88 -17.00
CA ASN A 71 -7.21 -3.64 -17.73
C ASN A 71 -8.39 -2.67 -17.53
N GLY A 72 -9.26 -2.97 -16.58
CA GLY A 72 -10.42 -2.15 -16.31
C GLY A 72 -11.65 -2.37 -17.19
N GLU A 73 -11.63 -3.36 -18.08
CA GLU A 73 -12.81 -3.70 -18.85
C GLU A 73 -13.91 -4.28 -17.94
N LEU A 74 -15.13 -3.80 -18.15
CA LEU A 74 -16.33 -4.36 -17.54
C LEU A 74 -17.13 -5.03 -18.62
N GLY A 75 -17.52 -6.27 -18.37
CA GLY A 75 -18.33 -7.01 -19.32
C GLY A 75 -19.37 -7.91 -18.68
N MET A 76 -20.20 -8.52 -19.52
CA MET A 76 -21.11 -9.56 -19.06
C MET A 76 -21.15 -10.65 -20.09
N GLU A 77 -21.40 -11.85 -19.61
CA GLU A 77 -21.71 -12.98 -20.49
C GLU A 77 -23.12 -13.49 -20.18
N ALA A 78 -23.75 -14.01 -21.22
CA ALA A 78 -25.02 -14.74 -21.09
C ALA A 78 -24.97 -15.81 -22.14
N ARG A 79 -24.93 -17.06 -21.69
CA ARG A 79 -24.66 -18.20 -22.57
C ARG A 79 -25.61 -19.34 -22.26
N ASP A 80 -25.99 -20.10 -23.29
CA ASP A 80 -26.80 -21.32 -23.10
C ASP A 80 -26.19 -22.43 -23.94
N THR A 81 -25.93 -23.57 -23.29
CA THR A 81 -25.17 -24.66 -23.91
C THR A 81 -25.95 -25.29 -25.07
N SER A 82 -27.19 -25.73 -24.82
CA SER A 82 -27.94 -26.50 -25.83
C SER A 82 -28.34 -25.69 -27.07
N SER A 83 -28.74 -24.42 -26.90
CA SER A 83 -29.03 -23.53 -28.04
C SER A 83 -27.77 -22.98 -28.74
N ASN A 84 -26.61 -23.19 -28.13
CA ASN A 84 -25.32 -22.59 -28.57
C ASN A 84 -25.37 -21.05 -28.82
N LYS A 85 -26.04 -20.36 -27.91
CA LYS A 85 -26.09 -18.90 -27.90
C LYS A 85 -25.12 -18.39 -26.87
N ASN A 86 -24.23 -17.52 -27.32
CA ASN A 86 -23.13 -17.00 -26.51
C ASN A 86 -23.07 -15.50 -26.71
N ASN A 87 -23.54 -14.76 -25.71
CA ASN A 87 -23.58 -13.33 -25.76
C ASN A 87 -22.48 -12.81 -24.83
N LEU A 88 -21.68 -11.89 -25.37
CA LEU A 88 -20.70 -11.15 -24.59
C LEU A 88 -20.88 -9.67 -24.93
N VAL A 89 -21.15 -8.86 -23.91
CA VAL A 89 -21.27 -7.43 -24.08
C VAL A 89 -20.34 -6.76 -23.06
N SER A 90 -19.60 -5.76 -23.51
CA SER A 90 -18.58 -5.12 -22.67
C SER A 90 -18.09 -3.78 -23.23
N ARG A 91 -17.36 -3.03 -22.41
CA ARG A 91 -16.58 -1.90 -22.88
C ARG A 91 -15.27 -1.80 -22.12
N PRO A 92 -14.16 -1.56 -22.84
CA PRO A 92 -12.90 -1.35 -22.16
C PRO A 92 -12.95 -0.14 -21.24
N ALA A 93 -12.01 -0.08 -20.29
CA ALA A 93 -11.77 1.13 -19.49
C ALA A 93 -13.01 1.65 -18.78
N SER A 94 -13.77 0.75 -18.18
CA SER A 94 -15.04 1.11 -17.52
C SER A 94 -14.89 1.34 -16.03
N VAL A 95 -13.92 0.66 -15.39
CA VAL A 95 -13.72 0.81 -13.95
C VAL A 95 -12.31 1.30 -13.59
N TRP A 96 -12.16 1.68 -12.31
CA TRP A 96 -10.88 2.03 -11.73
C TRP A 96 -10.37 0.87 -10.85
N GLY A 97 -9.03 0.73 -10.79
CA GLY A 97 -8.40 -0.31 -9.99
C GLY A 97 -7.99 0.19 -8.63
N LYS A 98 -6.89 0.93 -8.61
CA LYS A 98 -6.42 1.55 -7.38
C LYS A 98 -6.13 3.03 -7.61
N TYR A 99 -6.05 3.76 -6.51
CA TYR A 99 -5.79 5.19 -6.48
C TYR A 99 -5.03 5.45 -5.21
N LYS A 100 -3.83 6.03 -5.33
CA LYS A 100 -2.95 6.28 -4.19
C LYS A 100 -2.80 5.05 -3.31
N GLN A 101 -2.45 3.92 -3.92
CA GLN A 101 -2.10 2.70 -3.15
C GLN A 101 -3.33 2.00 -2.51
N GLU A 102 -4.56 2.52 -2.68
CA GLU A 102 -5.78 1.92 -2.12
C GLU A 102 -6.71 1.48 -3.20
N ALA A 103 -7.35 0.34 -3.00
CA ALA A 103 -8.36 -0.16 -3.92
C ALA A 103 -9.48 0.88 -4.07
N VAL A 104 -9.95 1.10 -5.29
CA VAL A 104 -11.05 2.00 -5.53
C VAL A 104 -12.40 1.29 -5.42
N THR A 105 -13.34 1.91 -4.70
CA THR A 105 -14.76 1.46 -4.72
C THR A 105 -15.42 1.89 -6.04
N ASN A 106 -15.90 0.91 -6.82
CA ASN A 106 -16.69 1.17 -8.01
C ASN A 106 -18.10 0.68 -7.76
N THR A 107 -19.06 1.22 -8.52
CA THR A 107 -20.41 0.68 -8.51
C THR A 107 -20.72 0.40 -9.96
N VAL A 108 -21.00 -0.85 -10.26
CA VAL A 108 -21.35 -1.27 -11.60
C VAL A 108 -22.73 -1.91 -11.61
N ALA A 109 -23.27 -2.10 -12.81
CA ALA A 109 -24.56 -2.75 -12.96
C ALA A 109 -24.76 -3.37 -14.32
N VAL A 110 -25.63 -4.38 -14.35
CA VAL A 110 -26.09 -4.98 -15.60
C VAL A 110 -27.61 -4.94 -15.59
N VAL A 111 -28.18 -4.66 -16.75
CA VAL A 111 -29.62 -4.72 -16.97
C VAL A 111 -29.85 -5.58 -18.21
N ALA A 112 -30.67 -6.61 -18.07
CA ALA A 112 -31.13 -7.43 -19.22
C ALA A 112 -32.62 -7.21 -19.41
N ASP A 113 -33.00 -6.76 -20.62
CA ASP A 113 -34.38 -6.36 -20.94
C ASP A 113 -34.82 -7.20 -22.11
N SER A 114 -35.72 -8.15 -21.86
CA SER A 114 -36.21 -9.11 -22.88
C SER A 114 -37.06 -8.47 -23.97
N VAL A 115 -37.89 -7.50 -23.61
CA VAL A 115 -38.70 -6.80 -24.58
C VAL A 115 -37.78 -6.09 -25.59
N LYS A 116 -36.78 -5.35 -25.11
CA LYS A 116 -35.82 -4.69 -26.00
C LYS A 116 -34.74 -5.62 -26.59
N LYS A 117 -34.56 -6.80 -26.00
CA LYS A 117 -33.47 -7.71 -26.32
C LYS A 117 -32.11 -7.03 -26.16
N THR A 118 -31.97 -6.18 -25.13
CA THR A 118 -30.69 -5.48 -24.87
C THR A 118 -30.07 -5.87 -23.54
N TYR A 119 -28.75 -5.86 -23.53
CA TYR A 119 -27.96 -5.92 -22.29
C TYR A 119 -27.33 -4.55 -22.16
N SER A 120 -27.40 -3.97 -20.97
CA SER A 120 -26.78 -2.69 -20.66
C SER A 120 -25.82 -2.86 -19.48
N LEU A 121 -24.69 -2.16 -19.56
CA LEU A 121 -23.70 -2.12 -18.48
C LEU A 121 -23.41 -0.69 -18.05
N TYR A 122 -23.30 -0.52 -16.73
CA TYR A 122 -23.10 0.75 -16.08
C TYR A 122 -21.91 0.69 -15.16
N ALA A 123 -21.14 1.79 -15.13
CA ALA A 123 -19.98 1.93 -14.24
C ALA A 123 -19.87 3.36 -13.75
N ASN A 124 -20.02 3.55 -12.45
CA ASN A 124 -19.79 4.81 -11.79
C ASN A 124 -20.59 5.98 -12.36
N GLY A 125 -21.86 5.72 -12.67
CA GLY A 125 -22.80 6.73 -13.13
C GLY A 125 -22.95 6.78 -14.65
N THR A 126 -22.10 6.05 -15.35
CA THR A 126 -22.11 6.05 -16.79
C THR A 126 -22.69 4.73 -17.31
N LYS A 127 -23.57 4.82 -18.30
CA LYS A 127 -23.98 3.65 -19.08
C LYS A 127 -22.88 3.44 -20.10
N VAL A 128 -21.97 2.50 -19.84
CA VAL A 128 -20.82 2.32 -20.71
C VAL A 128 -21.14 1.61 -22.02
N VAL A 129 -22.17 0.77 -22.01
CA VAL A 129 -22.66 0.15 -23.24
C VAL A 129 -24.10 -0.32 -23.08
N GLU A 130 -24.88 -0.21 -24.16
CA GLU A 130 -26.15 -0.92 -24.30
C GLU A 130 -26.15 -1.54 -25.68
N LYS A 131 -26.37 -2.85 -25.75
CA LYS A 131 -26.30 -3.54 -27.03
C LYS A 131 -27.50 -4.49 -27.17
N LYS A 132 -28.19 -4.38 -28.30
CA LYS A 132 -29.25 -5.31 -28.71
C LYS A 132 -28.60 -6.52 -29.37
N VAL A 133 -28.99 -7.72 -28.96
CA VAL A 133 -28.43 -8.94 -29.56
C VAL A 133 -29.55 -9.87 -30.06
N ASP A 134 -29.36 -10.39 -31.26
CA ASP A 134 -30.31 -11.34 -31.88
C ASP A 134 -30.54 -12.58 -31.02
N ASN A 135 -29.44 -13.13 -30.48
CA ASN A 135 -29.51 -14.32 -29.64
C ASN A 135 -29.61 -14.02 -28.14
N PHE A 136 -30.39 -12.99 -27.79
CA PHE A 136 -30.62 -12.57 -26.42
C PHE A 136 -31.08 -13.73 -25.54
N LEU A 137 -30.51 -13.82 -24.34
CA LEU A 137 -30.94 -14.81 -23.34
C LEU A 137 -31.26 -14.05 -22.06
N ASN A 138 -32.44 -14.30 -21.51
CA ASN A 138 -32.71 -13.95 -20.10
C ASN A 138 -32.48 -15.19 -19.24
N ILE A 139 -32.64 -15.06 -17.93
CA ILE A 139 -32.36 -16.18 -17.01
C ILE A 139 -33.22 -17.40 -17.29
N LYS A 140 -34.48 -17.19 -17.68
CA LYS A 140 -35.39 -18.28 -17.98
C LYS A 140 -35.00 -18.99 -19.30
N ASP A 141 -34.33 -18.28 -20.20
CA ASP A 141 -33.91 -18.88 -21.48
C ASP A 141 -32.75 -19.90 -21.34
N ILE A 142 -32.00 -19.83 -20.27
CA ILE A 142 -30.85 -20.72 -20.06
C ILE A 142 -31.34 -21.94 -19.29
N LYS A 143 -31.08 -23.13 -19.85
CA LYS A 143 -31.72 -24.36 -19.35
C LYS A 143 -31.02 -24.90 -18.13
N GLY A 144 -31.80 -25.26 -17.12
CA GLY A 144 -31.30 -25.92 -15.91
C GLY A 144 -30.42 -25.10 -14.96
N ILE A 145 -30.62 -23.79 -14.95
CA ILE A 145 -29.94 -22.94 -13.96
C ILE A 145 -30.18 -23.57 -12.60
N ASP A 146 -29.12 -23.89 -11.85
CA ASP A 146 -29.28 -24.42 -10.49
C ASP A 146 -28.33 -23.81 -9.43
N TYR A 147 -27.51 -22.83 -9.80
CA TYR A 147 -26.50 -22.32 -8.89
C TYR A 147 -26.35 -20.83 -9.07
N TYR A 148 -26.52 -20.10 -7.98
CA TYR A 148 -26.39 -18.66 -7.96
C TYR A 148 -25.29 -18.33 -6.98
N MET A 149 -24.24 -17.63 -7.42
CA MET A 149 -23.17 -17.30 -6.51
C MET A 149 -22.58 -15.89 -6.59
N LEU A 150 -22.06 -15.44 -5.44
CA LEU A 150 -21.30 -14.22 -5.37
C LEU A 150 -19.85 -14.52 -5.65
N GLY A 151 -19.21 -13.68 -6.48
CA GLY A 151 -17.79 -13.72 -6.66
C GLY A 151 -17.25 -14.91 -7.44
N GLY A 152 -18.05 -15.44 -8.34
CA GLY A 152 -17.63 -16.62 -9.10
C GLY A 152 -18.76 -17.14 -9.95
N VAL A 153 -18.45 -18.09 -10.83
CA VAL A 153 -19.47 -18.80 -11.63
C VAL A 153 -19.21 -20.28 -11.39
N LYS A 154 -20.24 -21.02 -10.96
CA LYS A 154 -20.08 -22.46 -10.78
C LYS A 154 -20.28 -23.17 -12.13
N ARG A 155 -19.21 -23.78 -12.63
CA ARG A 155 -19.18 -24.50 -13.90
C ARG A 155 -18.68 -25.91 -13.63
N ALA A 156 -19.46 -26.92 -14.01
CA ALA A 156 -19.19 -28.33 -13.74
C ALA A 156 -18.61 -28.59 -12.34
N GLY A 157 -19.31 -28.08 -11.32
CA GLY A 157 -18.91 -28.26 -9.93
C GLY A 157 -17.70 -27.49 -9.43
N LYS A 158 -17.03 -26.67 -10.27
CA LYS A 158 -15.85 -25.86 -9.84
C LYS A 158 -16.16 -24.38 -9.96
N THR A 159 -15.57 -23.61 -9.05
CA THR A 159 -15.69 -22.16 -9.05
C THR A 159 -14.77 -21.59 -10.11
N ALA A 160 -15.35 -20.96 -11.13
CA ALA A 160 -14.60 -20.25 -12.17
C ALA A 160 -14.66 -18.74 -11.93
N PHE A 161 -13.63 -18.05 -12.42
CA PHE A 161 -13.53 -16.60 -12.44
C PHE A 161 -13.64 -16.00 -11.04
N GLY A 162 -12.89 -16.58 -10.09
CA GLY A 162 -12.97 -16.16 -8.69
C GLY A 162 -12.65 -14.69 -8.43
N PHE A 163 -13.58 -13.99 -7.78
CA PHE A 163 -13.40 -12.58 -7.41
C PHE A 163 -12.54 -12.41 -6.17
N ASN A 164 -11.59 -11.48 -6.24
CA ASN A 164 -10.77 -11.10 -5.11
C ASN A 164 -11.07 -9.66 -4.69
N GLY A 165 -11.76 -9.51 -3.57
CA GLY A 165 -12.11 -8.19 -3.06
C GLY A 165 -13.32 -8.24 -2.17
N THR A 166 -13.97 -7.08 -1.98
CA THR A 166 -15.14 -6.98 -1.13
C THR A 166 -16.33 -6.49 -1.96
N LEU A 167 -17.44 -7.22 -1.88
CA LEU A 167 -18.71 -6.76 -2.39
C LEU A 167 -19.34 -5.95 -1.25
N GLU A 168 -19.23 -4.63 -1.36
CA GLU A 168 -19.67 -3.75 -0.29
C GLU A 168 -21.20 -3.78 -0.22
N ASN A 169 -21.85 -3.77 -1.38
CA ASN A 169 -23.28 -3.94 -1.47
C ASN A 169 -23.62 -4.53 -2.83
N ILE A 170 -24.48 -5.55 -2.83
CA ILE A 170 -24.93 -6.15 -4.08
C ILE A 170 -26.44 -6.33 -3.99
N LYS A 171 -27.13 -5.86 -5.03
CA LYS A 171 -28.57 -5.96 -5.14
C LYS A 171 -28.95 -6.67 -6.43
N PHE A 172 -29.81 -7.67 -6.31
CA PHE A 172 -30.39 -8.37 -7.45
C PHE A 172 -31.86 -7.97 -7.53
N PHE A 173 -32.27 -7.54 -8.72
CA PHE A 173 -33.68 -7.27 -9.01
C PHE A 173 -34.16 -8.22 -10.11
N ASN A 174 -35.41 -8.63 -10.04
CA ASN A 174 -35.98 -9.49 -11.08
C ASN A 174 -36.75 -8.70 -12.17
N SER A 175 -36.27 -7.50 -12.48
CA SER A 175 -36.80 -6.74 -13.60
C SER A 175 -35.68 -5.88 -14.16
N ALA A 176 -35.95 -5.31 -15.32
CA ALA A 176 -35.03 -4.39 -15.96
C ALA A 176 -35.29 -2.97 -15.40
N LEU A 177 -34.38 -2.43 -14.58
CA LEU A 177 -34.58 -1.07 -14.05
C LEU A 177 -34.28 -0.04 -15.15
N ASP A 178 -34.93 1.12 -15.08
CA ASP A 178 -34.75 2.17 -16.15
C ASP A 178 -33.37 2.81 -16.04
N GLU A 179 -32.93 3.41 -17.15
CA GLU A 179 -31.58 3.93 -17.29
C GLU A 179 -31.25 4.96 -16.22
N GLU A 180 -32.16 5.92 -16.00
CA GLU A 180 -31.92 7.02 -15.05
C GLU A 180 -31.76 6.51 -13.63
N THR A 181 -32.58 5.52 -13.26
CA THR A 181 -32.45 4.90 -11.95
C THR A 181 -31.07 4.27 -11.78
N VAL A 182 -30.66 3.48 -12.76
CA VAL A 182 -29.41 2.76 -12.64
C VAL A 182 -28.21 3.72 -12.68
N LYS A 183 -28.27 4.76 -13.52
CA LYS A 183 -27.22 5.81 -13.49
C LYS A 183 -27.07 6.42 -12.11
N LYS A 184 -28.19 6.77 -11.50
CA LYS A 184 -28.16 7.30 -10.14
C LYS A 184 -27.64 6.29 -9.12
N MET A 185 -28.05 5.02 -9.24
CA MET A 185 -27.63 4.00 -8.31
C MET A 185 -26.12 3.75 -8.38
N THR A 186 -25.53 3.93 -9.56
CA THR A 186 -24.10 3.67 -9.73
C THR A 186 -23.22 4.91 -9.55
N THR A 187 -23.84 6.06 -9.27
CA THR A 187 -23.10 7.31 -9.05
C THR A 187 -22.43 7.25 -7.70
N ASN A 188 -21.16 7.65 -7.65
CA ASN A 188 -20.33 7.52 -6.44
C ASN A 188 -19.17 8.54 -6.46
N ALA A 189 -18.19 8.42 -5.57
CA ALA A 189 -17.03 9.33 -5.56
C ALA A 189 -16.24 9.35 -6.89
N VAL A 190 -16.23 8.25 -7.62
CA VAL A 190 -15.51 8.22 -8.90
C VAL A 190 -16.13 9.17 -9.94
N THR A 191 -17.45 9.18 -9.99
CA THR A 191 -18.22 10.06 -10.88
C THR A 191 -17.77 11.52 -10.77
N GLY A 192 -17.49 11.99 -9.56
CA GLY A 192 -17.05 13.36 -9.34
C GLY A 192 -15.67 13.74 -9.88
N HIS A 193 -14.89 12.77 -10.35
CA HIS A 193 -13.60 13.07 -11.02
C HIS A 193 -13.71 13.38 -12.49
N LEU A 194 -14.92 13.41 -13.05
CA LEU A 194 -15.10 13.80 -14.46
C LEU A 194 -15.42 15.28 -14.49
N ILE A 195 -14.59 16.07 -15.15
CA ILE A 195 -14.90 17.48 -15.35
C ILE A 195 -15.79 17.66 -16.58
N TYR A 196 -15.43 16.97 -17.65
CA TYR A 196 -16.19 16.91 -18.89
C TYR A 196 -16.93 15.57 -18.91
N THR A 197 -18.22 15.61 -19.20
CA THR A 197 -19.04 14.40 -19.33
C THR A 197 -19.92 14.42 -20.56
N ALA A 198 -20.31 13.21 -20.98
CA ALA A 198 -21.04 13.02 -22.22
C ALA A 198 -22.35 13.75 -22.20
N ASN A 199 -22.57 14.54 -23.24
CA ASN A 199 -23.72 15.40 -23.37
C ASN A 199 -23.93 16.39 -22.22
N ASP A 200 -22.83 16.94 -21.72
CA ASP A 200 -22.88 18.07 -20.79
C ASP A 200 -23.09 19.35 -21.61
N THR A 201 -22.72 20.50 -21.06
CA THR A 201 -22.91 21.78 -21.73
C THR A 201 -22.06 21.97 -23.01
N THR A 202 -21.20 21.02 -23.34
CA THR A 202 -20.53 21.03 -24.61
C THR A 202 -21.34 20.40 -25.72
N GLY A 203 -22.31 19.58 -25.36
CA GLY A 203 -23.07 18.79 -26.33
C GLY A 203 -22.34 17.56 -26.84
N SER A 204 -21.10 17.33 -26.40
CA SER A 204 -20.30 16.24 -26.96
C SER A 204 -20.43 14.99 -26.13
N ASN A 205 -20.47 13.85 -26.79
CA ASN A 205 -20.40 12.58 -26.10
C ASN A 205 -18.98 12.16 -25.76
N TYR A 206 -17.96 12.75 -26.43
CA TYR A 206 -16.59 12.30 -26.31
C TYR A 206 -15.63 13.45 -26.12
N PHE A 207 -14.51 13.12 -25.48
CA PHE A 207 -13.45 14.07 -25.23
C PHE A 207 -12.11 13.41 -25.38
N ARG A 208 -11.11 14.22 -25.70
CA ARG A 208 -9.70 13.82 -25.70
C ARG A 208 -8.82 15.06 -25.46
N ILE A 209 -7.52 14.84 -25.24
CA ILE A 209 -6.52 15.92 -25.22
C ILE A 209 -6.75 16.96 -24.10
N PRO A 210 -6.75 16.51 -22.86
CA PRO A 210 -6.90 17.47 -21.75
C PRO A 210 -5.66 18.34 -21.52
N VAL A 211 -5.89 19.55 -21.02
CA VAL A 211 -4.83 20.47 -20.62
C VAL A 211 -5.21 21.16 -19.31
N LEU A 212 -4.28 21.16 -18.36
CA LEU A 212 -4.42 21.87 -17.09
C LEU A 212 -3.40 23.00 -17.00
N TYR A 213 -3.83 24.12 -16.43
CA TYR A 213 -2.91 25.21 -16.15
C TYR A 213 -3.40 25.96 -14.91
N THR A 214 -2.46 26.33 -14.04
CA THR A 214 -2.79 27.10 -12.86
C THR A 214 -2.35 28.54 -13.10
N PHE A 215 -3.29 29.47 -12.99
CA PHE A 215 -2.99 30.91 -13.19
C PHE A 215 -2.41 31.52 -11.93
N SER A 216 -1.74 32.66 -12.09
CA SER A 216 -1.10 33.41 -11.01
C SER A 216 -2.04 33.79 -9.88
N ASN A 217 -3.32 33.99 -10.18
CA ASN A 217 -4.30 34.31 -9.14
C ASN A 217 -4.90 33.08 -8.40
N GLY A 218 -4.41 31.86 -8.66
CA GLY A 218 -4.92 30.67 -7.98
C GLY A 218 -6.01 29.90 -8.72
N ARG A 219 -6.55 30.44 -9.82
CA ARG A 219 -7.57 29.72 -10.57
C ARG A 219 -6.88 28.55 -11.28
N VAL A 220 -7.50 27.37 -11.21
CA VAL A 220 -7.07 26.21 -11.97
C VAL A 220 -7.99 26.07 -13.19
N PHE A 221 -7.37 26.05 -14.36
CA PHE A 221 -8.06 26.12 -15.64
C PHE A 221 -7.82 24.86 -16.48
N SER A 222 -8.87 24.38 -17.14
CA SER A 222 -8.75 23.23 -18.05
C SER A 222 -9.30 23.58 -19.42
N SER A 223 -8.64 23.00 -20.43
CA SER A 223 -9.17 22.90 -21.76
C SER A 223 -9.09 21.47 -22.28
N ILE A 224 -9.89 21.16 -23.30
CA ILE A 224 -9.95 19.81 -23.82
C ILE A 224 -10.53 19.79 -25.24
N ASP A 225 -10.21 18.78 -26.04
CA ASP A 225 -10.96 18.54 -27.30
C ASP A 225 -12.35 17.95 -26.96
N ALA A 226 -13.41 18.61 -27.41
CA ALA A 226 -14.73 18.02 -27.44
C ALA A 226 -14.90 17.42 -28.84
N ARG A 227 -14.83 16.09 -28.95
CA ARG A 227 -14.85 15.39 -30.25
C ARG A 227 -16.22 14.75 -30.45
N TYR A 228 -16.95 15.21 -31.45
CA TYR A 228 -18.39 14.93 -31.50
C TYR A 228 -18.70 13.61 -32.21
N GLY A 229 -18.03 13.32 -33.32
CA GLY A 229 -18.27 12.10 -34.11
C GLY A 229 -17.30 11.00 -33.76
N GLY A 230 -17.42 10.52 -32.54
CA GLY A 230 -16.41 9.64 -31.96
C GLY A 230 -15.15 10.39 -31.61
N THR A 231 -14.10 9.65 -31.31
CA THR A 231 -12.83 10.16 -30.80
C THR A 231 -11.81 10.27 -31.91
N HIS A 232 -12.24 10.06 -33.15
CA HIS A 232 -11.39 10.22 -34.31
C HIS A 232 -10.70 11.61 -34.34
N ASP A 233 -9.42 11.65 -34.68
CA ASP A 233 -8.67 12.90 -34.92
C ASP A 233 -9.32 13.62 -36.10
N PHE A 234 -9.54 12.85 -37.16
CA PHE A 234 -10.09 13.32 -38.41
C PHE A 234 -10.70 12.10 -39.15
N LEU A 235 -11.71 12.29 -39.99
CA LEU A 235 -12.49 13.52 -40.10
C LEU A 235 -13.47 13.51 -38.95
N ASN A 236 -13.78 14.70 -38.46
CA ASN A 236 -14.61 14.85 -37.27
C ASN A 236 -15.09 16.28 -37.20
N LYS A 237 -15.85 16.56 -36.15
CA LYS A 237 -16.00 17.92 -35.65
C LYS A 237 -15.40 17.96 -34.26
N ILE A 238 -14.49 18.89 -34.06
CA ILE A 238 -13.88 19.11 -32.73
C ILE A 238 -13.94 20.59 -32.37
N ASN A 239 -14.33 20.86 -31.11
CA ASN A 239 -14.28 22.18 -30.48
C ASN A 239 -13.33 22.06 -29.29
N ILE A 240 -12.77 23.21 -28.89
CA ILE A 240 -12.04 23.29 -27.61
C ILE A 240 -13.01 23.81 -26.55
N ALA A 241 -13.24 22.96 -25.55
CA ALA A 241 -14.10 23.26 -24.40
C ALA A 241 -13.19 23.63 -23.24
N THR A 242 -13.72 24.44 -22.33
CA THR A 242 -12.98 24.83 -21.10
C THR A 242 -13.86 24.77 -19.86
N SER A 243 -13.18 24.63 -18.72
CA SER A 243 -13.81 24.61 -17.39
C SER A 243 -12.76 25.00 -16.36
N TYR A 244 -13.17 25.64 -15.29
CA TYR A 244 -12.19 26.13 -14.31
C TYR A 244 -12.66 25.97 -12.89
N SER A 245 -11.69 26.03 -11.96
CA SER A 245 -11.94 25.87 -10.55
C SER A 245 -11.28 26.99 -9.78
N ASP A 246 -12.02 27.60 -8.88
CA ASP A 246 -11.45 28.58 -7.95
C ASP A 246 -11.30 28.06 -6.52
N ASP A 247 -11.38 26.74 -6.32
CA ASP A 247 -11.17 26.16 -4.99
C ASP A 247 -10.20 24.97 -5.04
N ASN A 248 -9.07 25.17 -5.70
CA ASN A 248 -8.00 24.18 -5.79
C ASN A 248 -8.42 22.84 -6.41
N GLY A 249 -9.36 22.90 -7.34
CA GLY A 249 -9.79 21.74 -8.11
C GLY A 249 -10.89 20.88 -7.52
N LYS A 250 -11.49 21.34 -6.42
CA LYS A 250 -12.56 20.62 -5.77
C LYS A 250 -13.85 20.73 -6.60
N THR A 251 -14.19 21.92 -7.10
CA THR A 251 -15.37 22.11 -7.95
C THR A 251 -15.05 22.91 -9.21
N TRP A 252 -15.73 22.57 -10.29
CA TRP A 252 -15.43 23.08 -11.62
C TRP A 252 -16.69 23.72 -12.22
N THR A 253 -16.49 24.75 -13.03
CA THR A 253 -17.59 25.32 -13.78
C THR A 253 -18.14 24.33 -14.82
N LYS A 254 -19.39 24.57 -15.20
CA LYS A 254 -20.02 23.85 -16.30
C LYS A 254 -19.23 24.20 -17.54
N PRO A 255 -18.80 23.18 -18.31
CA PRO A 255 -17.98 23.50 -19.46
C PRO A 255 -18.63 24.44 -20.48
N LYS A 256 -17.80 25.29 -21.07
CA LYS A 256 -18.17 26.20 -22.14
C LYS A 256 -17.42 25.83 -23.42
N LEU A 257 -18.02 26.10 -24.58
CA LEU A 257 -17.31 25.97 -25.86
C LEU A 257 -16.56 27.26 -26.09
N THR A 258 -15.24 27.17 -26.19
CA THR A 258 -14.39 28.34 -26.23
C THR A 258 -13.83 28.57 -27.63
N LEU A 259 -13.37 27.52 -28.30
CA LEU A 259 -13.06 27.59 -29.74
C LEU A 259 -13.97 26.61 -30.43
N ALA A 260 -14.88 27.14 -31.23
CA ALA A 260 -15.90 26.31 -31.86
C ALA A 260 -16.34 26.93 -33.16
N PHE A 261 -16.51 26.08 -34.17
CA PHE A 261 -17.18 26.50 -35.41
C PHE A 261 -18.62 26.06 -35.31
N ASP A 262 -19.48 26.64 -36.15
CA ASP A 262 -20.90 26.27 -36.13
C ASP A 262 -21.45 25.82 -37.48
N ASP A 263 -20.56 25.35 -38.37
CA ASP A 263 -21.01 24.70 -39.63
C ASP A 263 -21.77 23.40 -39.37
N PHE A 264 -21.42 22.72 -38.26
CA PHE A 264 -22.07 21.50 -37.79
C PHE A 264 -22.47 21.78 -36.36
N ALA A 265 -23.67 21.34 -36.00
CA ALA A 265 -24.20 21.52 -34.65
C ALA A 265 -23.42 20.62 -33.67
N PRO A 266 -23.10 21.15 -32.48
CA PRO A 266 -22.39 20.37 -31.48
C PRO A 266 -23.34 19.44 -30.71
N VAL A 267 -23.53 18.24 -31.24
CA VAL A 267 -24.61 17.37 -30.77
C VAL A 267 -24.09 16.03 -30.29
N PRO A 268 -24.83 15.38 -29.38
CA PRO A 268 -24.42 14.08 -28.86
C PRO A 268 -24.73 13.00 -29.87
N LEU A 269 -23.73 12.23 -30.24
CA LEU A 269 -23.86 11.21 -31.27
C LEU A 269 -23.44 9.87 -30.72
N GLU A 270 -24.21 8.83 -31.02
CA GLU A 270 -23.88 7.47 -30.60
C GLU A 270 -22.97 6.81 -31.64
N TRP A 271 -21.67 6.99 -31.50
CA TRP A 271 -20.77 6.49 -32.55
C TRP A 271 -20.64 4.96 -32.42
N PRO A 272 -20.70 4.22 -33.53
CA PRO A 272 -20.62 2.77 -33.40
C PRO A 272 -19.22 2.29 -33.01
N ARG A 273 -19.19 1.23 -32.21
CA ARG A 273 -17.96 0.63 -31.70
C ARG A 273 -17.65 -0.75 -32.29
N GLU A 274 -18.52 -1.30 -33.14
CA GLU A 274 -18.26 -2.58 -33.79
C GLU A 274 -17.06 -2.47 -34.74
N VAL A 275 -16.42 -3.61 -34.99
CA VAL A 275 -15.42 -3.71 -36.05
C VAL A 275 -16.02 -3.20 -37.37
N GLY A 276 -15.25 -2.41 -38.10
CA GLY A 276 -15.72 -1.84 -39.36
C GLY A 276 -16.48 -0.54 -39.09
N GLY A 277 -17.67 -0.65 -38.48
CA GLY A 277 -18.48 0.52 -38.08
C GLY A 277 -17.72 1.63 -37.36
N ARG A 278 -16.79 1.25 -36.49
CA ARG A 278 -15.99 2.21 -35.72
C ARG A 278 -15.05 3.05 -36.55
N ASP A 279 -14.75 2.61 -37.77
CA ASP A 279 -13.99 3.44 -38.72
C ASP A 279 -14.81 4.56 -39.36
N LEU A 280 -16.13 4.51 -39.25
CA LEU A 280 -17.00 5.57 -39.75
C LEU A 280 -16.57 6.92 -39.22
N GLN A 281 -16.61 7.91 -40.11
CA GLN A 281 -16.38 9.28 -39.76
C GLN A 281 -17.46 10.08 -40.43
N ILE A 282 -17.72 11.25 -39.90
CA ILE A 282 -18.51 12.26 -40.63
C ILE A 282 -17.73 12.80 -41.84
N SER A 283 -18.40 13.60 -42.65
CA SER A 283 -17.77 14.20 -43.80
C SER A 283 -16.80 15.31 -43.38
N GLY A 284 -16.91 15.78 -42.13
CA GLY A 284 -15.94 16.72 -41.56
C GLY A 284 -16.52 18.12 -41.37
N GLY A 285 -16.55 18.62 -40.13
CA GLY A 285 -16.81 20.05 -39.90
C GLY A 285 -15.49 20.77 -39.64
N ALA A 286 -15.49 22.07 -39.82
CA ALA A 286 -14.33 22.88 -39.46
C ALA A 286 -13.97 22.62 -38.00
N THR A 287 -12.68 22.50 -37.75
CA THR A 287 -12.18 21.86 -36.54
C THR A 287 -11.13 22.72 -35.86
N TYR A 288 -11.25 22.80 -34.54
CA TYR A 288 -10.14 23.16 -33.66
C TYR A 288 -9.68 21.93 -32.89
N ILE A 289 -8.37 21.78 -32.74
CA ILE A 289 -7.82 20.56 -32.15
C ILE A 289 -6.48 20.85 -31.53
N ASP A 290 -6.21 20.18 -30.41
CA ASP A 290 -4.88 20.17 -29.74
C ASP A 290 -4.53 21.55 -29.12
N SER A 291 -5.05 21.82 -27.93
CA SER A 291 -4.91 23.13 -27.30
C SER A 291 -3.62 23.29 -26.49
N VAL A 292 -3.16 24.52 -26.39
CA VAL A 292 -1.97 24.90 -25.63
C VAL A 292 -2.26 26.20 -24.87
N ILE A 293 -1.93 26.24 -23.58
CA ILE A 293 -2.19 27.40 -22.74
C ILE A 293 -0.90 27.98 -22.16
N VAL A 294 -0.84 29.31 -22.06
CA VAL A 294 0.17 29.98 -21.27
C VAL A 294 -0.35 31.31 -20.72
N GLU A 295 0.07 31.66 -19.50
CA GLU A 295 -0.19 32.96 -18.92
C GLU A 295 1.04 33.85 -19.10
N LYS A 296 0.80 35.04 -19.65
CA LYS A 296 1.86 36.03 -19.87
C LYS A 296 2.27 36.72 -18.55
N LYS A 297 3.40 37.41 -18.57
CA LYS A 297 3.90 38.16 -17.39
C LYS A 297 2.85 39.13 -16.88
N ASN A 298 2.17 39.81 -17.80
CA ASN A 298 1.10 40.74 -17.45
C ASN A 298 -0.27 40.12 -17.08
N LYS A 299 -0.32 38.80 -16.89
CA LYS A 299 -1.54 38.06 -16.48
C LYS A 299 -2.58 37.82 -17.58
N GLN A 300 -2.33 38.29 -18.78
CA GLN A 300 -3.14 37.90 -19.94
C GLN A 300 -2.92 36.41 -20.22
N VAL A 301 -3.98 35.68 -20.54
CA VAL A 301 -3.88 34.25 -20.85
C VAL A 301 -4.05 34.09 -22.36
N LEU A 302 -3.14 33.32 -22.95
CA LEU A 302 -3.23 32.86 -24.33
C LEU A 302 -3.64 31.39 -24.41
N MET A 303 -4.53 31.09 -25.37
CA MET A 303 -4.80 29.75 -25.77
C MET A 303 -4.60 29.61 -27.28
N PHE A 304 -3.82 28.61 -27.68
CA PHE A 304 -3.56 28.27 -29.07
C PHE A 304 -4.27 26.96 -29.37
N ALA A 305 -4.65 26.79 -30.64
CA ALA A 305 -5.11 25.50 -31.12
C ALA A 305 -4.85 25.40 -32.61
N ASP A 306 -4.78 24.16 -33.10
CA ASP A 306 -4.71 23.92 -34.55
C ASP A 306 -6.10 24.22 -35.11
N VAL A 307 -6.13 24.73 -36.34
CA VAL A 307 -7.38 24.97 -37.09
C VAL A 307 -7.34 24.17 -38.38
N MET A 308 -8.39 23.39 -38.64
N MET A 308 -8.39 23.38 -38.64
CA MET A 308 -8.49 22.65 -39.91
CA MET A 308 -8.50 22.65 -39.91
C MET A 308 -9.82 22.95 -40.59
C MET A 308 -9.82 22.96 -40.59
N PRO A 309 -9.77 23.38 -41.86
CA PRO A 309 -11.02 23.60 -42.61
C PRO A 309 -11.86 22.31 -42.70
N ALA A 310 -13.16 22.50 -42.83
CA ALA A 310 -14.11 21.38 -42.85
C ALA A 310 -13.76 20.42 -43.97
N GLY A 311 -13.66 19.15 -43.62
CA GLY A 311 -13.49 18.08 -44.59
C GLY A 311 -12.03 17.76 -44.91
N VAL A 312 -11.09 18.50 -44.30
CA VAL A 312 -9.69 18.42 -44.69
C VAL A 312 -9.03 17.51 -43.68
N SER A 313 -8.32 16.51 -44.20
CA SER A 313 -7.73 15.50 -43.32
C SER A 313 -6.31 15.89 -43.17
N PHE A 314 -5.74 15.53 -42.03
CA PHE A 314 -4.43 15.99 -41.63
C PHE A 314 -3.44 15.13 -42.41
N ARG A 315 -3.84 13.92 -42.81
CA ARG A 315 -2.98 13.04 -43.58
C ARG A 315 -2.82 13.51 -45.03
N GLU A 316 -3.91 13.91 -45.66
CA GLU A 316 -3.91 14.25 -47.09
C GLU A 316 -3.44 15.67 -47.37
N ALA A 317 -3.89 16.62 -46.54
CA ALA A 317 -3.67 18.06 -46.72
C ALA A 317 -2.29 18.51 -47.09
N THR A 318 -2.28 19.66 -47.76
CA THR A 318 -1.10 20.07 -48.47
C THR A 318 -0.02 20.63 -47.53
N ARG A 319 1.20 20.13 -47.73
CA ARG A 319 2.39 20.56 -47.03
C ARG A 319 3.13 21.69 -47.72
N LYS A 320 2.74 22.04 -48.95
CA LYS A 320 3.48 22.97 -49.80
C LYS A 320 2.82 24.36 -49.92
N ASP A 321 1.82 24.65 -49.09
CA ASP A 321 1.14 25.95 -49.19
C ASP A 321 0.69 26.38 -47.80
N SER A 322 1.12 27.59 -47.41
CA SER A 322 0.83 28.17 -46.11
C SER A 322 -0.57 28.72 -46.01
N GLY A 323 -1.20 28.99 -47.16
CA GLY A 323 -2.48 29.67 -47.18
C GLY A 323 -2.34 31.18 -47.18
N TYR A 324 -1.12 31.68 -47.34
CA TYR A 324 -0.85 33.12 -47.37
C TYR A 324 -0.17 33.53 -48.66
N LYS A 325 -0.36 34.79 -49.04
CA LYS A 325 0.44 35.47 -50.05
C LYS A 325 1.22 36.61 -49.37
N GLN A 326 2.31 37.01 -50.01
CA GLN A 326 3.06 38.20 -49.63
C GLN A 326 2.84 39.27 -50.69
N ILE A 327 2.33 40.43 -50.29
CA ILE A 327 2.06 41.54 -51.19
C ILE A 327 2.56 42.81 -50.52
N ASP A 328 3.42 43.56 -51.19
CA ASP A 328 4.06 44.75 -50.60
C ASP A 328 4.63 44.43 -49.22
N GLY A 329 5.33 43.31 -49.11
CA GLY A 329 5.95 42.91 -47.85
C GLY A 329 5.02 42.57 -46.69
N ASN A 330 3.72 42.42 -46.94
CA ASN A 330 2.78 42.00 -45.91
C ASN A 330 2.24 40.61 -46.21
N TYR A 331 1.94 39.86 -45.15
CA TYR A 331 1.38 38.52 -45.26
C TYR A 331 -0.13 38.57 -45.15
N TYR A 332 -0.82 38.20 -46.24
CA TYR A 332 -2.29 38.18 -46.26
C TYR A 332 -2.82 36.78 -46.49
N LEU A 333 -3.86 36.42 -45.75
CA LEU A 333 -4.47 35.11 -45.90
C LEU A 333 -5.16 35.13 -47.26
N LYS A 334 -4.90 34.12 -48.06
CA LYS A 334 -5.47 34.08 -49.42
C LYS A 334 -6.76 33.26 -49.53
N LEU A 335 -7.57 33.57 -50.55
CA LEU A 335 -8.87 32.96 -50.74
C LEU A 335 -9.14 32.57 -52.16
N ARG A 336 -9.86 31.46 -52.35
CA ARG A 336 -10.28 31.04 -53.69
C ARG A 336 -11.77 31.17 -53.74
N LYS A 337 -12.25 31.92 -54.73
CA LYS A 337 -13.68 32.04 -54.97
C LYS A 337 -14.18 30.80 -55.68
N GLN A 338 -15.34 30.30 -55.24
CA GLN A 338 -15.96 29.09 -55.82
C GLN A 338 -16.10 29.27 -57.32
N GLY A 339 -15.71 28.24 -58.06
CA GLY A 339 -15.63 28.33 -59.53
C GLY A 339 -14.26 28.70 -60.08
N ASP A 340 -13.41 29.38 -59.30
CA ASP A 340 -12.03 29.67 -59.74
C ASP A 340 -11.15 28.48 -59.47
N THR A 341 -10.04 28.41 -60.21
CA THR A 341 -8.99 27.42 -59.98
C THR A 341 -7.86 28.04 -59.16
N ASP A 342 -7.55 29.31 -59.44
CA ASP A 342 -6.51 30.02 -58.71
C ASP A 342 -7.07 30.68 -57.48
N TYR A 343 -6.16 31.02 -56.56
CA TYR A 343 -6.47 31.84 -55.39
C TYR A 343 -6.25 33.28 -55.83
N ASN A 344 -7.33 33.95 -56.20
CA ASN A 344 -7.22 35.33 -56.72
C ASN A 344 -7.51 36.45 -55.72
N TYR A 345 -7.69 36.11 -54.45
CA TYR A 345 -8.14 37.07 -53.46
C TYR A 345 -7.30 37.00 -52.20
N THR A 346 -7.25 38.13 -51.49
CA THR A 346 -6.60 38.21 -50.18
C THR A 346 -7.45 39.02 -49.21
N ILE A 347 -7.35 38.67 -47.94
CA ILE A 347 -7.99 39.40 -46.86
C ILE A 347 -6.95 40.41 -46.43
N ARG A 348 -7.25 41.70 -46.62
CA ARG A 348 -6.30 42.76 -46.28
C ARG A 348 -6.79 43.61 -45.11
N GLU A 349 -6.41 44.88 -45.05
CA GLU A 349 -6.74 45.75 -43.94
C GLU A 349 -8.25 45.83 -43.67
N ASN A 350 -8.63 45.78 -42.38
CA ASN A 350 -10.05 45.77 -41.92
C ASN A 350 -10.87 44.60 -42.45
N GLY A 351 -10.20 43.51 -42.79
CA GLY A 351 -10.86 42.34 -43.35
C GLY A 351 -11.39 42.47 -44.77
N THR A 352 -11.04 43.55 -45.46
CA THR A 352 -11.51 43.77 -46.83
C THR A 352 -10.91 42.70 -47.74
N VAL A 353 -11.75 42.06 -48.55
CA VAL A 353 -11.29 41.07 -49.54
C VAL A 353 -10.93 41.80 -50.82
N TYR A 354 -9.66 41.68 -51.21
CA TYR A 354 -9.12 42.27 -52.43
C TYR A 354 -9.03 41.26 -53.54
N ASP A 355 -9.25 41.72 -54.77
CA ASP A 355 -8.94 40.94 -55.95
C ASP A 355 -7.49 41.27 -56.28
N ASP A 356 -6.63 40.25 -56.20
CA ASP A 356 -5.19 40.45 -56.39
C ASP A 356 -4.83 40.69 -57.86
N ARG A 357 -5.71 40.28 -58.78
CA ARG A 357 -5.49 40.54 -60.21
C ARG A 357 -5.60 42.03 -60.52
N THR A 358 -6.56 42.71 -59.89
CA THR A 358 -6.79 44.14 -60.08
C THR A 358 -6.27 45.01 -58.94
N ASN A 359 -5.93 44.38 -57.82
CA ASN A 359 -5.43 45.08 -56.64
C ASN A 359 -6.42 46.13 -56.12
N ARG A 360 -7.71 45.77 -56.11
CA ARG A 360 -8.79 46.66 -55.70
C ARG A 360 -9.69 45.93 -54.71
N PRO A 361 -10.30 46.68 -53.76
CA PRO A 361 -11.21 46.01 -52.83
C PRO A 361 -12.46 45.51 -53.56
N THR A 362 -13.02 44.39 -53.09
CA THR A 362 -14.26 43.84 -53.63
C THR A 362 -15.40 44.31 -52.75
N GLU A 363 -16.61 43.82 -53.06
CA GLU A 363 -17.77 43.96 -52.17
C GLU A 363 -17.68 43.12 -50.88
N PHE A 364 -16.73 42.21 -50.79
CA PHE A 364 -16.69 41.23 -49.71
C PHE A 364 -15.70 41.62 -48.60
N SER A 365 -16.05 41.24 -47.37
CA SER A 365 -15.14 41.36 -46.24
C SER A 365 -15.26 40.13 -45.32
N VAL A 366 -14.25 39.96 -44.48
CA VAL A 366 -14.20 38.85 -43.53
C VAL A 366 -13.96 39.45 -42.14
N ASP A 367 -14.86 39.17 -41.19
CA ASP A 367 -14.73 39.70 -39.84
C ASP A 367 -13.66 38.92 -39.05
N LYS A 368 -13.45 39.30 -37.79
CA LYS A 368 -12.38 38.71 -36.98
C LYS A 368 -12.62 37.26 -36.53
N ASN A 369 -13.86 36.78 -36.67
CA ASN A 369 -14.25 35.38 -36.43
C ASN A 369 -14.49 34.61 -37.72
N PHE A 370 -13.87 35.08 -38.81
CA PHE A 370 -13.78 34.38 -40.10
C PHE A 370 -15.07 34.38 -40.93
N GLY A 371 -16.04 35.22 -40.54
CA GLY A 371 -17.33 35.28 -41.18
C GLY A 371 -17.32 36.23 -42.36
N ILE A 372 -18.04 35.88 -43.41
CA ILE A 372 -18.02 36.63 -44.67
C ILE A 372 -19.21 37.56 -44.80
N LYS A 373 -18.93 38.83 -45.13
CA LYS A 373 -19.96 39.81 -45.43
C LYS A 373 -19.88 40.26 -46.88
N GLN A 374 -21.01 40.63 -47.44
CA GLN A 374 -21.06 41.25 -48.77
C GLN A 374 -21.81 42.57 -48.61
N ASN A 375 -21.17 43.66 -49.02
CA ASN A 375 -21.70 45.02 -48.81
C ASN A 375 -22.12 45.28 -47.37
N GLY A 376 -21.31 44.80 -46.42
CA GLY A 376 -21.58 45.01 -45.01
C GLY A 376 -22.60 44.08 -44.37
N ASN A 377 -23.20 43.17 -45.15
CA ASN A 377 -24.20 42.23 -44.63
C ASN A 377 -23.65 40.80 -44.66
N TYR A 378 -23.91 40.06 -43.59
CA TYR A 378 -23.46 38.67 -43.49
C TYR A 378 -24.08 37.77 -44.53
N LEU A 379 -23.25 36.98 -45.20
CA LEU A 379 -23.74 35.87 -45.99
C LEU A 379 -23.93 34.71 -45.03
N THR A 380 -24.90 33.86 -45.31
CA THR A 380 -25.21 32.74 -44.42
C THR A 380 -25.14 31.44 -45.20
N VAL A 381 -24.95 30.35 -44.46
CA VAL A 381 -25.13 29.01 -44.98
C VAL A 381 -25.92 28.24 -43.95
N GLU A 382 -26.39 27.08 -44.34
CA GLU A 382 -27.20 26.28 -43.49
C GLU A 382 -26.32 25.27 -42.77
N GLN A 383 -26.55 25.16 -41.47
CA GLN A 383 -25.81 24.27 -40.60
C GLN A 383 -26.18 22.80 -40.89
N TYR A 384 -25.22 21.90 -40.66
CA TYR A 384 -25.45 20.44 -40.75
C TYR A 384 -25.70 19.86 -39.40
N SER A 385 -26.59 18.88 -39.34
CA SER A 385 -26.66 17.95 -38.23
C SER A 385 -26.31 16.58 -38.70
N VAL A 386 -25.83 15.76 -37.76
CA VAL A 386 -25.53 14.36 -38.01
C VAL A 386 -26.50 13.59 -37.16
N SER A 387 -26.92 12.42 -37.65
CA SER A 387 -27.84 11.56 -36.92
C SER A 387 -27.66 10.07 -37.35
N PHE A 388 -28.29 9.16 -36.59
CA PHE A 388 -28.35 7.73 -36.93
C PHE A 388 -29.78 7.20 -37.19
N GLU A 389 -30.20 7.38 -38.45
CA GLU A 389 -31.43 6.80 -39.00
C GLU A 389 -31.05 5.84 -40.15
N ASN A 390 -31.03 4.51 -39.99
CA ASN A 390 -31.17 3.73 -38.73
C ASN A 390 -30.77 2.24 -39.00
N ASN A 391 -29.62 1.73 -38.56
CA ASN A 391 -28.50 2.47 -37.98
C ASN A 391 -27.42 2.79 -39.00
N LYS A 392 -27.84 3.74 -39.82
CA LYS A 392 -27.06 4.36 -40.86
C LYS A 392 -26.78 5.81 -40.44
N LYS A 393 -25.59 6.31 -40.76
CA LYS A 393 -25.26 7.72 -40.50
C LYS A 393 -25.91 8.60 -41.57
N THR A 394 -26.53 9.71 -41.15
CA THR A 394 -27.08 10.69 -42.08
C THR A 394 -26.56 12.06 -41.70
N GLU A 395 -26.18 12.84 -42.69
CA GLU A 395 -25.82 14.25 -42.48
C GLU A 395 -26.81 15.05 -43.26
N TYR A 396 -27.29 16.14 -42.69
CA TYR A 396 -28.30 16.94 -43.39
C TYR A 396 -28.36 18.37 -42.91
N ARG A 397 -28.76 19.24 -43.83
CA ARG A 397 -29.03 20.64 -43.49
C ARG A 397 -30.20 20.68 -42.53
N ASN A 398 -30.02 21.36 -41.39
CA ASN A 398 -30.91 21.20 -40.24
C ASN A 398 -31.84 22.38 -39.96
N GLY A 399 -31.89 23.35 -40.88
CA GLY A 399 -32.77 24.52 -40.73
C GLY A 399 -32.16 25.73 -40.02
N THR A 400 -31.02 25.56 -39.34
CA THR A 400 -30.33 26.69 -38.71
C THR A 400 -29.47 27.45 -39.73
N LYS A 401 -29.59 28.78 -39.78
CA LYS A 401 -28.74 29.62 -40.62
C LYS A 401 -27.61 30.15 -39.75
N VAL A 402 -26.37 29.97 -40.20
CA VAL A 402 -25.20 30.50 -39.50
C VAL A 402 -24.44 31.35 -40.49
N HIS A 403 -23.51 32.16 -39.99
CA HIS A 403 -22.67 32.96 -40.86
C HIS A 403 -21.82 32.07 -41.75
N MET A 404 -21.72 32.46 -43.01
CA MET A 404 -20.78 31.85 -43.92
C MET A 404 -19.39 32.16 -43.38
N ASN A 405 -18.51 31.17 -43.44
CA ASN A 405 -17.19 31.21 -42.82
C ASN A 405 -16.17 30.62 -43.81
N ILE A 406 -15.03 31.28 -43.93
CA ILE A 406 -13.97 30.87 -44.88
C ILE A 406 -13.42 29.46 -44.67
N PHE A 407 -13.62 28.92 -43.46
CA PHE A 407 -13.26 27.54 -43.13
C PHE A 407 -14.32 26.49 -43.47
N TYR A 408 -15.48 26.90 -43.99
CA TYR A 408 -16.57 25.96 -44.23
C TYR A 408 -16.56 25.44 -45.67
N LYS A 409 -17.10 24.24 -45.86
CA LYS A 409 -17.22 23.65 -47.20
C LYS A 409 -18.21 24.35 -48.08
N ASP A 410 -19.19 25.05 -47.49
CA ASP A 410 -20.18 25.79 -48.26
C ASP A 410 -19.86 27.26 -48.47
N ALA A 411 -18.62 27.66 -48.26
CA ALA A 411 -18.25 29.06 -48.37
C ALA A 411 -18.01 29.49 -49.82
N LEU A 412 -18.44 30.71 -50.12
CA LEU A 412 -18.17 31.33 -51.41
C LEU A 412 -16.68 31.62 -51.63
N PHE A 413 -15.99 31.96 -50.54
CA PHE A 413 -14.54 32.13 -50.53
C PHE A 413 -13.96 31.19 -49.50
N LYS A 414 -12.90 30.49 -49.92
CA LYS A 414 -12.33 29.42 -49.09
C LYS A 414 -10.82 29.57 -48.96
N VAL A 415 -10.34 29.29 -47.77
CA VAL A 415 -8.92 29.15 -47.51
C VAL A 415 -8.33 27.90 -48.15
N VAL A 416 -7.02 27.88 -48.23
CA VAL A 416 -6.27 26.71 -48.66
C VAL A 416 -6.62 25.55 -47.72
N PRO A 417 -6.83 24.34 -48.28
CA PRO A 417 -7.13 23.17 -47.45
C PRO A 417 -5.85 22.63 -46.77
N THR A 418 -5.44 23.33 -45.73
CA THR A 418 -4.25 22.94 -44.95
C THR A 418 -4.56 23.29 -43.50
N ASN A 419 -3.61 23.00 -42.62
CA ASN A 419 -3.76 23.30 -41.21
C ASN A 419 -3.19 24.67 -40.86
N TYR A 420 -3.76 25.30 -39.84
CA TYR A 420 -3.32 26.60 -39.37
C TYR A 420 -3.21 26.52 -37.86
N ILE A 421 -2.68 27.58 -37.26
CA ILE A 421 -2.72 27.76 -35.81
C ILE A 421 -3.40 29.08 -35.51
N ALA A 422 -4.31 29.04 -34.55
CA ALA A 422 -4.97 30.23 -34.07
C ALA A 422 -4.70 30.40 -32.60
N TYR A 423 -4.70 31.65 -32.15
CA TYR A 423 -4.71 31.94 -30.72
C TYR A 423 -5.71 32.98 -30.36
N ILE A 424 -6.17 32.88 -29.11
CA ILE A 424 -7.07 33.86 -28.50
C ILE A 424 -6.50 34.27 -27.16
N SER A 425 -6.93 35.43 -26.68
CA SER A 425 -6.43 35.98 -25.43
C SER A 425 -7.56 36.34 -24.50
N SER A 426 -7.29 36.22 -23.20
CA SER A 426 -8.24 36.58 -22.13
C SER A 426 -7.59 37.48 -21.10
N ASN A 427 -8.31 38.54 -20.70
CA ASN A 427 -7.85 39.45 -19.67
C ASN A 427 -8.58 39.27 -18.35
N ASP A 428 -9.40 38.24 -18.23
CA ASP A 428 -10.10 37.96 -16.98
C ASP A 428 -9.92 36.50 -16.61
N HIS A 429 -8.76 35.94 -16.95
CA HIS A 429 -8.44 34.59 -16.56
C HIS A 429 -9.44 33.54 -17.00
N GLY A 430 -9.84 33.61 -18.26
CA GLY A 430 -10.62 32.53 -18.87
C GLY A 430 -12.11 32.68 -18.88
N GLU A 431 -12.61 33.80 -18.37
CA GLU A 431 -14.06 34.02 -18.35
C GLU A 431 -14.60 34.49 -19.68
N SER A 432 -13.82 35.32 -20.39
CA SER A 432 -14.13 35.78 -21.73
C SER A 432 -12.83 35.85 -22.53
N TRP A 433 -12.96 35.80 -23.86
CA TRP A 433 -11.86 35.67 -24.79
C TRP A 433 -12.00 36.60 -25.99
N SER A 434 -10.86 37.01 -26.55
CA SER A 434 -10.82 37.81 -27.77
C SER A 434 -11.27 36.97 -28.96
N ALA A 435 -11.43 37.65 -30.10
CA ALA A 435 -11.50 36.98 -31.39
C ALA A 435 -10.15 36.27 -31.68
N PRO A 436 -10.18 35.20 -32.47
CA PRO A 436 -8.94 34.50 -32.84
C PRO A 436 -8.02 35.27 -33.77
N THR A 437 -6.75 34.92 -33.70
CA THR A 437 -5.71 35.42 -34.61
C THR A 437 -5.01 34.20 -35.18
N LEU A 438 -4.97 34.09 -36.50
CA LEU A 438 -4.20 33.04 -37.16
C LEU A 438 -2.76 33.45 -37.12
N LEU A 439 -1.88 32.52 -36.76
CA LEU A 439 -0.46 32.77 -36.86
C LEU A 439 -0.10 33.12 -38.30
N PRO A 440 0.79 34.12 -38.49
CA PRO A 440 1.35 34.34 -39.83
C PRO A 440 2.15 33.13 -40.30
N PRO A 441 2.58 33.11 -41.58
CA PRO A 441 3.25 31.93 -42.11
C PRO A 441 4.72 31.83 -41.69
N ILE A 442 4.95 31.59 -40.40
CA ILE A 442 6.31 31.55 -39.84
C ILE A 442 7.18 30.41 -40.38
N MET A 443 6.59 29.35 -40.90
CA MET A 443 7.36 28.29 -41.57
C MET A 443 7.78 28.63 -42.99
N GLY A 444 7.32 29.76 -43.51
CA GLY A 444 7.55 30.17 -44.89
C GLY A 444 6.23 30.08 -45.66
N LEU A 445 6.20 30.77 -46.78
CA LEU A 445 5.02 30.81 -47.67
C LEU A 445 4.63 29.47 -48.27
N ASN A 446 5.62 28.61 -48.49
CA ASN A 446 5.44 27.36 -49.20
C ASN A 446 5.49 26.15 -48.28
N ARG A 447 5.13 26.35 -47.01
CA ARG A 447 4.98 25.25 -46.05
C ARG A 447 3.76 25.48 -45.20
N ASN A 448 3.10 24.37 -44.84
CA ASN A 448 2.00 24.43 -43.91
C ASN A 448 2.47 24.84 -42.52
N ALA A 449 1.52 25.29 -41.70
CA ALA A 449 1.82 25.62 -40.32
C ALA A 449 2.26 24.38 -39.57
N PRO A 450 2.93 24.58 -38.42
CA PRO A 450 3.19 23.42 -37.57
C PRO A 450 1.96 22.95 -36.83
N TYR A 451 2.11 21.79 -36.20
CA TYR A 451 1.10 21.19 -35.33
C TYR A 451 1.54 21.45 -33.89
N LEU A 452 0.62 21.90 -33.05
CA LEU A 452 0.95 22.20 -31.66
C LEU A 452 1.14 20.91 -30.82
N GLY A 453 2.06 20.98 -29.85
CA GLY A 453 2.26 19.97 -28.84
C GLY A 453 1.32 20.29 -27.68
N PRO A 454 0.24 19.52 -27.54
CA PRO A 454 -0.73 19.87 -26.53
C PRO A 454 -0.17 19.89 -25.11
N GLY A 455 -0.60 20.89 -24.36
CA GLY A 455 -0.12 21.10 -23.00
C GLY A 455 -0.01 22.59 -22.77
N ARG A 456 1.07 23.01 -22.16
CA ARG A 456 1.31 24.40 -21.89
C ARG A 456 2.48 24.92 -22.66
N GLY A 457 2.55 26.25 -22.71
CA GLY A 457 3.78 26.95 -23.09
C GLY A 457 4.44 27.47 -21.83
N ILE A 458 5.62 28.07 -21.97
CA ILE A 458 6.31 28.68 -20.83
C ILE A 458 6.85 30.08 -21.12
N ILE A 459 7.12 30.83 -20.04
CA ILE A 459 7.87 32.09 -20.09
C ILE A 459 9.27 31.78 -19.49
N GLU A 460 10.32 31.90 -20.27
CA GLU A 460 11.65 31.66 -19.77
C GLU A 460 12.05 32.86 -18.92
N SER A 461 12.62 32.58 -17.75
CA SER A 461 12.73 33.59 -16.70
C SER A 461 13.74 34.72 -16.98
N SER A 462 14.91 34.40 -17.52
CA SER A 462 15.97 35.38 -17.74
C SER A 462 15.65 36.40 -18.83
N THR A 463 15.03 35.97 -19.93
CA THR A 463 14.73 36.86 -21.06
C THR A 463 13.26 37.29 -21.15
N GLY A 464 12.37 36.55 -20.49
CA GLY A 464 10.92 36.78 -20.66
C GLY A 464 10.36 36.30 -22.00
N ARG A 465 11.15 35.52 -22.74
CA ARG A 465 10.71 34.93 -24.00
C ARG A 465 9.58 33.93 -23.75
N ILE A 466 8.54 34.03 -24.57
CA ILE A 466 7.41 33.10 -24.57
C ILE A 466 7.69 31.99 -25.56
N LEU A 467 7.54 30.74 -25.14
CA LEU A 467 7.83 29.57 -25.97
C LEU A 467 6.62 28.64 -26.07
N ILE A 468 6.27 28.29 -27.30
CA ILE A 468 5.10 27.44 -27.60
C ILE A 468 5.61 26.25 -28.39
N PRO A 469 5.41 25.03 -27.85
CA PRO A 469 5.93 23.83 -28.50
C PRO A 469 5.06 23.40 -29.68
N SER A 470 5.73 23.01 -30.77
CA SER A 470 5.06 22.50 -31.93
C SER A 470 6.02 21.60 -32.75
N TYR A 471 5.50 21.02 -33.82
CA TYR A 471 6.25 20.04 -34.62
C TYR A 471 5.66 19.96 -36.03
N THR A 472 6.45 19.45 -36.95
CA THR A 472 6.10 19.37 -38.35
C THR A 472 5.96 17.96 -38.86
N GLY A 473 6.45 16.97 -38.11
CA GLY A 473 6.47 15.58 -38.58
C GLY A 473 7.89 15.12 -38.88
N LYS A 474 8.78 16.04 -39.25
CA LYS A 474 10.23 15.76 -39.39
C LYS A 474 11.10 16.69 -38.51
N GLU A 475 10.53 17.79 -37.99
CA GLU A 475 11.30 18.76 -37.20
C GLU A 475 10.54 19.14 -35.94
N SER A 476 11.28 19.68 -34.97
CA SER A 476 10.68 20.41 -33.87
C SER A 476 10.51 21.83 -34.36
N ALA A 477 9.41 22.46 -33.96
CA ALA A 477 9.22 23.90 -34.24
C ALA A 477 8.91 24.59 -32.92
N PHE A 478 9.89 25.31 -32.40
CA PHE A 478 9.71 26.07 -31.19
C PHE A 478 9.31 27.47 -31.55
N ILE A 479 8.05 27.76 -31.30
CA ILE A 479 7.45 29.04 -31.62
C ILE A 479 7.68 29.96 -30.45
N TYR A 480 8.09 31.18 -30.72
CA TYR A 480 8.41 32.07 -29.64
C TYR A 480 8.14 33.52 -29.94
N SER A 481 7.99 34.30 -28.88
CA SER A 481 7.89 35.75 -28.99
C SER A 481 8.85 36.41 -28.02
N ASP A 482 9.57 37.41 -28.50
CA ASP A 482 10.44 38.25 -27.68
C ASP A 482 9.87 39.62 -27.40
N ASP A 483 8.57 39.81 -27.65
CA ASP A 483 7.96 41.12 -27.40
C ASP A 483 6.61 40.95 -26.69
N ASN A 484 6.59 40.03 -25.72
CA ASN A 484 5.39 39.76 -24.92
C ASN A 484 4.16 39.34 -25.77
N GLY A 485 4.44 38.58 -26.83
CA GLY A 485 3.39 38.01 -27.68
C GLY A 485 2.77 38.92 -28.70
N ALA A 486 3.44 40.04 -29.01
CA ALA A 486 2.96 40.93 -30.07
C ALA A 486 3.27 40.31 -31.45
N SER A 487 4.42 39.67 -31.59
CA SER A 487 4.79 39.01 -32.82
C SER A 487 5.49 37.69 -32.53
N TRP A 488 5.49 36.79 -33.50
CA TRP A 488 5.93 35.39 -33.30
C TRP A 488 6.99 34.97 -34.31
N LYS A 489 7.99 34.25 -33.81
CA LYS A 489 9.00 33.63 -34.65
C LYS A 489 9.08 32.14 -34.31
N VAL A 490 9.99 31.44 -34.99
CA VAL A 490 10.13 30.03 -34.81
C VAL A 490 11.59 29.62 -34.96
N LYS A 491 12.02 28.65 -34.14
CA LYS A 491 13.24 27.90 -34.36
C LYS A 491 12.87 26.49 -34.81
N VAL A 492 13.37 26.11 -35.98
CA VAL A 492 13.09 24.82 -36.60
C VAL A 492 14.32 23.95 -36.45
N VAL A 493 14.13 22.80 -35.82
CA VAL A 493 15.25 21.92 -35.46
C VAL A 493 15.01 20.55 -36.10
N PRO A 494 15.83 20.20 -37.11
CA PRO A 494 15.68 18.88 -37.74
C PRO A 494 15.87 17.73 -36.74
N LEU A 495 15.09 16.65 -36.90
CA LEU A 495 15.08 15.54 -35.96
C LEU A 495 15.66 14.28 -36.63
N PRO A 496 16.18 13.31 -35.84
CA PRO A 496 16.76 12.08 -36.39
C PRO A 496 15.80 11.27 -37.26
N SER A 497 14.49 11.40 -37.05
CA SER A 497 13.51 10.67 -37.84
C SER A 497 12.20 11.44 -37.83
N SER A 498 11.18 10.87 -38.45
CA SER A 498 9.89 11.52 -38.56
C SER A 498 9.06 11.32 -37.28
N TRP A 499 9.48 11.99 -36.20
CA TRP A 499 8.81 11.94 -34.91
C TRP A 499 7.56 12.81 -34.93
N SER A 500 6.48 12.35 -34.30
CA SER A 500 5.36 13.22 -33.95
C SER A 500 5.76 13.92 -32.68
N ALA A 501 6.58 14.96 -32.82
CA ALA A 501 7.35 15.50 -31.70
C ALA A 501 6.56 16.48 -30.84
N GLU A 502 5.48 15.99 -30.26
CA GLU A 502 4.72 16.76 -29.29
C GLU A 502 5.64 16.93 -28.11
N ALA A 503 5.86 18.18 -27.73
CA ALA A 503 6.83 18.55 -26.72
C ALA A 503 6.25 19.41 -25.61
N GLN A 504 6.96 19.42 -24.50
CA GLN A 504 6.70 20.33 -23.37
C GLN A 504 8.06 20.76 -22.83
N PHE A 505 8.13 21.96 -22.27
CA PHE A 505 9.38 22.54 -21.81
C PHE A 505 9.47 22.58 -20.28
N VAL A 506 10.70 22.54 -19.78
CA VAL A 506 11.00 22.91 -18.41
C VAL A 506 12.23 23.80 -18.39
N GLU A 507 12.31 24.65 -17.38
CA GLU A 507 13.50 25.48 -17.16
C GLU A 507 14.30 24.89 -16.01
N LEU A 508 15.57 24.56 -16.26
CA LEU A 508 16.45 23.97 -15.24
C LEU A 508 17.07 25.05 -14.37
N SER A 509 17.56 26.08 -15.04
CA SER A 509 18.14 27.25 -14.40
C SER A 509 18.01 28.40 -15.41
N PRO A 510 18.23 29.66 -15.00
CA PRO A 510 17.98 30.77 -15.92
C PRO A 510 18.73 30.62 -17.25
N GLY A 511 17.98 30.70 -18.35
CA GLY A 511 18.52 30.55 -19.70
C GLY A 511 18.61 29.12 -20.20
N VAL A 512 18.32 28.14 -19.36
CA VAL A 512 18.58 26.75 -19.68
C VAL A 512 17.26 26.00 -19.64
N ILE A 513 16.84 25.57 -20.82
CA ILE A 513 15.55 24.91 -20.95
C ILE A 513 15.72 23.59 -21.69
N GLN A 514 14.82 22.65 -21.39
CA GLN A 514 14.80 21.36 -22.04
C GLN A 514 13.43 21.11 -22.63
N ALA A 515 13.42 20.54 -23.83
CA ALA A 515 12.19 20.20 -24.53
C ALA A 515 12.07 18.69 -24.51
N TYR A 516 11.07 18.18 -23.79
CA TYR A 516 10.79 16.74 -23.71
C TYR A 516 9.74 16.39 -24.74
N MET A 517 9.94 15.29 -25.48
CA MET A 517 9.09 14.98 -26.61
C MET A 517 8.90 13.52 -26.98
N ARG A 518 7.72 13.28 -27.54
CA ARG A 518 7.38 12.02 -28.19
C ARG A 518 8.28 11.79 -29.38
N THR A 519 8.63 10.53 -29.61
CA THR A 519 9.41 10.11 -30.78
C THR A 519 8.70 8.97 -31.46
N ASN A 520 9.31 8.46 -32.53
CA ASN A 520 8.85 7.25 -33.19
C ASN A 520 9.75 6.03 -32.91
N ASN A 521 10.60 6.10 -31.89
CA ASN A 521 11.57 5.03 -31.62
C ASN A 521 11.33 4.28 -30.30
N GLY A 522 10.27 4.62 -29.58
CA GLY A 522 9.94 3.94 -28.32
C GLY A 522 10.34 4.72 -27.07
N LYS A 523 11.20 5.73 -27.20
CA LYS A 523 11.76 6.45 -26.07
C LYS A 523 11.23 7.88 -26.03
N ILE A 524 11.32 8.49 -24.86
CA ILE A 524 11.11 9.94 -24.72
C ILE A 524 12.45 10.65 -24.92
N ALA A 525 12.47 11.62 -25.84
CA ALA A 525 13.66 12.43 -26.11
C ALA A 525 13.60 13.74 -25.36
N TYR A 526 14.77 14.30 -25.04
CA TYR A 526 14.87 15.66 -24.57
C TYR A 526 16.06 16.39 -25.23
N LEU A 527 15.80 17.63 -25.65
CA LEU A 527 16.80 18.50 -26.27
C LEU A 527 17.03 19.65 -25.35
N THR A 528 18.27 20.15 -25.32
CA THR A 528 18.66 21.16 -24.34
C THR A 528 19.11 22.45 -25.02
N SER A 529 18.62 23.58 -24.48
CA SER A 529 19.07 24.91 -24.87
C SER A 529 19.68 25.63 -23.69
N LYS A 530 20.82 26.26 -23.92
CA LYS A 530 21.50 27.04 -22.89
C LYS A 530 21.42 28.54 -23.17
N ASP A 531 20.66 28.94 -24.20
CA ASP A 531 20.47 30.34 -24.57
C ASP A 531 18.99 30.67 -24.75
N ALA A 532 18.15 30.18 -23.83
CA ALA A 532 16.71 30.47 -23.80
C ALA A 532 15.96 30.05 -25.08
N GLY A 533 16.44 29.00 -25.73
CA GLY A 533 15.75 28.45 -26.88
C GLY A 533 16.25 28.86 -28.23
N THR A 534 17.32 29.66 -28.29
CA THR A 534 17.89 30.06 -29.58
C THR A 534 18.60 28.90 -30.30
N THR A 535 19.37 28.11 -29.57
CA THR A 535 20.07 26.94 -30.12
C THR A 535 19.78 25.73 -29.26
N TRP A 536 19.81 24.55 -29.88
CA TRP A 536 19.41 23.31 -29.25
C TRP A 536 20.45 22.23 -29.47
N SER A 537 20.66 21.42 -28.43
CA SER A 537 21.55 20.26 -28.50
C SER A 537 20.93 19.13 -29.33
N ALA A 538 21.77 18.13 -29.61
CA ALA A 538 21.30 16.87 -30.14
C ALA A 538 20.41 16.20 -29.10
N PRO A 539 19.56 15.27 -29.55
CA PRO A 539 18.68 14.59 -28.61
C PRO A 539 19.39 13.69 -27.59
N GLU A 540 18.84 13.65 -26.39
CA GLU A 540 19.15 12.63 -25.40
C GLU A 540 17.80 11.93 -25.07
N TYR A 541 17.85 10.79 -24.40
CA TYR A 541 16.70 9.97 -24.21
C TYR A 541 16.58 9.54 -22.75
N LEU A 542 15.37 9.57 -22.21
CA LEU A 542 15.14 8.95 -20.91
C LEU A 542 15.45 7.44 -20.99
N LYS A 543 16.07 6.92 -19.94
CA LYS A 543 16.53 5.55 -19.90
C LYS A 543 15.44 4.62 -19.39
N PHE A 544 14.44 5.16 -18.72
CA PHE A 544 13.51 4.36 -17.92
C PHE A 544 12.09 4.25 -18.53
N VAL A 545 11.84 4.89 -19.67
CA VAL A 545 10.56 4.73 -20.40
C VAL A 545 10.79 3.97 -21.70
N SER A 546 9.97 2.94 -21.92
CA SER A 546 10.03 2.13 -23.13
C SER A 546 8.61 1.89 -23.61
N ASN A 547 8.26 2.57 -24.71
CA ASN A 547 6.92 2.62 -25.25
C ASN A 547 6.90 2.05 -26.66
N PRO A 548 5.72 1.91 -27.25
CA PRO A 548 5.70 1.44 -28.66
C PRO A 548 6.17 2.53 -29.60
N SER A 549 6.46 2.15 -30.84
CA SER A 549 7.07 3.08 -31.81
C SER A 549 6.19 4.31 -32.08
N TYR A 550 4.87 4.15 -32.01
CA TYR A 550 4.00 5.29 -32.29
C TYR A 550 4.09 6.40 -31.24
N GLY A 551 4.39 6.01 -30.00
CA GLY A 551 4.57 6.95 -28.89
C GLY A 551 3.27 7.58 -28.39
N THR A 552 3.37 8.35 -27.33
CA THR A 552 2.26 9.13 -26.79
C THR A 552 2.78 10.50 -26.37
N GLN A 553 1.89 11.49 -26.40
CA GLN A 553 2.13 12.79 -25.77
C GLN A 553 2.47 12.60 -24.28
N LEU A 554 3.17 13.57 -23.72
CA LEU A 554 3.52 13.58 -22.32
C LEU A 554 3.22 14.91 -21.73
N SER A 555 3.34 14.99 -20.41
CA SER A 555 3.27 16.23 -19.72
C SER A 555 4.46 16.28 -18.77
N ILE A 556 5.15 17.42 -18.76
CA ILE A 556 6.17 17.69 -17.77
C ILE A 556 6.06 19.13 -17.37
N ILE A 557 6.21 19.38 -16.07
CA ILE A 557 6.16 20.73 -15.50
C ILE A 557 7.27 20.97 -14.48
N ASN A 558 7.61 22.25 -14.29
CA ASN A 558 8.38 22.67 -13.11
C ASN A 558 7.47 22.64 -11.89
N TYR A 559 8.04 22.29 -10.74
CA TYR A 559 7.35 22.34 -9.46
C TYR A 559 8.02 23.42 -8.62
N SER A 560 7.24 24.18 -7.90
CA SER A 560 7.75 25.37 -7.19
C SER A 560 8.46 25.05 -5.87
N GLN A 561 8.19 23.92 -5.24
CA GLN A 561 8.76 23.64 -3.90
C GLN A 561 9.91 22.62 -3.98
N LEU A 562 10.87 22.76 -3.07
CA LEU A 562 12.03 21.86 -3.04
C LEU A 562 11.61 20.46 -2.66
N ILE A 563 12.25 19.48 -3.26
CA ILE A 563 12.04 18.07 -2.90
C ILE A 563 13.44 17.51 -2.64
N ASP A 564 13.62 16.89 -1.48
CA ASP A 564 14.93 16.47 -1.00
C ASP A 564 15.98 17.59 -1.16
N GLY A 565 15.58 18.83 -0.90
CA GLY A 565 16.51 19.97 -1.01
C GLY A 565 16.83 20.42 -2.41
N LYS A 566 16.09 19.94 -3.41
CA LYS A 566 16.38 20.20 -4.82
C LYS A 566 15.19 20.70 -5.58
N LYS A 567 15.45 21.48 -6.61
CA LYS A 567 14.43 21.89 -7.59
C LYS A 567 13.95 20.64 -8.31
N ALA A 568 12.65 20.59 -8.58
CA ALA A 568 12.04 19.39 -9.12
C ALA A 568 11.24 19.65 -10.41
N VAL A 569 11.21 18.64 -11.25
CA VAL A 569 10.27 18.56 -12.38
C VAL A 569 9.39 17.34 -12.19
N ILE A 570 8.17 17.40 -12.73
CA ILE A 570 7.22 16.31 -12.57
C ILE A 570 6.80 15.91 -13.97
N LEU A 571 6.92 14.62 -14.26
CA LEU A 571 6.62 14.06 -15.57
C LEU A 571 5.47 13.06 -15.48
N SER A 572 4.55 13.12 -16.46
CA SER A 572 3.46 12.12 -16.64
C SER A 572 3.54 11.51 -18.04
N THR A 573 3.49 10.18 -18.12
CA THR A 573 3.54 9.46 -19.38
C THR A 573 3.10 8.01 -19.17
N PRO A 574 2.51 7.37 -20.21
CA PRO A 574 2.46 5.89 -20.19
C PRO A 574 3.87 5.31 -20.28
N ASN A 575 4.01 4.06 -19.82
CA ASN A 575 5.28 3.35 -19.88
C ASN A 575 5.08 1.85 -20.07
N SER A 576 4.96 1.43 -21.32
CA SER A 576 4.64 0.04 -21.64
C SER A 576 4.91 -0.13 -23.10
N THR A 577 5.45 -1.28 -23.47
CA THR A 577 5.66 -1.58 -24.89
C THR A 577 4.43 -2.19 -25.54
N ASN A 578 3.41 -2.49 -24.72
CA ASN A 578 2.21 -3.25 -25.11
C ASN A 578 1.01 -2.36 -25.51
N GLY A 579 1.12 -1.04 -25.37
CA GLY A 579 0.00 -0.15 -25.63
C GLY A 579 0.14 1.11 -24.82
N ARG A 580 -0.91 1.92 -24.83
CA ARG A 580 -0.96 3.14 -24.02
C ARG A 580 -1.53 2.77 -22.67
N LYS A 581 -0.63 2.34 -21.78
CA LYS A 581 -0.99 1.85 -20.45
C LYS A 581 0.16 2.04 -19.48
N HIS A 582 -0.04 1.63 -18.24
CA HIS A 582 1.00 1.72 -17.20
C HIS A 582 1.45 3.17 -17.02
N GLY A 583 0.48 4.04 -16.83
CA GLY A 583 0.74 5.44 -16.50
C GLY A 583 1.58 5.64 -15.27
N GLN A 584 2.55 6.53 -15.39
CA GLN A 584 3.43 6.84 -14.27
C GLN A 584 3.65 8.34 -14.13
N ILE A 585 3.76 8.77 -12.89
CA ILE A 585 4.29 10.08 -12.59
C ILE A 585 5.68 9.93 -11.97
N TRP A 586 6.64 10.66 -12.56
CA TRP A 586 8.03 10.63 -12.21
C TRP A 586 8.43 11.97 -11.62
N ILE A 587 9.18 11.93 -10.53
CA ILE A 587 9.79 13.12 -9.98
C ILE A 587 11.26 13.13 -10.36
N GLY A 588 11.67 14.24 -10.99
CA GLY A 588 13.06 14.47 -11.36
C GLY A 588 13.66 15.62 -10.56
N LEU A 589 14.81 15.39 -9.95
CA LEU A 589 15.49 16.42 -9.19
C LEU A 589 16.65 16.96 -9.97
N ILE A 590 16.73 18.29 -10.06
CA ILE A 590 17.73 18.97 -10.84
C ILE A 590 19.02 19.00 -10.06
N ASN A 591 20.07 18.42 -10.65
CA ASN A 591 21.40 18.41 -10.05
C ASN A 591 22.08 19.73 -10.34
N ASP A 592 23.16 19.96 -9.60
CA ASP A 592 23.93 21.18 -9.71
C ASP A 592 24.47 21.41 -11.15
N ASP A 593 24.74 20.32 -11.88
CA ASP A 593 25.21 20.36 -13.27
C ASP A 593 24.09 20.38 -14.32
N ASN A 594 22.87 20.66 -13.89
CA ASN A 594 21.68 20.59 -14.75
C ASN A 594 21.34 19.22 -15.38
N THR A 595 21.91 18.12 -14.91
CA THR A 595 21.34 16.80 -15.23
C THR A 595 20.20 16.58 -14.25
N ILE A 596 19.31 15.62 -14.54
CA ILE A 596 18.19 15.31 -13.66
C ILE A 596 18.32 13.90 -13.03
N ASP A 597 18.09 13.84 -11.72
CA ASP A 597 18.02 12.60 -10.98
C ASP A 597 16.56 12.17 -10.88
N TRP A 598 16.21 11.16 -11.68
CA TRP A 598 14.86 10.64 -11.71
C TRP A 598 14.70 9.64 -10.56
N ARG A 599 14.31 10.17 -9.40
CA ARG A 599 14.48 9.49 -8.12
C ARG A 599 13.24 8.73 -7.68
N TYR A 600 12.06 9.25 -8.01
CA TYR A 600 10.79 8.65 -7.58
C TYR A 600 9.86 8.44 -8.74
N HIS A 601 9.01 7.43 -8.61
CA HIS A 601 7.84 7.32 -9.49
C HIS A 601 6.68 6.67 -8.77
N HIS A 602 5.48 6.93 -9.29
CA HIS A 602 4.24 6.38 -8.77
C HIS A 602 3.39 5.91 -9.94
N ASP A 603 3.01 4.64 -9.95
CA ASP A 603 2.07 4.12 -10.95
C ASP A 603 0.67 4.66 -10.67
N VAL A 604 0.04 5.26 -11.68
CA VAL A 604 -1.27 5.91 -11.48
C VAL A 604 -2.39 4.90 -11.16
N ASP A 605 -2.41 3.79 -11.87
CA ASP A 605 -3.35 2.68 -11.54
C ASP A 605 -2.55 1.42 -11.79
N TYR A 606 -3.20 0.25 -11.83
CA TYR A 606 -2.50 -0.99 -12.17
C TYR A 606 -1.94 -0.89 -13.59
N SER A 607 -0.91 -1.69 -13.85
CA SER A 607 -0.09 -1.50 -15.05
C SER A 607 -0.80 -1.79 -16.36
N ASN A 608 -1.85 -2.60 -16.34
CA ASN A 608 -2.55 -2.92 -17.59
C ASN A 608 -3.74 -1.98 -17.85
N TYR A 609 -4.02 -1.07 -16.93
CA TYR A 609 -5.03 -0.06 -17.14
C TYR A 609 -4.53 0.99 -18.14
N GLY A 610 -5.46 1.57 -18.87
CA GLY A 610 -5.14 2.48 -19.95
C GLY A 610 -4.70 3.86 -19.48
N TYR A 611 -3.80 4.46 -20.26
CA TYR A 611 -3.22 5.76 -19.91
C TYR A 611 -2.58 6.30 -21.20
N SER A 612 -3.19 7.34 -21.76
CA SER A 612 -2.74 7.92 -23.01
C SER A 612 -2.33 9.37 -22.75
N TYR A 613 -2.91 10.34 -23.46
CA TYR A 613 -2.47 11.74 -23.29
C TYR A 613 -2.78 12.20 -21.88
N SER A 614 -1.95 13.11 -21.37
CA SER A 614 -2.11 13.61 -19.99
C SER A 614 -1.63 15.02 -19.80
N THR A 615 -1.96 15.60 -18.64
CA THR A 615 -1.58 16.98 -18.34
C THR A 615 -1.47 17.17 -16.82
N LEU A 616 -0.36 17.80 -16.43
CA LEU A 616 -0.04 18.10 -15.04
C LEU A 616 -0.14 19.60 -14.78
N THR A 617 -0.58 19.96 -13.59
CA THR A 617 -0.36 21.31 -13.10
C THR A 617 -0.07 21.27 -11.60
N GLU A 618 0.64 22.29 -11.11
CA GLU A 618 0.79 22.48 -9.67
C GLU A 618 -0.39 23.31 -9.20
N LEU A 619 -1.11 22.76 -8.23
CA LEU A 619 -2.24 23.47 -7.63
C LEU A 619 -1.69 24.56 -6.72
N PRO A 620 -2.52 25.57 -6.39
CA PRO A 620 -2.00 26.66 -5.52
C PRO A 620 -1.56 26.20 -4.14
N ASN A 621 -2.16 25.14 -3.60
CA ASN A 621 -1.69 24.53 -2.34
C ASN A 621 -0.46 23.62 -2.50
N HIS A 622 0.11 23.53 -3.70
CA HIS A 622 1.33 22.75 -4.00
C HIS A 622 1.10 21.26 -4.10
N GLU A 623 -0.17 20.87 -4.13
CA GLU A 623 -0.53 19.54 -4.60
C GLU A 623 -0.46 19.53 -6.13
N ILE A 624 -0.60 18.34 -6.70
CA ILE A 624 -0.46 18.15 -8.14
C ILE A 624 -1.82 17.74 -8.66
N GLY A 625 -2.27 18.47 -9.69
CA GLY A 625 -3.45 18.11 -10.43
C GLY A 625 -3.07 17.35 -11.69
N LEU A 626 -3.84 16.30 -11.99
CA LEU A 626 -3.62 15.46 -13.17
C LEU A 626 -4.94 15.18 -13.87
N MET A 627 -4.96 15.42 -15.16
CA MET A 627 -6.08 14.99 -16.00
C MET A 627 -5.51 14.18 -17.12
N PHE A 628 -6.14 13.05 -17.41
CA PHE A 628 -5.56 12.13 -18.37
C PHE A 628 -6.63 11.28 -19.08
N GLU A 629 -6.22 10.72 -20.21
CA GLU A 629 -7.04 9.80 -20.97
C GLU A 629 -6.91 8.43 -20.32
N LYS A 630 -7.92 8.02 -19.56
CA LYS A 630 -7.86 6.73 -18.84
C LYS A 630 -8.41 5.64 -19.74
N PHE A 631 -7.64 5.38 -20.80
CA PHE A 631 -7.93 4.43 -21.86
C PHE A 631 -6.77 4.51 -22.82
N ASP A 632 -6.69 3.51 -23.71
CA ASP A 632 -5.73 3.50 -24.79
C ASP A 632 -6.35 4.23 -26.00
N SER A 633 -5.97 5.49 -26.18
CA SER A 633 -6.51 6.30 -27.26
C SER A 633 -5.88 6.04 -28.65
N TRP A 634 -4.95 5.09 -28.74
CA TRP A 634 -4.40 4.64 -30.02
C TRP A 634 -5.10 3.39 -30.55
N SER A 635 -5.35 2.45 -29.65
CA SER A 635 -6.03 1.19 -29.93
C SER A 635 -7.34 1.36 -30.69
N ARG A 636 -7.51 0.53 -31.72
CA ARG A 636 -8.76 0.51 -32.49
C ARG A 636 -9.86 -0.16 -31.69
N ASN A 637 -9.55 -0.78 -30.56
CA ASN A 637 -10.59 -1.43 -29.71
C ASN A 637 -11.15 -0.47 -28.68
N GLU A 638 -10.55 0.71 -28.49
CA GLU A 638 -10.98 1.60 -27.41
C GLU A 638 -11.48 2.98 -27.88
N LEU A 639 -11.88 3.02 -29.15
CA LEU A 639 -12.41 4.23 -29.76
C LEU A 639 -13.81 4.54 -29.26
N HIS A 640 -14.16 5.82 -29.24
CA HIS A 640 -15.53 6.25 -29.09
C HIS A 640 -16.14 5.77 -27.75
N MET A 641 -15.42 5.99 -26.66
CA MET A 641 -15.93 5.65 -25.31
C MET A 641 -16.25 6.92 -24.51
N LYS A 642 -17.35 6.86 -23.76
CA LYS A 642 -17.81 7.95 -22.94
C LYS A 642 -17.15 7.99 -21.56
N ASN A 643 -16.82 9.19 -21.12
CA ASN A 643 -16.47 9.50 -19.74
C ASN A 643 -15.21 8.81 -19.20
N VAL A 644 -14.13 9.03 -19.94
CA VAL A 644 -12.89 8.34 -19.77
C VAL A 644 -11.71 9.29 -19.62
N VAL A 645 -11.97 10.55 -19.26
CA VAL A 645 -10.89 11.54 -19.08
C VAL A 645 -11.03 12.19 -17.69
N PRO A 646 -10.59 11.49 -16.65
CA PRO A 646 -10.77 12.02 -15.30
C PRO A 646 -9.67 12.98 -14.82
N TYR A 647 -9.99 13.67 -13.74
CA TYR A 647 -9.07 14.55 -13.05
C TYR A 647 -8.86 13.98 -11.65
N ILE A 648 -7.60 13.84 -11.25
CA ILE A 648 -7.25 13.41 -9.90
C ILE A 648 -6.13 14.26 -9.34
N THR A 649 -5.91 14.16 -8.04
CA THR A 649 -4.87 14.96 -7.39
C THR A 649 -3.95 14.14 -6.57
N PHE A 650 -2.74 14.63 -6.41
CA PHE A 650 -1.76 14.00 -5.55
C PHE A 650 -1.08 15.03 -4.68
N LYS A 651 -0.81 14.65 -3.44
CA LYS A 651 0.18 15.35 -2.62
C LYS A 651 1.53 14.81 -3.05
N ILE A 652 2.59 15.60 -2.85
CA ILE A 652 3.93 15.12 -3.20
C ILE A 652 4.25 13.80 -2.50
N GLU A 653 3.81 13.64 -1.25
CA GLU A 653 4.07 12.41 -0.49
C GLU A 653 3.45 11.20 -1.16
N ASP A 654 2.32 11.38 -1.87
CA ASP A 654 1.72 10.30 -2.65
C ASP A 654 2.62 9.89 -3.82
N LEU A 655 3.41 10.84 -4.31
CA LEU A 655 4.28 10.62 -5.46
C LEU A 655 5.71 10.18 -5.13
N LYS A 656 6.21 10.50 -3.93
CA LYS A 656 7.58 10.13 -3.54
C LYS A 656 7.65 8.66 -3.18
N LYS A 657 7.58 7.81 -4.21
CA LYS A 657 7.64 6.36 -4.01
C LYS A 657 8.75 5.77 -4.87
N ASN A 658 9.09 4.53 -4.59
CA ASN A 658 10.03 3.74 -5.40
C ASN A 658 11.48 4.30 -5.59
N LEU A 659 12.27 4.41 -4.53
CA LEU A 659 13.78 4.28 -4.57
C LEU A 659 14.29 4.78 -3.24
N GLU B 1 31.19 -29.44 -1.32
CA GLU B 1 30.19 -29.95 -0.36
C GLU B 1 28.95 -30.38 -1.13
N THR B 2 28.90 -31.59 -1.68
CA THR B 2 27.73 -32.00 -2.49
C THR B 2 26.97 -33.18 -1.84
N PRO B 3 25.63 -33.21 -1.99
CA PRO B 3 24.87 -34.26 -1.31
C PRO B 3 25.05 -35.63 -1.95
N VAL B 4 25.01 -36.67 -1.12
CA VAL B 4 24.98 -38.04 -1.61
C VAL B 4 23.61 -38.38 -2.20
N LEU B 5 22.59 -37.67 -1.75
CA LEU B 5 21.27 -37.74 -2.37
C LEU B 5 20.51 -36.43 -2.21
N GLU B 6 19.88 -36.00 -3.29
CA GLU B 6 18.97 -34.86 -3.29
C GLU B 6 17.68 -35.24 -4.01
N LYS B 7 16.54 -35.00 -3.38
CA LYS B 7 15.24 -35.24 -4.01
C LYS B 7 14.35 -34.00 -3.88
N ASN B 8 13.46 -33.82 -4.87
CA ASN B 8 12.59 -32.66 -4.96
C ASN B 8 11.13 -33.07 -5.04
N ASN B 9 10.28 -32.25 -4.44
CA ASN B 9 8.83 -32.31 -4.60
C ASN B 9 8.23 -33.68 -4.39
N VAL B 10 8.52 -34.25 -3.23
CA VAL B 10 7.99 -35.53 -2.83
C VAL B 10 6.78 -35.31 -1.93
N THR B 11 5.59 -35.53 -2.47
CA THR B 11 4.34 -35.32 -1.74
C THR B 11 3.93 -36.64 -1.12
N LEU B 12 3.60 -36.62 0.17
CA LEU B 12 3.33 -37.83 0.91
C LEU B 12 2.12 -37.66 1.80
N THR B 13 1.43 -38.75 2.02
CA THR B 13 0.25 -38.80 2.89
C THR B 13 0.37 -40.02 3.84
N GLY B 14 1.49 -40.11 4.55
CA GLY B 14 1.65 -41.11 5.61
C GLY B 14 2.41 -42.37 5.23
N GLY B 15 2.47 -42.67 3.93
CA GLY B 15 3.06 -43.92 3.45
C GLY B 15 4.55 -43.90 3.21
N GLY B 16 5.17 -42.73 3.09
CA GLY B 16 6.62 -42.63 2.89
C GLY B 16 7.12 -43.08 1.52
N GLU B 17 8.43 -43.00 1.32
CA GLU B 17 9.08 -43.45 0.08
C GLU B 17 10.44 -44.06 0.40
N ASN B 18 10.65 -45.25 -0.12
CA ASN B 18 11.87 -45.98 0.07
C ASN B 18 12.96 -45.37 -0.79
N VAL B 19 14.09 -45.03 -0.16
CA VAL B 19 15.27 -44.57 -0.90
C VAL B 19 16.54 -45.37 -0.54
N THR B 20 16.33 -46.61 -0.16
CA THR B 20 17.41 -47.48 0.29
C THR B 20 18.52 -47.67 -0.75
N LYS B 21 18.10 -47.94 -1.99
CA LYS B 21 19.04 -48.09 -3.09
C LYS B 21 19.92 -46.87 -3.34
N GLU B 22 19.36 -45.68 -3.16
CA GLU B 22 20.11 -44.44 -3.39
C GLU B 22 21.07 -44.08 -2.23
N LEU B 23 20.82 -44.59 -1.02
CA LEU B 23 21.57 -44.18 0.18
C LEU B 23 22.41 -45.29 0.81
N LYS B 24 22.14 -46.56 0.47
CA LYS B 24 22.82 -47.67 1.11
C LYS B 24 24.34 -47.49 0.87
N ASP B 25 25.09 -47.66 1.94
CA ASP B 25 26.56 -47.64 1.93
C ASP B 25 27.21 -46.31 1.57
N LYS B 26 26.43 -45.23 1.56
CA LYS B 26 26.95 -43.92 1.19
C LYS B 26 27.58 -43.15 2.38
N PHE B 27 27.17 -43.47 3.60
CA PHE B 27 27.65 -42.76 4.81
C PHE B 27 28.98 -43.36 5.29
N THR B 28 30.05 -42.93 4.61
CA THR B 28 31.39 -43.49 4.70
C THR B 28 32.01 -43.30 6.09
N SER B 29 32.00 -42.08 6.58
CA SER B 29 32.52 -41.83 7.92
C SER B 29 31.47 -42.21 8.98
N GLY B 30 30.19 -42.17 8.63
CA GLY B 30 29.08 -42.31 9.60
C GLY B 30 28.42 -41.01 9.98
N ASP B 31 29.14 -39.89 9.88
CA ASP B 31 28.56 -38.55 10.12
C ASP B 31 27.52 -38.22 9.07
N PHE B 32 26.62 -37.32 9.41
CA PHE B 32 25.61 -36.91 8.46
C PHE B 32 25.09 -35.50 8.71
N THR B 33 24.58 -34.92 7.64
CA THR B 33 23.80 -33.70 7.65
C THR B 33 22.63 -33.95 6.70
N VAL B 34 21.41 -33.68 7.17
CA VAL B 34 20.22 -33.79 6.33
C VAL B 34 19.48 -32.49 6.43
N VAL B 35 19.21 -31.87 5.27
CA VAL B 35 18.54 -30.55 5.20
C VAL B 35 17.24 -30.78 4.45
N ILE B 36 16.13 -30.43 5.10
CA ILE B 36 14.79 -30.73 4.62
C ILE B 36 13.99 -29.44 4.53
N LYS B 37 13.65 -29.05 3.30
CA LYS B 37 12.68 -28.00 3.03
C LYS B 37 11.32 -28.66 2.80
N TYR B 38 10.37 -28.38 3.68
CA TYR B 38 9.09 -29.09 3.65
C TYR B 38 7.96 -28.16 4.02
N ASN B 39 6.73 -28.63 3.75
CA ASN B 39 5.54 -28.11 4.39
C ASN B 39 4.58 -29.26 4.71
N GLN B 40 3.89 -29.15 5.84
CA GLN B 40 2.96 -30.18 6.30
C GLN B 40 1.57 -29.91 5.77
N SER B 41 0.92 -30.94 5.27
CA SER B 41 -0.50 -30.89 4.87
C SER B 41 -1.38 -31.14 6.12
N SER B 42 -0.82 -31.84 7.11
CA SER B 42 -1.45 -32.00 8.42
C SER B 42 -0.37 -32.08 9.50
N GLU B 43 -0.62 -31.38 10.60
CA GLU B 43 0.30 -31.30 11.75
C GLU B 43 0.11 -32.42 12.79
N LYS B 44 -0.97 -33.18 12.67
CA LYS B 44 -1.42 -34.13 13.72
C LYS B 44 -0.44 -35.30 13.81
N GLY B 45 -0.15 -35.76 15.02
CA GLY B 45 0.70 -36.92 15.24
C GLY B 45 2.20 -36.64 15.17
N LEU B 46 2.98 -37.63 15.61
CA LEU B 46 4.42 -37.61 15.53
C LEU B 46 4.87 -37.98 14.11
N GLN B 47 5.58 -37.09 13.43
CA GLN B 47 5.92 -37.32 12.04
C GLN B 47 7.41 -37.23 11.79
N ALA B 48 7.97 -38.21 11.08
CA ALA B 48 9.37 -38.19 10.70
C ALA B 48 9.58 -37.68 9.28
N LEU B 49 10.51 -36.77 9.11
CA LEU B 49 10.83 -36.25 7.78
C LEU B 49 11.66 -37.26 6.98
N PHE B 50 12.47 -38.05 7.68
CA PHE B 50 13.15 -39.18 7.09
C PHE B 50 13.51 -40.17 8.20
N GLY B 51 13.85 -41.39 7.81
CA GLY B 51 14.24 -42.43 8.78
C GLY B 51 15.27 -43.34 8.17
N ILE B 52 16.36 -43.54 8.89
CA ILE B 52 17.39 -44.51 8.53
C ILE B 52 17.40 -45.56 9.62
N SER B 53 17.13 -46.80 9.25
CA SER B 53 16.89 -47.85 10.23
C SER B 53 17.35 -49.23 9.82
N ASN B 54 17.46 -50.07 10.84
CA ASN B 54 17.40 -51.51 10.72
C ASN B 54 15.91 -51.90 10.75
N SER B 55 15.38 -52.33 9.61
CA SER B 55 13.94 -52.63 9.49
C SER B 55 13.57 -54.07 9.87
N LYS B 56 14.55 -54.88 10.29
CA LYS B 56 14.32 -56.31 10.56
C LYS B 56 13.56 -56.51 11.90
N PRO B 57 12.83 -57.63 12.04
CA PRO B 57 12.17 -58.01 13.29
C PRO B 57 13.08 -57.81 14.51
N GLY B 58 12.56 -57.26 15.59
CA GLY B 58 13.36 -57.07 16.80
C GLY B 58 14.30 -55.87 16.80
N GLN B 59 14.50 -55.22 15.67
CA GLN B 59 15.45 -54.11 15.60
C GLN B 59 14.76 -52.75 15.52
N GLN B 60 13.56 -52.65 16.10
CA GLN B 60 12.76 -51.42 16.05
C GLN B 60 13.38 -50.22 16.77
N ASN B 61 14.29 -50.46 17.71
CA ASN B 61 15.01 -49.36 18.36
C ASN B 61 16.39 -49.06 17.76
N SER B 62 16.56 -49.41 16.48
CA SER B 62 17.77 -49.10 15.73
C SER B 62 17.42 -48.16 14.58
N TYR B 63 17.40 -46.85 14.88
CA TYR B 63 17.17 -45.85 13.85
C TYR B 63 17.69 -44.46 14.18
N VAL B 64 17.74 -43.66 13.11
CA VAL B 64 17.94 -42.24 13.18
C VAL B 64 16.77 -41.61 12.46
N ASP B 65 16.22 -40.57 13.05
CA ASP B 65 15.19 -39.75 12.36
C ASP B 65 15.26 -38.31 12.83
N VAL B 66 14.58 -37.45 12.08
CA VAL B 66 14.25 -36.11 12.50
C VAL B 66 12.73 -36.06 12.50
N PHE B 67 12.16 -35.59 13.61
CA PHE B 67 10.70 -35.56 13.78
C PHE B 67 10.12 -34.19 14.10
N LEU B 68 8.81 -34.10 13.84
CA LEU B 68 7.98 -32.94 14.10
C LEU B 68 6.79 -33.37 14.92
N ARG B 69 6.41 -32.55 15.90
CA ARG B 69 5.18 -32.73 16.67
C ARG B 69 4.16 -31.63 16.35
N ASP B 70 2.93 -31.85 16.81
CA ASP B 70 1.81 -30.92 16.49
C ASP B 70 1.84 -29.55 17.21
N ASN B 71 2.83 -29.37 18.09
CA ASN B 71 3.05 -28.12 18.78
C ASN B 71 4.28 -27.37 18.27
N GLY B 72 4.83 -27.80 17.13
CA GLY B 72 5.98 -27.15 16.53
C GLY B 72 7.35 -27.57 17.06
N GLU B 73 7.43 -28.57 17.93
CA GLU B 73 8.72 -29.12 18.36
C GLU B 73 9.41 -29.83 17.17
N LEU B 74 10.69 -29.53 17.01
CA LEU B 74 11.58 -30.25 16.13
C LEU B 74 12.52 -31.07 17.00
N GLY B 75 12.65 -32.36 16.67
CA GLY B 75 13.62 -33.23 17.34
C GLY B 75 14.30 -34.25 16.46
N MET B 76 15.23 -34.99 17.04
CA MET B 76 15.85 -36.13 16.36
C MET B 76 16.05 -37.25 17.33
N GLU B 77 15.99 -38.46 16.81
CA GLU B 77 16.38 -39.65 17.56
C GLU B 77 17.55 -40.35 16.87
N ALA B 78 18.38 -40.99 17.68
CA ALA B 78 19.45 -41.85 17.20
C ALA B 78 19.60 -42.93 18.23
N ARG B 79 19.28 -44.17 17.83
CA ARG B 79 19.07 -45.25 18.77
C ARG B 79 19.72 -46.51 18.22
N ASP B 80 20.25 -47.35 19.10
CA ASP B 80 20.77 -48.67 18.73
C ASP B 80 20.22 -49.70 19.71
N THR B 81 19.63 -50.76 19.19
CA THR B 81 18.92 -51.73 20.00
C THR B 81 19.86 -52.51 20.92
N SER B 82 20.89 -53.13 20.36
CA SER B 82 21.74 -54.06 21.16
C SER B 82 22.58 -53.32 22.24
N SER B 83 23.11 -52.14 21.93
CA SER B 83 23.84 -51.35 22.93
C SER B 83 22.92 -50.60 23.92
N ASN B 84 21.61 -50.60 23.66
CA ASN B 84 20.61 -49.84 24.39
C ASN B 84 20.97 -48.34 24.61
N LYS B 85 21.46 -47.73 23.52
CA LYS B 85 21.77 -46.31 23.49
C LYS B 85 20.63 -45.62 22.74
N ASN B 86 20.03 -44.64 23.42
CA ASN B 86 18.85 -43.95 22.95
C ASN B 86 19.09 -42.46 23.14
N ASN B 87 19.37 -41.78 22.05
CA ASN B 87 19.60 -40.35 22.08
C ASN B 87 18.37 -39.67 21.51
N LEU B 88 17.86 -38.68 22.25
CA LEU B 88 16.80 -37.80 21.80
C LEU B 88 17.25 -36.37 22.05
N VAL B 89 17.34 -35.57 20.98
CA VAL B 89 17.71 -34.18 21.07
C VAL B 89 16.62 -33.35 20.34
N SER B 90 16.19 -32.26 20.96
CA SER B 90 15.05 -31.47 20.45
C SER B 90 14.92 -30.11 21.12
N ARG B 91 14.08 -29.27 20.51
CA ARG B 91 13.62 -28.04 21.16
C ARG B 91 12.18 -27.73 20.78
N PRO B 92 11.33 -27.39 21.78
CA PRO B 92 9.98 -26.92 21.44
C PRO B 92 9.97 -25.71 20.53
N ALA B 93 8.85 -25.46 19.88
CA ALA B 93 8.58 -24.21 19.15
C ALA B 93 9.65 -23.86 18.14
N SER B 94 10.07 -24.84 17.36
CA SER B 94 11.14 -24.65 16.39
C SER B 94 10.64 -24.32 14.99
N VAL B 95 9.46 -24.86 14.65
CA VAL B 95 8.90 -24.68 13.32
C VAL B 95 7.55 -23.96 13.36
N TRP B 96 7.12 -23.54 12.18
CA TRP B 96 5.81 -22.96 11.96
C TRP B 96 4.93 -24.00 11.28
N GLY B 97 3.63 -23.94 11.55
CA GLY B 97 2.63 -24.84 10.96
C GLY B 97 1.97 -24.25 9.72
N LYS B 98 1.03 -23.34 9.96
CA LYS B 98 0.37 -22.58 8.89
C LYS B 98 0.42 -21.07 9.15
N TYR B 99 0.23 -20.31 8.09
CA TYR B 99 0.20 -18.84 8.11
C TYR B 99 -0.78 -18.40 7.04
N LYS B 100 -1.79 -17.60 7.44
CA LYS B 100 -2.85 -17.17 6.53
C LYS B 100 -3.46 -18.32 5.74
N GLN B 101 -3.88 -19.37 6.43
CA GLN B 101 -4.58 -20.51 5.75
C GLN B 101 -3.70 -21.40 4.83
N GLU B 102 -2.40 -21.11 4.70
CA GLU B 102 -1.49 -21.94 3.88
C GLU B 102 -0.42 -22.58 4.76
N ALA B 103 -0.10 -23.83 4.44
CA ALA B 103 1.01 -24.53 5.10
C ALA B 103 2.29 -23.72 4.91
N VAL B 104 3.08 -23.58 5.97
CA VAL B 104 4.33 -22.83 5.91
C VAL B 104 5.45 -23.75 5.46
N THR B 105 6.23 -23.30 4.49
CA THR B 105 7.48 -23.95 4.15
C THR B 105 8.54 -23.66 5.23
N ASN B 106 9.03 -24.70 5.88
CA ASN B 106 10.17 -24.59 6.78
C ASN B 106 11.34 -25.26 6.14
N THR B 107 12.54 -24.90 6.62
CA THR B 107 13.72 -25.62 6.25
C THR B 107 14.35 -26.00 7.57
N VAL B 108 14.51 -27.29 7.79
CA VAL B 108 15.18 -27.77 8.99
C VAL B 108 16.39 -28.60 8.63
N ALA B 109 17.21 -28.89 9.64
CA ALA B 109 18.40 -29.72 9.43
C ALA B 109 18.89 -30.38 10.72
N VAL B 110 19.57 -31.50 10.52
CA VAL B 110 20.27 -32.19 11.58
C VAL B 110 21.73 -32.35 11.15
N VAL B 111 22.64 -32.18 12.10
CA VAL B 111 24.06 -32.45 11.91
C VAL B 111 24.54 -33.36 13.01
N ALA B 112 25.15 -34.49 12.65
CA ALA B 112 25.75 -35.39 13.62
C ALA B 112 27.27 -35.39 13.37
N ASP B 113 28.04 -35.05 14.41
CA ASP B 113 29.49 -34.88 14.32
C ASP B 113 30.12 -35.81 15.34
N SER B 114 30.78 -36.86 14.84
CA SER B 114 31.36 -37.89 15.68
C SER B 114 32.55 -37.43 16.49
N VAL B 115 33.38 -36.58 15.90
CA VAL B 115 34.54 -36.03 16.59
C VAL B 115 34.06 -35.22 17.82
N LYS B 116 33.07 -34.35 17.64
CA LYS B 116 32.50 -33.60 18.77
C LYS B 116 31.51 -34.40 19.64
N LYS B 117 31.01 -35.52 19.12
CA LYS B 117 29.91 -36.27 19.75
C LYS B 117 28.65 -35.40 19.97
N THR B 118 28.36 -34.51 19.01
CA THR B 118 27.18 -33.62 19.12
C THR B 118 26.16 -33.87 18.03
N TYR B 119 24.89 -33.65 18.39
CA TYR B 119 23.81 -33.55 17.45
C TYR B 119 23.34 -32.11 17.49
N SER B 120 23.13 -31.52 16.33
CA SER B 120 22.65 -30.17 16.19
C SER B 120 21.39 -30.17 15.35
N LEU B 121 20.44 -29.32 15.73
CA LEU B 121 19.19 -29.13 14.99
C LEU B 121 19.01 -27.67 14.64
N TYR B 122 18.56 -27.45 13.41
CA TYR B 122 18.40 -26.16 12.81
C TYR B 122 16.99 -26.02 12.29
N ALA B 123 16.42 -24.82 12.43
CA ALA B 123 15.10 -24.48 11.88
C ALA B 123 15.09 -23.04 11.42
N ASN B 124 14.88 -22.85 10.12
CA ASN B 124 14.68 -21.55 9.52
C ASN B 124 15.77 -20.53 9.84
N GLY B 125 17.02 -20.98 9.80
CA GLY B 125 18.19 -20.14 9.99
C GLY B 125 18.74 -20.13 11.41
N THR B 126 18.02 -20.74 12.36
CA THR B 126 18.41 -20.80 13.75
C THR B 126 18.89 -22.19 14.11
N LYS B 127 20.03 -22.26 14.80
CA LYS B 127 20.46 -23.48 15.43
C LYS B 127 19.66 -23.55 16.71
N VAL B 128 18.59 -24.34 16.72
CA VAL B 128 17.69 -24.40 17.88
C VAL B 128 18.24 -25.18 19.06
N VAL B 129 19.11 -26.16 18.76
CA VAL B 129 19.84 -26.87 19.82
C VAL B 129 21.10 -27.54 19.26
N GLU B 130 22.15 -27.59 20.08
CA GLU B 130 23.30 -28.46 19.85
C GLU B 130 23.57 -29.11 21.19
N LYS B 131 23.64 -30.44 21.21
CA LYS B 131 23.87 -31.15 22.46
C LYS B 131 24.92 -32.23 22.26
N LYS B 132 25.92 -32.25 23.14
CA LYS B 132 26.92 -33.32 23.22
C LYS B 132 26.31 -34.47 24.04
N VAL B 133 26.41 -35.70 23.55
CA VAL B 133 25.90 -36.84 24.30
C VAL B 133 26.95 -37.92 24.46
N ASP B 134 27.02 -38.47 25.68
CA ASP B 134 27.95 -39.55 26.02
C ASP B 134 27.74 -40.78 25.12
N ASN B 135 26.49 -41.16 24.92
CA ASN B 135 26.16 -42.34 24.11
C ASN B 135 25.90 -42.02 22.64
N PHE B 136 26.70 -41.11 22.07
CA PHE B 136 26.58 -40.66 20.69
C PHE B 136 26.61 -41.84 19.72
N LEU B 137 25.72 -41.80 18.73
CA LEU B 137 25.68 -42.80 17.66
C LEU B 137 25.71 -42.07 16.32
N ASN B 138 26.63 -42.48 15.44
CA ASN B 138 26.56 -42.12 14.02
C ASN B 138 25.95 -43.30 13.28
N ILE B 139 25.76 -43.16 11.97
CA ILE B 139 25.08 -44.18 11.20
C ILE B 139 25.79 -45.53 11.21
N LYS B 140 27.13 -45.51 11.18
CA LYS B 140 27.92 -46.75 11.27
C LYS B 140 27.84 -47.40 12.66
N ASP B 141 27.55 -46.63 13.71
CA ASP B 141 27.43 -47.20 15.07
C ASP B 141 26.17 -48.04 15.30
N ILE B 142 25.15 -47.83 14.49
CA ILE B 142 23.89 -48.56 14.66
C ILE B 142 24.01 -49.82 13.82
N LYS B 143 23.76 -50.97 14.44
CA LYS B 143 24.05 -52.26 13.82
C LYS B 143 22.94 -52.66 12.82
N GLY B 144 23.35 -53.07 11.62
CA GLY B 144 22.44 -53.59 10.60
C GLY B 144 21.46 -52.61 9.94
N ILE B 145 21.84 -51.34 9.86
CA ILE B 145 21.03 -50.37 9.11
C ILE B 145 20.80 -50.93 7.71
N ASP B 146 19.55 -51.09 7.31
CA ASP B 146 19.24 -51.63 5.97
C ASP B 146 18.11 -50.90 5.25
N TYR B 147 17.55 -49.82 5.83
CA TYR B 147 16.40 -49.15 5.24
C TYR B 147 16.54 -47.64 5.44
N TYR B 148 16.49 -46.90 4.33
CA TYR B 148 16.55 -45.47 4.32
C TYR B 148 15.26 -44.99 3.68
N MET B 149 14.49 -44.16 4.40
CA MET B 149 13.23 -43.67 3.83
C MET B 149 12.88 -42.21 4.05
N LEU B 150 12.11 -41.68 3.09
CA LEU B 150 11.52 -40.37 3.22
C LEU B 150 10.18 -40.47 3.89
N GLY B 151 9.93 -39.57 4.84
CA GLY B 151 8.61 -39.41 5.43
C GLY B 151 8.16 -40.50 6.38
N GLY B 152 9.11 -41.16 7.04
CA GLY B 152 8.77 -42.29 7.90
C GLY B 152 10.03 -42.95 8.43
N VAL B 153 9.84 -43.89 9.34
CA VAL B 153 10.93 -44.77 9.80
C VAL B 153 10.43 -46.21 9.63
N LYS B 154 11.20 -47.05 8.94
CA LYS B 154 10.81 -48.46 8.82
C LYS B 154 11.29 -49.24 10.05
N ARG B 155 10.31 -49.72 10.82
CA ARG B 155 10.55 -50.46 12.05
C ARG B 155 9.81 -51.80 11.95
N ALA B 156 10.53 -52.90 12.10
CA ALA B 156 10.00 -54.27 11.92
C ALA B 156 9.02 -54.41 10.75
N GLY B 157 9.47 -53.96 9.59
CA GLY B 157 8.67 -54.02 8.36
C GLY B 157 7.46 -53.09 8.22
N LYS B 158 7.17 -52.23 9.20
CA LYS B 158 6.04 -51.26 9.13
C LYS B 158 6.58 -49.82 9.15
N THR B 159 5.88 -48.94 8.44
CA THR B 159 6.19 -47.52 8.40
C THR B 159 5.68 -46.83 9.64
N ALA B 160 6.61 -46.31 10.46
CA ALA B 160 6.28 -45.56 11.67
C ALA B 160 6.47 -44.05 11.42
N PHE B 161 5.72 -43.26 12.18
CA PHE B 161 5.83 -41.80 12.22
C PHE B 161 5.60 -41.18 10.85
N GLY B 162 4.55 -41.62 10.16
CA GLY B 162 4.28 -41.20 8.78
C GLY B 162 4.07 -39.69 8.58
N PHE B 163 4.88 -39.12 7.69
CA PHE B 163 4.82 -37.70 7.36
C PHE B 163 3.69 -37.39 6.42
N ASN B 164 2.94 -36.33 6.74
CA ASN B 164 1.88 -35.79 5.86
C ASN B 164 2.26 -34.42 5.36
N GLY B 165 2.63 -34.35 4.08
CA GLY B 165 3.02 -33.08 3.46
C GLY B 165 3.90 -33.27 2.27
N THR B 166 4.62 -32.21 1.89
CA THR B 166 5.52 -32.26 0.74
C THR B 166 6.93 -31.98 1.24
N LEU B 167 7.86 -32.87 0.85
CA LEU B 167 9.27 -32.59 0.97
C LEU B 167 9.64 -31.85 -0.31
N GLU B 168 9.79 -30.52 -0.19
CA GLU B 168 10.06 -29.71 -1.37
C GLU B 168 11.47 -29.96 -1.87
N ASN B 169 12.40 -30.05 -0.93
CA ASN B 169 13.77 -30.43 -1.25
C ASN B 169 14.37 -31.12 -0.02
N ILE B 170 15.01 -32.24 -0.22
CA ILE B 170 15.74 -32.91 0.85
C ILE B 170 17.12 -33.29 0.34
N LYS B 171 18.13 -32.96 1.13
CA LYS B 171 19.53 -33.24 0.82
C LYS B 171 20.15 -34.04 1.97
N PHE B 172 20.83 -35.14 1.62
CA PHE B 172 21.60 -35.91 2.56
C PHE B 172 23.06 -35.72 2.22
N PHE B 173 23.85 -35.37 3.22
CA PHE B 173 25.30 -35.31 3.11
C PHE B 173 25.93 -36.33 4.03
N ASN B 174 27.07 -36.89 3.61
CA ASN B 174 27.80 -37.85 4.45
C ASN B 174 28.95 -37.21 5.27
N SER B 175 28.74 -35.97 5.69
CA SER B 175 29.66 -35.33 6.62
C SER B 175 28.88 -34.34 7.47
N ALA B 176 29.53 -33.84 8.51
CA ALA B 176 28.96 -32.85 9.39
C ALA B 176 29.24 -31.48 8.79
N LEU B 177 28.23 -30.81 8.25
CA LEU B 177 28.44 -29.48 7.67
C LEU B 177 28.65 -28.46 8.81
N ASP B 178 29.42 -27.39 8.56
CA ASP B 178 29.69 -26.38 9.61
C ASP B 178 28.45 -25.56 9.89
N GLU B 179 28.45 -24.93 11.07
CA GLU B 179 27.28 -24.19 11.56
C GLU B 179 26.80 -23.09 10.62
N GLU B 180 27.74 -22.28 10.13
CA GLU B 180 27.39 -21.15 9.26
C GLU B 180 26.78 -21.60 7.95
N THR B 181 27.32 -22.67 7.39
CA THR B 181 26.76 -23.24 6.17
C THR B 181 25.30 -23.66 6.40
N VAL B 182 25.05 -24.39 7.48
CA VAL B 182 23.71 -24.93 7.71
C VAL B 182 22.74 -23.83 8.05
N LYS B 183 23.16 -22.82 8.81
CA LYS B 183 22.32 -21.65 9.07
C LYS B 183 21.89 -20.99 7.78
N LYS B 184 22.85 -20.76 6.90
CA LYS B 184 22.54 -20.20 5.59
C LYS B 184 21.61 -21.11 4.78
N MET B 185 21.86 -22.43 4.80
CA MET B 185 21.04 -23.36 4.03
C MET B 185 19.60 -23.40 4.52
N THR B 186 19.39 -23.21 5.83
CA THR B 186 18.03 -23.25 6.38
C THR B 186 17.33 -21.89 6.42
N THR B 187 18.02 -20.82 5.98
CA THR B 187 17.45 -19.49 5.93
C THR B 187 16.42 -19.45 4.82
N ASN B 188 15.27 -18.87 5.11
CA ASN B 188 14.16 -18.83 4.19
C ASN B 188 13.24 -17.65 4.52
N ALA B 189 12.03 -17.61 3.95
CA ALA B 189 11.11 -16.50 4.22
C ALA B 189 10.76 -16.38 5.70
N VAL B 190 10.76 -17.48 6.43
CA VAL B 190 10.43 -17.44 7.88
C VAL B 190 11.47 -16.63 8.70
N THR B 191 12.74 -16.81 8.36
CA THR B 191 13.85 -16.11 9.01
C THR B 191 13.66 -14.59 9.03
N GLY B 192 13.16 -14.03 7.92
CA GLY B 192 12.91 -12.61 7.84
C GLY B 192 11.82 -12.04 8.75
N HIS B 193 11.06 -12.89 9.42
CA HIS B 193 10.08 -12.42 10.41
C HIS B 193 10.62 -12.15 11.82
N LEU B 194 11.92 -12.35 12.04
CA LEU B 194 12.51 -12.04 13.34
C LEU B 194 13.07 -10.64 13.28
N ILE B 195 12.57 -9.75 14.11
CA ILE B 195 13.19 -8.41 14.25
C ILE B 195 14.39 -8.42 15.21
N TYR B 196 14.16 -9.06 16.36
CA TYR B 196 15.19 -9.30 17.36
C TYR B 196 15.68 -10.74 17.20
N THR B 197 17.00 -10.91 17.16
CA THR B 197 17.59 -12.24 17.07
C THR B 197 18.69 -12.39 18.07
N ALA B 198 18.96 -13.65 18.37
CA ALA B 198 19.95 -14.01 19.35
C ALA B 198 21.34 -13.49 18.97
N ASN B 199 21.95 -12.80 19.91
CA ASN B 199 23.24 -12.17 19.72
C ASN B 199 23.31 -11.23 18.50
N ASP B 200 22.23 -10.49 18.29
CA ASP B 200 22.25 -9.33 17.40
C ASP B 200 22.92 -8.14 18.15
N THR B 201 22.63 -6.92 17.74
CA THR B 201 23.22 -5.73 18.36
C THR B 201 22.80 -5.47 19.82
N THR B 202 21.84 -6.23 20.37
CA THR B 202 21.50 -6.13 21.79
C THR B 202 22.44 -6.92 22.65
N GLY B 203 23.13 -7.88 22.04
CA GLY B 203 23.96 -8.82 22.79
C GLY B 203 23.19 -9.93 23.48
N SER B 204 21.87 -9.94 23.38
CA SER B 204 21.05 -10.89 24.13
C SER B 204 20.74 -12.10 23.29
N ASN B 205 20.70 -13.25 23.94
CA ASN B 205 20.27 -14.46 23.26
C ASN B 205 18.77 -14.63 23.32
N TYR B 206 18.08 -13.92 24.21
CA TYR B 206 16.66 -14.15 24.44
C TYR B 206 15.87 -12.86 24.51
N PHE B 207 14.58 -12.99 24.19
CA PHE B 207 13.64 -11.87 24.22
C PHE B 207 12.30 -12.34 24.69
N ARG B 208 11.55 -11.38 25.26
CA ARG B 208 10.17 -11.55 25.61
C ARG B 208 9.46 -10.16 25.63
N ILE B 209 8.14 -10.16 25.76
CA ILE B 209 7.35 -8.94 25.95
C ILE B 209 7.48 -7.92 24.78
N PRO B 210 7.08 -8.31 23.57
CA PRO B 210 7.13 -7.36 22.45
C PRO B 210 6.04 -6.29 22.54
N VAL B 211 6.35 -5.10 22.01
CA VAL B 211 5.39 -4.01 21.87
C VAL B 211 5.56 -3.34 20.50
N LEU B 212 4.45 -3.14 19.81
CA LEU B 212 4.38 -2.45 18.54
C LEU B 212 3.57 -1.17 18.69
N TYR B 213 4.04 -0.12 18.04
CA TYR B 213 3.27 1.13 17.97
C TYR B 213 3.55 1.81 16.64
N THR B 214 2.52 2.40 16.05
CA THR B 214 2.68 3.14 14.80
C THR B 214 2.54 4.63 15.12
N PHE B 215 3.56 5.40 14.78
CA PHE B 215 3.55 6.84 15.05
C PHE B 215 2.83 7.59 13.94
N SER B 216 2.41 8.81 14.26
CA SER B 216 1.63 9.68 13.36
C SER B 216 2.33 9.92 12.03
N ASN B 217 3.66 9.90 12.02
CA ASN B 217 4.41 10.12 10.78
C ASN B 217 4.62 8.84 9.91
N GLY B 218 4.01 7.71 10.27
CA GLY B 218 4.14 6.48 9.50
C GLY B 218 5.22 5.51 9.97
N ARG B 219 6.08 5.91 10.90
CA ARG B 219 7.11 5.01 11.40
C ARG B 219 6.45 3.96 12.27
N VAL B 220 6.84 2.70 12.06
CA VAL B 220 6.41 1.60 12.89
C VAL B 220 7.54 1.27 13.86
N PHE B 221 7.21 1.28 15.14
CA PHE B 221 8.19 1.19 16.21
C PHE B 221 7.96 -0.04 17.07
N SER B 222 9.05 -0.70 17.46
CA SER B 222 8.96 -1.82 18.38
C SER B 222 9.88 -1.63 19.58
N SER B 223 9.40 -2.11 20.71
CA SER B 223 10.25 -2.37 21.87
C SER B 223 10.05 -3.78 22.39
N ILE B 224 10.99 -4.25 23.18
CA ILE B 224 10.94 -5.61 23.69
C ILE B 224 11.84 -5.76 24.94
N ASP B 225 11.55 -6.72 25.81
CA ASP B 225 12.54 -7.14 26.83
C ASP B 225 13.66 -7.91 26.15
N ALA B 226 14.89 -7.45 26.31
CA ALA B 226 16.06 -8.25 26.00
C ALA B 226 16.47 -8.92 27.30
N ARG B 227 16.20 -10.23 27.42
CA ARG B 227 16.44 -10.98 28.65
C ARG B 227 17.70 -11.80 28.48
N TYR B 228 18.73 -11.49 29.27
CA TYR B 228 20.05 -12.01 28.98
C TYR B 228 20.29 -13.35 29.61
N GLY B 229 19.82 -13.53 30.84
CA GLY B 229 20.02 -14.80 31.57
C GLY B 229 18.80 -15.71 31.44
N GLY B 230 18.59 -16.20 30.23
CA GLY B 230 17.38 -16.92 29.89
C GLY B 230 16.20 -16.00 29.81
N THR B 231 15.01 -16.58 29.79
CA THR B 231 13.75 -15.87 29.64
C THR B 231 13.06 -15.64 30.96
N HIS B 232 13.69 -16.00 32.07
CA HIS B 232 13.12 -15.77 33.40
C HIS B 232 12.60 -14.34 33.54
N ASP B 233 11.42 -14.20 34.15
CA ASP B 233 10.85 -12.89 34.52
C ASP B 233 11.76 -12.24 35.54
N PHE B 234 12.10 -13.04 36.54
CA PHE B 234 13.01 -12.68 37.62
C PHE B 234 13.62 -13.95 38.26
N LEU B 235 14.80 -13.86 38.87
CA LEU B 235 15.72 -12.73 38.77
C LEU B 235 16.38 -12.82 37.41
N ASN B 236 16.72 -11.67 36.85
CA ASN B 236 17.37 -11.63 35.55
C ASN B 236 18.07 -10.29 35.35
N LYS B 237 18.77 -10.18 34.22
CA LYS B 237 19.27 -8.95 33.68
C LYS B 237 18.45 -8.70 32.41
N ILE B 238 17.63 -7.66 32.46
CA ILE B 238 16.76 -7.31 31.34
C ILE B 238 16.99 -5.84 30.96
N ASN B 239 17.13 -5.59 29.66
CA ASN B 239 17.13 -4.25 29.07
C ASN B 239 15.91 -4.15 28.17
N ILE B 240 15.49 -2.91 27.88
CA ILE B 240 14.48 -2.67 26.85
C ILE B 240 15.22 -2.27 25.58
N ALA B 241 15.04 -3.11 24.54
CA ALA B 241 15.63 -2.89 23.23
C ALA B 241 14.55 -2.33 22.33
N THR B 242 14.98 -1.58 21.31
CA THR B 242 14.04 -1.03 20.31
C THR B 242 14.56 -1.18 18.88
N SER B 243 13.62 -1.15 17.95
CA SER B 243 13.90 -1.24 16.50
C SER B 243 12.71 -0.66 15.77
N TYR B 244 12.96 -0.04 14.61
CA TYR B 244 11.86 0.62 13.92
C TYR B 244 11.95 0.45 12.43
N SER B 245 10.80 0.64 11.77
CA SER B 245 10.67 0.51 10.33
C SER B 245 10.03 1.76 9.75
N ASP B 246 10.63 2.27 8.68
CA ASP B 246 10.03 3.36 7.90
C ASP B 246 9.48 2.90 6.54
N ASP B 247 9.29 1.60 6.35
CA ASP B 247 8.68 1.09 5.13
C ASP B 247 7.58 0.07 5.44
N ASN B 248 6.67 0.45 6.34
CA ASN B 248 5.50 -0.37 6.68
C ASN B 248 5.84 -1.78 7.19
N GLY B 249 6.99 -1.91 7.86
CA GLY B 249 7.38 -3.13 8.53
C GLY B 249 8.14 -4.13 7.68
N LYS B 250 8.54 -3.73 6.47
CA LYS B 250 9.31 -4.60 5.61
C LYS B 250 10.75 -4.74 6.09
N THR B 251 11.37 -3.62 6.47
CA THR B 251 12.74 -3.64 7.01
C THR B 251 12.83 -2.86 8.32
N TRP B 252 13.71 -3.34 9.19
CA TRP B 252 13.82 -2.82 10.52
C TRP B 252 15.23 -2.43 10.82
N THR B 253 15.41 -1.41 11.65
CA THR B 253 16.74 -1.03 12.10
C THR B 253 17.35 -2.14 12.96
N LYS B 254 18.68 -2.12 13.01
CA LYS B 254 19.43 -2.98 13.91
C LYS B 254 19.06 -2.55 15.33
N PRO B 255 18.70 -3.51 16.17
CA PRO B 255 18.21 -3.09 17.48
C PRO B 255 19.23 -2.32 18.31
N LYS B 256 18.71 -1.35 19.07
CA LYS B 256 19.48 -0.56 20.01
C LYS B 256 19.02 -0.84 21.45
N LEU B 257 19.92 -0.75 22.43
CA LEU B 257 19.54 -0.81 23.84
C LEU B 257 19.09 0.57 24.25
N THR B 258 17.82 0.70 24.63
CA THR B 258 17.23 1.99 24.88
C THR B 258 17.08 2.24 26.39
N LEU B 259 16.63 1.26 27.16
CA LEU B 259 16.68 1.32 28.63
C LEU B 259 17.56 0.17 29.09
N ALA B 260 18.72 0.49 29.64
CA ALA B 260 19.69 -0.53 30.03
C ALA B 260 20.49 -0.07 31.23
N PHE B 261 20.76 -1.01 32.13
CA PHE B 261 21.79 -0.80 33.15
C PHE B 261 23.07 -1.49 32.70
N ASP B 262 24.21 -1.10 33.27
CA ASP B 262 25.49 -1.70 32.90
C ASP B 262 26.27 -2.27 34.07
N ASP B 263 25.56 -2.60 35.16
CA ASP B 263 26.17 -3.34 36.26
C ASP B 263 26.59 -4.76 35.85
N PHE B 264 25.90 -5.31 34.86
CA PHE B 264 26.19 -6.61 34.22
C PHE B 264 26.28 -6.34 32.73
N ALA B 265 27.26 -6.97 32.09
CA ALA B 265 27.49 -6.80 30.68
C ALA B 265 26.36 -7.48 29.87
N PRO B 266 25.86 -6.80 28.83
CA PRO B 266 24.81 -7.38 27.97
C PRO B 266 25.39 -8.38 26.96
N VAL B 267 25.54 -9.61 27.40
CA VAL B 267 26.33 -10.61 26.67
C VAL B 267 25.46 -11.79 26.33
N PRO B 268 25.79 -12.48 25.23
CA PRO B 268 25.08 -13.70 24.88
C PRO B 268 25.45 -14.82 25.82
N LEU B 269 24.44 -15.39 26.48
CA LEU B 269 24.64 -16.46 27.46
C LEU B 269 23.92 -17.69 26.98
N GLU B 270 24.58 -18.84 27.06
CA GLU B 270 23.95 -20.11 26.79
C GLU B 270 23.26 -20.61 28.04
N TRP B 271 22.00 -20.20 28.24
CA TRP B 271 21.31 -20.60 29.46
C TRP B 271 20.92 -22.07 29.34
N PRO B 272 21.17 -22.83 30.40
CA PRO B 272 20.84 -24.26 30.31
C PRO B 272 19.34 -24.52 30.27
N ARG B 273 18.96 -25.53 29.50
CA ARG B 273 17.58 -25.95 29.36
C ARG B 273 17.26 -27.28 30.04
N GLU B 274 18.25 -27.95 30.63
CA GLU B 274 18.02 -29.22 31.33
C GLU B 274 17.16 -28.98 32.56
N VAL B 275 16.43 -30.02 32.96
CA VAL B 275 15.70 -30.01 34.22
C VAL B 275 16.69 -29.59 35.32
N GLY B 276 16.26 -28.72 36.23
CA GLY B 276 17.12 -28.28 37.33
C GLY B 276 17.96 -27.09 36.93
N GLY B 277 18.93 -27.31 36.03
CA GLY B 277 19.74 -26.25 35.42
C GLY B 277 18.96 -25.05 34.87
N ARG B 278 17.80 -25.30 34.27
CA ARG B 278 16.96 -24.22 33.73
C ARG B 278 16.38 -23.27 34.79
N ASP B 279 16.34 -23.70 36.05
CA ASP B 279 15.92 -22.84 37.16
C ASP B 279 16.97 -21.82 37.59
N LEU B 280 18.23 -22.01 37.19
CA LEU B 280 19.29 -21.06 37.51
C LEU B 280 18.93 -19.66 37.02
N GLN B 281 19.26 -18.66 37.84
CA GLN B 281 19.03 -17.25 37.51
C GLN B 281 20.24 -16.33 37.72
N ILE B 282 20.33 -15.30 36.89
CA ILE B 282 21.21 -14.14 37.22
C ILE B 282 20.58 -13.41 38.40
N SER B 283 21.27 -13.38 39.52
CA SER B 283 20.68 -12.87 40.78
C SER B 283 20.94 -11.41 41.16
N GLY B 284 22.02 -10.81 40.65
CA GLY B 284 22.51 -9.54 41.19
C GLY B 284 22.41 -8.33 40.26
N GLY B 285 21.44 -8.35 39.32
CA GLY B 285 21.42 -7.40 38.17
C GLY B 285 20.24 -6.45 38.12
N ALA B 286 20.51 -5.14 38.05
CA ALA B 286 19.47 -4.12 37.85
C ALA B 286 18.73 -4.33 36.53
N THR B 287 17.42 -4.12 36.54
CA THR B 287 16.54 -4.53 35.47
C THR B 287 15.53 -3.44 35.08
N TYR B 288 15.32 -3.32 33.77
CA TYR B 288 14.13 -2.75 33.21
C TYR B 288 13.29 -3.88 32.61
N ILE B 289 11.97 -3.81 32.79
CA ILE B 289 11.08 -4.88 32.33
C ILE B 289 9.69 -4.34 32.05
N ASP B 290 9.05 -4.89 31.00
CA ASP B 290 7.64 -4.65 30.68
C ASP B 290 7.40 -3.22 30.19
N SER B 291 7.66 -3.00 28.90
CA SER B 291 7.56 -1.66 28.33
C SER B 291 6.14 -1.26 27.91
N VAL B 292 5.90 0.05 27.90
CA VAL B 292 4.65 0.63 27.41
C VAL B 292 4.96 1.86 26.58
N ILE B 293 4.31 2.01 25.42
CA ILE B 293 4.56 3.15 24.53
C ILE B 293 3.28 3.95 24.28
N VAL B 294 3.42 5.28 24.21
CA VAL B 294 2.36 6.13 23.69
C VAL B 294 2.92 7.39 23.03
N GLU B 295 2.27 7.84 21.96
CA GLU B 295 2.61 9.10 21.30
C GLU B 295 1.64 10.18 21.79
N LYS B 296 2.20 11.29 22.26
CA LYS B 296 1.41 12.43 22.71
C LYS B 296 0.83 13.22 21.52
N LYS B 297 -0.16 14.08 21.80
CA LYS B 297 -0.79 14.93 20.79
C LYS B 297 0.25 15.74 20.02
N ASN B 298 1.23 16.27 20.73
CA ASN B 298 2.33 17.03 20.12
C ASN B 298 3.44 16.20 19.44
N LYS B 299 3.23 14.89 19.26
CA LYS B 299 4.17 13.97 18.56
C LYS B 299 5.38 13.52 19.38
N GLN B 300 5.51 14.01 20.62
CA GLN B 300 6.50 13.47 21.53
C GLN B 300 6.10 12.02 21.85
N VAL B 301 7.08 11.13 21.90
CA VAL B 301 6.81 9.72 22.24
C VAL B 301 7.32 9.48 23.66
N LEU B 302 6.47 8.86 24.48
CA LEU B 302 6.83 8.34 25.80
C LEU B 302 7.01 6.82 25.78
N MET B 303 8.06 6.34 26.46
CA MET B 303 8.19 4.93 26.81
C MET B 303 8.34 4.77 28.32
N PHE B 304 7.50 3.91 28.90
CA PHE B 304 7.56 3.56 30.32
C PHE B 304 8.11 2.16 30.45
N ALA B 305 8.75 1.89 31.58
CA ALA B 305 9.08 0.49 31.95
C ALA B 305 9.16 0.36 33.46
N ASP B 306 9.00 -0.86 33.96
CA ASP B 306 9.27 -1.16 35.38
C ASP B 306 10.77 -1.10 35.59
N VAL B 307 11.18 -0.66 36.78
CA VAL B 307 12.60 -0.66 37.18
C VAL B 307 12.74 -1.49 38.43
N MET B 308 13.66 -2.44 38.42
CA MET B 308 13.96 -3.23 39.60
C MET B 308 15.44 -3.09 39.94
N PRO B 309 15.75 -2.68 41.18
CA PRO B 309 17.15 -2.75 41.61
C PRO B 309 17.71 -4.15 41.59
N ALA B 310 19.04 -4.25 41.58
CA ALA B 310 19.69 -5.55 41.66
C ALA B 310 19.11 -6.29 42.84
N GLY B 311 18.69 -7.55 42.63
CA GLY B 311 18.20 -8.41 43.73
C GLY B 311 16.71 -8.25 44.03
N VAL B 312 15.99 -7.49 43.21
CA VAL B 312 14.56 -7.19 43.40
C VAL B 312 13.70 -7.74 42.28
N SER B 313 12.52 -8.22 42.62
CA SER B 313 11.59 -8.65 41.61
C SER B 313 10.13 -8.41 42.02
N PHE B 314 9.23 -8.78 41.12
CA PHE B 314 7.79 -8.84 41.48
C PHE B 314 7.57 -9.60 42.85
N ARG B 315 8.23 -10.74 43.04
CA ARG B 315 8.06 -11.54 44.28
C ARG B 315 8.75 -10.97 45.53
N GLU B 316 9.97 -10.47 45.36
CA GLU B 316 10.81 -10.06 46.50
C GLU B 316 10.49 -8.67 47.05
N ALA B 317 10.22 -7.73 46.16
CA ALA B 317 9.99 -6.31 46.54
C ALA B 317 9.13 -6.02 47.82
N THR B 318 9.56 -5.11 48.70
CA THR B 318 8.71 -4.62 49.81
C THR B 318 7.54 -3.83 49.23
N ARG B 319 6.35 -4.16 49.74
CA ARG B 319 5.11 -3.52 49.34
C ARG B 319 4.76 -2.30 50.18
N LYS B 320 5.52 -2.05 51.25
CA LYS B 320 5.19 -1.01 52.25
C LYS B 320 6.07 0.24 52.20
N ASP B 321 6.87 0.39 51.15
CA ASP B 321 7.76 1.55 51.05
C ASP B 321 7.88 1.93 49.59
N SER B 322 7.57 3.20 49.29
CA SER B 322 7.63 3.72 47.93
C SER B 322 9.05 3.99 47.45
N GLY B 323 9.99 4.15 48.39
CA GLY B 323 11.32 4.60 48.07
C GLY B 323 11.45 6.11 48.07
N TYR B 324 10.40 6.82 48.48
CA TYR B 324 10.41 8.28 48.53
C TYR B 324 10.17 8.78 49.93
N LYS B 325 10.66 10.00 50.20
CA LYS B 325 10.27 10.80 51.35
C LYS B 325 9.57 12.07 50.86
N GLN B 326 8.74 12.63 51.73
CA GLN B 326 8.13 13.94 51.50
C GLN B 326 8.79 14.94 52.42
N ILE B 327 9.36 16.00 51.85
CA ILE B 327 10.05 17.04 52.62
C ILE B 327 9.59 18.38 52.05
N ASP B 328 9.07 19.27 52.90
CA ASP B 328 8.53 20.56 52.44
C ASP B 328 7.57 20.39 51.28
N GLY B 329 6.68 19.41 51.40
CA GLY B 329 5.71 19.12 50.35
C GLY B 329 6.25 18.62 49.01
N ASN B 330 7.52 18.24 48.92
CA ASN B 330 8.08 17.67 47.70
C ASN B 330 8.43 16.22 47.91
N TYR B 331 8.34 15.43 46.83
CA TYR B 331 8.66 14.02 46.87
C TYR B 331 10.08 13.79 46.38
N TYR B 332 10.94 13.30 47.26
CA TYR B 332 12.34 13.02 46.89
C TYR B 332 12.66 11.54 47.04
N LEU B 333 13.40 11.01 46.09
CA LEU B 333 13.83 9.62 46.13
C LEU B 333 14.86 9.50 47.26
N LYS B 334 14.65 8.54 48.14
CA LYS B 334 15.52 8.40 49.31
C LYS B 334 16.63 7.39 49.09
N LEU B 335 17.71 7.54 49.86
CA LEU B 335 18.88 6.68 49.73
C LEU B 335 19.41 6.22 51.07
N ARG B 336 19.97 5.01 51.10
CA ARG B 336 20.66 4.49 52.29
C ARG B 336 22.12 4.35 51.97
N LYS B 337 22.93 4.99 52.79
CA LYS B 337 24.38 4.89 52.65
C LYS B 337 24.87 3.61 53.29
N GLN B 338 25.81 2.94 52.63
CA GLN B 338 26.43 1.73 53.15
C GLN B 338 26.86 1.92 54.59
N GLY B 339 26.54 0.95 55.44
CA GLY B 339 26.84 1.04 56.86
C GLY B 339 25.69 1.57 57.68
N ASP B 340 24.79 2.34 57.07
CA ASP B 340 23.61 2.83 57.80
C ASP B 340 22.51 1.81 57.78
N THR B 341 21.62 1.91 58.76
CA THR B 341 20.40 1.10 58.83
C THR B 341 19.20 1.90 58.30
N ASP B 342 19.19 3.21 58.57
CA ASP B 342 18.13 4.08 58.09
C ASP B 342 18.48 4.61 56.72
N TYR B 343 17.45 5.11 56.04
CA TYR B 343 17.60 5.90 54.83
C TYR B 343 17.73 7.37 55.26
N ASN B 344 18.97 7.87 55.34
CA ASN B 344 19.23 9.24 55.83
C ASN B 344 19.46 10.31 54.75
N TYR B 345 19.26 9.94 53.49
CA TYR B 345 19.59 10.83 52.39
C TYR B 345 18.47 10.92 51.36
N THR B 346 18.40 12.05 50.67
CA THR B 346 17.47 12.27 49.57
C THR B 346 18.18 12.91 48.40
N ILE B 347 17.71 12.57 47.19
CA ILE B 347 18.16 13.21 45.96
C ILE B 347 17.23 14.40 45.75
N ARG B 348 17.79 15.61 45.82
CA ARG B 348 16.99 16.81 45.70
C ARG B 348 17.33 17.58 44.41
N GLU B 349 17.15 18.90 44.38
N GLU B 349 17.22 18.92 44.42
CA GLU B 349 17.30 19.69 43.16
CA GLU B 349 17.42 19.77 43.24
C GLU B 349 18.71 19.50 42.55
C GLU B 349 18.75 19.50 42.57
N ASN B 350 18.75 19.40 41.22
CA ASN B 350 19.98 19.16 40.43
C ASN B 350 20.71 17.84 40.74
N GLY B 351 19.97 16.87 41.28
CA GLY B 351 20.53 15.62 41.72
C GLY B 351 21.42 15.66 42.95
N THR B 352 21.45 16.78 43.68
CA THR B 352 22.27 16.89 44.88
C THR B 352 21.73 15.94 45.95
N VAL B 353 22.62 15.15 46.55
CA VAL B 353 22.27 14.27 47.66
C VAL B 353 22.38 15.05 48.96
N TYR B 354 21.24 15.15 49.67
CA TYR B 354 21.14 15.80 50.95
C TYR B 354 21.17 14.80 52.10
N ASP B 355 21.75 15.21 53.22
CA ASP B 355 21.62 14.50 54.46
C ASP B 355 20.39 15.05 55.15
N ASP B 356 19.38 14.20 55.33
CA ASP B 356 18.08 14.65 55.87
C ASP B 356 18.14 14.93 57.35
N ARG B 357 19.15 14.39 58.04
CA ARG B 357 19.36 14.66 59.45
C ARG B 357 19.80 16.11 59.69
N THR B 358 20.66 16.62 58.80
CA THR B 358 21.19 17.99 58.86
C THR B 358 20.57 18.95 57.85
N ASN B 359 19.87 18.40 56.88
CA ASN B 359 19.20 19.16 55.83
C ASN B 359 20.17 20.04 55.03
N ARG B 360 21.32 19.44 54.70
CA ARG B 360 22.40 20.13 54.01
C ARG B 360 22.87 19.29 52.86
N PRO B 361 23.34 19.94 51.79
CA PRO B 361 23.86 19.12 50.68
C PRO B 361 25.16 18.39 51.09
N THR B 362 25.37 17.19 50.55
CA THR B 362 26.59 16.42 50.78
C THR B 362 27.53 16.68 49.60
N GLU B 363 28.67 15.98 49.62
CA GLU B 363 29.60 15.95 48.48
C GLU B 363 29.06 15.16 47.29
N PHE B 364 27.96 14.44 47.47
CA PHE B 364 27.50 13.49 46.48
C PHE B 364 26.35 14.04 45.63
N SER B 365 26.32 13.61 44.38
CA SER B 365 25.19 13.90 43.50
C SER B 365 24.86 12.70 42.64
N VAL B 366 23.66 12.72 42.08
CA VAL B 366 23.16 11.64 41.23
C VAL B 366 22.72 12.28 39.93
N ASP B 367 23.30 11.84 38.82
CA ASP B 367 22.96 12.42 37.50
C ASP B 367 21.63 11.83 37.03
N LYS B 368 21.18 12.27 35.87
CA LYS B 368 19.83 11.92 35.42
C LYS B 368 19.69 10.47 34.94
N ASN B 369 20.82 9.77 34.75
CA ASN B 369 20.86 8.31 34.47
C ASN B 369 21.23 7.49 35.69
N PHE B 370 21.00 8.05 36.88
CA PHE B 370 21.13 7.36 38.16
C PHE B 370 22.56 7.11 38.65
N GLY B 371 23.55 7.74 37.99
CA GLY B 371 24.94 7.57 38.33
C GLY B 371 25.38 8.51 39.44
N ILE B 372 26.28 8.03 40.31
CA ILE B 372 26.69 8.75 41.50
C ILE B 372 28.04 9.45 41.30
N LYS B 373 28.08 10.75 41.61
CA LYS B 373 29.32 11.55 41.62
C LYS B 373 29.68 11.97 43.02
N GLN B 374 30.97 12.15 43.27
CA GLN B 374 31.45 12.73 44.50
C GLN B 374 32.35 13.89 44.12
N ASN B 375 32.05 15.08 44.64
CA ASN B 375 32.74 16.32 44.26
C ASN B 375 32.83 16.51 42.75
N GLY B 376 31.74 16.21 42.05
CA GLY B 376 31.70 16.37 40.61
C GLY B 376 32.33 15.25 39.77
N ASN B 377 32.92 14.24 40.41
CA ASN B 377 33.58 13.13 39.71
C ASN B 377 32.82 11.84 39.93
N TYR B 378 32.66 11.06 38.86
CA TYR B 378 31.96 9.79 38.94
C TYR B 378 32.65 8.78 39.82
N LEU B 379 31.88 8.15 40.69
CA LEU B 379 32.34 6.95 41.41
C LEU B 379 32.07 5.78 40.51
N THR B 380 32.89 4.76 40.61
CA THR B 380 32.76 3.61 39.72
C THR B 380 32.63 2.36 40.54
N VAL B 381 32.08 1.34 39.90
CA VAL B 381 32.16 -0.03 40.40
C VAL B 381 32.53 -0.91 39.24
N GLU B 382 32.88 -2.15 39.54
CA GLU B 382 33.28 -3.07 38.54
C GLU B 382 32.09 -3.89 38.06
N GLN B 383 31.99 -4.00 36.74
CA GLN B 383 30.90 -4.70 36.09
C GLN B 383 31.06 -6.20 36.29
N TYR B 384 29.93 -6.90 36.30
CA TYR B 384 29.87 -8.35 36.34
C TYR B 384 29.65 -8.95 34.97
N SER B 385 30.28 -10.08 34.74
CA SER B 385 29.90 -10.98 33.64
C SER B 385 29.37 -12.26 34.28
N VAL B 386 28.79 -13.11 33.45
CA VAL B 386 28.31 -14.41 33.88
C VAL B 386 29.02 -15.45 33.01
N SER B 387 29.33 -16.62 33.59
CA SER B 387 29.96 -17.74 32.89
C SER B 387 29.47 -19.08 33.42
N PHE B 388 29.62 -20.14 32.60
CA PHE B 388 29.23 -21.53 32.93
C PHE B 388 30.39 -22.55 32.88
N GLU B 389 30.51 -23.42 33.88
CA GLU B 389 31.60 -24.43 33.97
C GLU B 389 31.09 -25.86 33.87
N ASN B 390 30.73 -26.51 34.98
CA ASN B 390 30.28 -27.89 34.94
C ASN B 390 28.82 -27.85 35.34
N ASN B 391 28.01 -27.41 34.37
CA ASN B 391 26.64 -26.95 34.62
C ASN B 391 26.53 -25.93 35.77
N LYS B 392 27.63 -25.25 36.12
CA LYS B 392 27.71 -24.33 37.27
C LYS B 392 27.85 -22.89 36.78
N LYS B 393 27.11 -21.99 37.38
CA LYS B 393 27.06 -20.60 36.97
C LYS B 393 27.96 -19.82 37.90
N THR B 394 28.71 -18.86 37.35
CA THR B 394 29.48 -17.93 38.15
C THR B 394 29.19 -16.52 37.68
N GLU B 395 29.08 -15.60 38.63
CA GLU B 395 28.98 -14.19 38.33
C GLU B 395 30.25 -13.56 38.85
N TYR B 396 30.97 -12.84 37.99
CA TYR B 396 32.33 -12.38 38.34
C TYR B 396 32.63 -10.97 37.84
N ARG B 397 33.44 -10.25 38.59
CA ARG B 397 33.93 -8.94 38.18
C ARG B 397 34.84 -9.09 36.98
N ASN B 398 34.53 -8.34 35.93
CA ASN B 398 35.08 -8.63 34.60
C ASN B 398 36.15 -7.64 34.10
N GLY B 399 36.61 -6.75 34.97
CA GLY B 399 37.64 -5.76 34.62
C GLY B 399 37.12 -4.42 34.07
N THR B 400 35.86 -4.34 33.68
CA THR B 400 35.29 -3.08 33.18
C THR B 400 34.84 -2.23 34.36
N LYS B 401 35.17 -0.95 34.34
CA LYS B 401 34.68 -0.01 35.34
C LYS B 401 33.50 0.73 34.73
N VAL B 402 32.38 0.76 35.43
CA VAL B 402 31.19 1.52 35.01
C VAL B 402 30.83 2.47 36.14
N HIS B 403 29.98 3.46 35.83
CA HIS B 403 29.52 4.38 36.82
C HIS B 403 28.76 3.67 37.91
N MET B 404 29.05 4.05 39.14
CA MET B 404 28.30 3.57 40.28
C MET B 404 26.90 4.13 40.10
N ASN B 405 25.89 3.31 40.40
CA ASN B 405 24.50 3.63 40.14
C ASN B 405 23.70 3.22 41.37
N ILE B 406 22.73 4.04 41.74
CA ILE B 406 21.88 3.81 42.90
C ILE B 406 21.03 2.52 42.87
N PHE B 407 20.82 1.97 41.67
CA PHE B 407 20.16 0.68 41.48
C PHE B 407 21.06 -0.54 41.55
N TYR B 408 22.36 -0.36 41.78
CA TYR B 408 23.29 -1.49 41.78
C TYR B 408 23.50 -2.03 43.17
N LYS B 409 23.81 -3.32 43.24
CA LYS B 409 24.16 -4.00 44.48
C LYS B 409 25.46 -3.45 45.14
N ASP B 410 26.42 -2.96 44.33
CA ASP B 410 27.69 -2.44 44.84
C ASP B 410 27.71 -0.92 45.10
N ALA B 411 26.55 -0.29 45.15
CA ALA B 411 26.50 1.17 45.28
C ALA B 411 26.73 1.62 46.72
N LEU B 412 27.40 2.75 46.86
CA LEU B 412 27.62 3.41 48.17
C LEU B 412 26.31 3.97 48.72
N PHE B 413 25.43 4.41 47.82
CA PHE B 413 24.06 4.83 48.15
C PHE B 413 23.08 4.02 47.33
N LYS B 414 22.03 3.53 47.98
CA LYS B 414 21.11 2.60 47.39
C LYS B 414 19.69 3.00 47.64
N VAL B 415 18.86 2.80 46.62
CA VAL B 415 17.44 2.95 46.74
C VAL B 415 16.83 1.82 47.57
N VAL B 416 15.61 2.06 48.00
CA VAL B 416 14.79 1.02 48.64
C VAL B 416 14.67 -0.15 47.66
N PRO B 417 14.81 -1.40 48.16
CA PRO B 417 14.64 -2.58 47.31
C PRO B 417 13.17 -2.86 47.00
N THR B 418 12.64 -2.11 46.06
CA THR B 418 11.25 -2.24 45.62
C THR B 418 11.24 -1.88 44.14
N ASN B 419 10.08 -2.00 43.51
CA ASN B 419 9.95 -1.74 42.09
C ASN B 419 9.59 -0.26 41.88
N TYR B 420 9.99 0.28 40.75
CA TYR B 420 9.64 1.65 40.37
C TYR B 420 9.12 1.60 38.93
N ILE B 421 8.67 2.76 38.46
CA ILE B 421 8.35 2.97 37.04
C ILE B 421 9.16 4.14 36.57
N ALA B 422 9.81 3.98 35.44
CA ALA B 422 10.51 5.06 34.77
C ALA B 422 9.89 5.32 33.43
N TYR B 423 10.01 6.55 32.96
CA TYR B 423 9.70 6.90 31.57
C TYR B 423 10.73 7.81 30.96
N ILE B 424 10.85 7.67 29.66
CA ILE B 424 11.70 8.49 28.83
C ILE B 424 10.89 9.07 27.69
N SER B 425 11.36 10.17 27.13
CA SER B 425 10.67 10.82 26.02
C SER B 425 11.60 11.01 24.82
N SER B 426 11.00 11.00 23.62
CA SER B 426 11.70 11.24 22.36
C SER B 426 10.98 12.27 21.53
N ASN B 427 11.75 13.21 20.98
CA ASN B 427 11.20 14.25 20.09
C ASN B 427 11.50 14.00 18.63
N ASP B 428 12.07 12.84 18.30
CA ASP B 428 12.39 12.54 16.91
C ASP B 428 11.88 11.14 16.58
N HIS B 429 10.76 10.75 17.21
CA HIS B 429 10.12 9.48 16.95
C HIS B 429 11.03 8.24 17.14
N GLY B 430 11.72 8.20 18.26
CA GLY B 430 12.47 7.01 18.65
C GLY B 430 13.94 6.93 18.26
N GLU B 431 14.47 7.97 17.62
CA GLU B 431 15.89 7.98 17.25
C GLU B 431 16.82 8.30 18.41
N SER B 432 16.37 9.20 19.27
CA SER B 432 17.08 9.56 20.48
C SER B 432 16.05 9.79 21.58
N TRP B 433 16.51 9.66 22.82
CA TRP B 433 15.64 9.67 24.01
C TRP B 433 16.22 10.55 25.11
N SER B 434 15.34 11.10 25.94
CA SER B 434 15.74 11.83 27.13
C SER B 434 16.32 10.86 28.16
N ALA B 435 16.87 11.44 29.21
CA ALA B 435 17.17 10.69 30.42
C ALA B 435 15.86 10.22 31.06
N PRO B 436 15.92 9.12 31.85
CA PRO B 436 14.70 8.63 32.52
C PRO B 436 14.21 9.53 33.66
N THR B 437 12.91 9.43 33.91
CA THR B 437 12.24 10.07 35.03
C THR B 437 11.50 8.96 35.76
N LEU B 438 11.77 8.83 37.06
CA LEU B 438 11.01 7.89 37.90
C LEU B 438 9.69 8.52 38.22
N LEU B 439 8.61 7.76 38.11
CA LEU B 439 7.30 8.24 38.52
C LEU B 439 7.37 8.60 40.01
N PRO B 440 6.71 9.72 40.39
CA PRO B 440 6.56 10.02 41.83
C PRO B 440 5.71 8.94 42.49
N PRO B 441 5.62 8.96 43.83
CA PRO B 441 4.92 7.90 44.54
C PRO B 441 3.41 8.08 44.50
N ILE B 442 2.83 7.91 43.33
CA ILE B 442 1.38 8.10 43.13
C ILE B 442 0.48 7.09 43.88
N MET B 443 1.00 5.92 44.22
CA MET B 443 0.26 4.98 45.09
C MET B 443 0.28 5.37 46.59
N GLY B 444 1.04 6.40 46.94
CA GLY B 444 1.25 6.81 48.34
C GLY B 444 2.69 6.52 48.75
N LEU B 445 3.13 7.19 49.81
CA LEU B 445 4.47 7.01 50.37
C LEU B 445 4.77 5.60 50.87
N ASN B 446 3.74 4.92 51.35
CA ASN B 446 3.86 3.64 52.02
C ASN B 446 3.39 2.46 51.17
N ARG B 447 3.44 2.63 49.85
CA ARG B 447 3.17 1.54 48.92
C ARG B 447 4.16 1.58 47.78
N ASN B 448 4.51 0.41 47.29
CA ASN B 448 5.35 0.31 46.12
C ASN B 448 4.60 0.81 44.88
N ALA B 449 5.37 1.11 43.85
CA ALA B 449 4.80 1.49 42.56
C ALA B 449 4.01 0.35 41.96
N PRO B 450 3.09 0.68 41.04
CA PRO B 450 2.45 -0.40 40.28
C PRO B 450 3.36 -1.04 39.26
N TYR B 451 2.88 -2.15 38.70
CA TYR B 451 3.51 -2.91 37.62
C TYR B 451 2.77 -2.56 36.32
N LEU B 452 3.51 -2.24 35.26
CA LEU B 452 2.89 -1.82 34.00
C LEU B 452 2.31 -3.00 33.25
N GLY B 453 1.19 -2.74 32.54
CA GLY B 453 0.58 -3.66 31.60
C GLY B 453 1.24 -3.46 30.25
N PRO B 454 2.04 -4.44 29.80
CA PRO B 454 2.84 -4.17 28.60
C PRO B 454 1.97 -4.02 27.37
N GLY B 455 2.37 -3.09 26.51
CA GLY B 455 1.61 -2.73 25.32
C GLY B 455 1.69 -1.24 25.12
N ARG B 456 0.55 -0.63 24.81
CA ARG B 456 0.49 0.82 24.60
C ARG B 456 -0.36 1.50 25.63
N GLY B 457 -0.18 2.82 25.70
CA GLY B 457 -1.12 3.69 26.37
C GLY B 457 -1.98 4.33 25.30
N ILE B 458 -2.97 5.11 25.73
CA ILE B 458 -3.80 5.88 24.79
C ILE B 458 -3.99 7.33 25.20
N ILE B 459 -4.39 8.15 24.22
CA ILE B 459 -4.90 9.48 24.46
C ILE B 459 -6.41 9.41 24.24
N GLU B 460 -7.20 9.67 25.27
CA GLU B 460 -8.65 9.68 25.11
C GLU B 460 -9.04 10.96 24.34
N SER B 461 -9.90 10.81 23.33
CA SER B 461 -10.11 11.87 22.34
C SER B 461 -10.82 13.15 22.87
N SER B 462 -11.87 13.00 23.69
CA SER B 462 -12.66 14.14 24.16
C SER B 462 -11.93 15.06 25.15
N THR B 463 -11.15 14.49 26.07
CA THR B 463 -10.43 15.29 27.08
C THR B 463 -8.93 15.45 26.80
N GLY B 464 -8.37 14.61 25.94
CA GLY B 464 -6.91 14.60 25.74
C GLY B 464 -6.13 13.97 26.89
N ARG B 465 -6.83 13.30 27.81
CA ARG B 465 -6.20 12.61 28.92
C ARG B 465 -5.33 11.45 28.41
N ILE B 466 -4.12 11.36 28.97
CA ILE B 466 -3.20 10.27 28.68
C ILE B 466 -3.43 9.17 29.73
N LEU B 467 -3.58 7.93 29.28
CA LEU B 467 -3.85 6.80 30.17
C LEU B 467 -2.82 5.68 29.97
N ILE B 468 -2.24 5.23 31.08
CA ILE B 468 -1.20 4.22 31.09
C ILE B 468 -1.68 3.08 31.98
N PRO B 469 -1.79 1.86 31.42
CA PRO B 469 -2.34 0.74 32.17
C PRO B 469 -1.31 0.13 33.11
N SER B 470 -1.76 -0.18 34.32
CA SER B 470 -0.91 -0.83 35.30
C SER B 470 -1.75 -1.59 36.32
N TYR B 471 -1.09 -2.31 37.21
CA TYR B 471 -1.77 -3.17 38.19
C TYR B 471 -0.89 -3.37 39.42
N THR B 472 -1.51 -3.78 40.52
CA THR B 472 -0.82 -3.98 41.78
C THR B 472 -0.78 -5.43 42.24
N GLY B 473 -1.58 -6.30 41.63
CA GLY B 473 -1.73 -7.68 42.11
C GLY B 473 -3.10 -7.91 42.74
N LYS B 474 -3.70 -6.87 43.29
CA LYS B 474 -5.07 -6.90 43.77
C LYS B 474 -5.97 -5.81 43.18
N GLU B 475 -5.38 -4.80 42.54
CA GLU B 475 -6.14 -3.70 41.97
C GLU B 475 -5.68 -3.39 40.55
N SER B 476 -6.54 -2.72 39.79
CA SER B 476 -6.11 -2.05 38.57
C SER B 476 -5.60 -0.68 38.99
N ALA B 477 -4.56 -0.20 38.33
CA ALA B 477 -4.08 1.15 38.53
C ALA B 477 -3.99 1.82 37.18
N PHE B 478 -4.93 2.72 36.92
CA PHE B 478 -4.94 3.48 35.69
C PHE B 478 -4.24 4.80 35.94
N ILE B 479 -3.05 4.89 35.39
CA ILE B 479 -2.19 6.03 35.55
C ILE B 479 -2.55 7.01 34.45
N TYR B 480 -2.65 8.29 34.81
CA TYR B 480 -3.10 9.26 33.83
C TYR B 480 -2.54 10.64 34.05
N SER B 481 -2.53 11.44 32.98
CA SER B 481 -2.16 12.85 33.06
C SER B 481 -3.22 13.67 32.33
N ASP B 482 -3.64 14.75 32.98
CA ASP B 482 -4.54 15.72 32.38
C ASP B 482 -3.82 16.99 31.96
N ASP B 483 -2.49 16.97 31.89
CA ASP B 483 -1.74 18.14 31.48
C ASP B 483 -0.65 17.77 30.47
N ASN B 484 -1.00 16.92 29.52
CA ASN B 484 -0.10 16.49 28.45
C ASN B 484 1.19 15.83 28.98
N GLY B 485 1.07 15.12 30.09
CA GLY B 485 2.18 14.37 30.65
C GLY B 485 3.16 15.15 31.49
N ALA B 486 2.79 16.34 31.95
CA ALA B 486 3.62 17.11 32.87
C ALA B 486 3.56 16.55 34.29
N SER B 487 2.39 16.10 34.72
CA SER B 487 2.22 15.45 36.02
C SER B 487 1.28 14.26 35.89
N TRP B 488 1.37 13.33 36.84
CA TRP B 488 0.71 12.02 36.74
C TRP B 488 -0.10 11.73 37.98
N LYS B 489 -1.29 11.18 37.77
CA LYS B 489 -2.16 10.71 38.85
C LYS B 489 -2.57 9.27 38.56
N VAL B 490 -3.38 8.70 39.45
CA VAL B 490 -3.80 7.31 39.32
C VAL B 490 -5.21 7.10 39.86
N LYS B 491 -5.96 6.24 39.15
CA LYS B 491 -7.21 5.69 39.67
C LYS B 491 -6.96 4.25 40.00
N VAL B 492 -7.20 3.92 41.27
CA VAL B 492 -7.02 2.59 41.79
C VAL B 492 -8.37 1.93 41.96
N VAL B 493 -8.56 0.78 41.31
CA VAL B 493 -9.84 0.10 41.23
C VAL B 493 -9.66 -1.29 41.82
N PRO B 494 -10.23 -1.54 43.02
CA PRO B 494 -10.16 -2.90 43.58
C PRO B 494 -10.76 -3.95 42.65
N LEU B 495 -10.16 -5.13 42.61
CA LEU B 495 -10.60 -6.22 41.71
C LEU B 495 -11.19 -7.40 42.50
N PRO B 496 -12.03 -8.24 41.86
CA PRO B 496 -12.67 -9.38 42.56
C PRO B 496 -11.70 -10.36 43.19
N SER B 497 -10.49 -10.46 42.64
CA SER B 497 -9.48 -11.36 43.17
C SER B 497 -8.09 -10.81 42.82
N SER B 498 -7.06 -11.57 43.16
CA SER B 498 -5.68 -11.13 42.95
C SER B 498 -5.24 -11.39 41.49
N TRP B 499 -5.80 -10.63 40.56
CA TRP B 499 -5.50 -10.74 39.13
C TRP B 499 -4.16 -10.08 38.84
N SER B 500 -3.35 -10.71 38.00
CA SER B 500 -2.22 -10.04 37.39
C SER B 500 -2.80 -9.23 36.24
N ALA B 501 -3.36 -8.06 36.56
CA ALA B 501 -4.30 -7.38 35.65
C ALA B 501 -3.59 -6.50 34.63
N GLU B 502 -2.79 -7.15 33.80
CA GLU B 502 -2.18 -6.48 32.67
C GLU B 502 -3.30 -6.11 31.71
N ALA B 503 -3.40 -4.82 31.41
CA ALA B 503 -4.51 -4.27 30.68
C ALA B 503 -4.10 -3.46 29.48
N GLN B 504 -5.06 -3.28 28.58
CA GLN B 504 -4.93 -2.39 27.42
C GLN B 504 -6.27 -1.72 27.24
N PHE B 505 -6.27 -0.50 26.70
CA PHE B 505 -7.49 0.29 26.56
C PHE B 505 -7.94 0.38 25.11
N VAL B 506 -9.25 0.56 24.92
CA VAL B 506 -9.82 1.05 23.65
C VAL B 506 -10.86 2.12 23.94
N GLU B 507 -11.05 3.01 22.96
CA GLU B 507 -12.09 4.02 23.03
C GLU B 507 -13.22 3.62 22.11
N LEU B 508 -14.42 3.49 22.68
CA LEU B 508 -15.60 3.10 21.92
C LEU B 508 -16.21 4.31 21.22
N SER B 509 -16.37 5.38 21.99
CA SER B 509 -16.90 6.65 21.49
C SER B 509 -16.32 7.71 22.42
N PRO B 510 -16.42 9.01 22.05
CA PRO B 510 -15.78 10.03 22.90
C PRO B 510 -16.20 9.95 24.39
N GLY B 511 -15.21 9.91 25.27
CA GLY B 511 -15.44 9.78 26.72
C GLY B 511 -15.65 8.35 27.24
N VAL B 512 -15.73 7.37 26.34
CA VAL B 512 -16.12 6.02 26.71
C VAL B 512 -14.99 5.08 26.37
N ILE B 513 -14.37 4.54 27.41
CA ILE B 513 -13.22 3.66 27.23
C ILE B 513 -13.40 2.35 28.00
N GLN B 514 -12.75 1.31 27.51
CA GLN B 514 -12.79 0.00 28.13
C GLN B 514 -11.37 -0.48 28.37
N ALA B 515 -11.16 -1.09 29.54
CA ALA B 515 -9.87 -1.67 29.89
C ALA B 515 -10.01 -3.18 29.85
N TYR B 516 -9.35 -3.82 28.88
CA TYR B 516 -9.35 -5.28 28.73
C TYR B 516 -8.15 -5.86 29.47
N MET B 517 -8.35 -6.92 30.26
CA MET B 517 -7.32 -7.41 31.14
C MET B 517 -7.28 -8.90 31.45
N ARG B 518 -6.06 -9.36 31.71
CA ARG B 518 -5.78 -10.68 32.27
C ARG B 518 -6.39 -10.79 33.67
N THR B 519 -6.87 -11.99 33.99
CA THR B 519 -7.40 -12.31 35.30
C THR B 519 -6.74 -13.58 35.82
N ASN B 520 -7.14 -14.01 37.00
CA ASN B 520 -6.78 -15.31 37.53
C ASN B 520 -7.91 -16.33 37.50
N ASN B 521 -8.96 -16.10 36.70
CA ASN B 521 -10.12 -17.01 36.65
C ASN B 521 -10.34 -17.74 35.33
N GLY B 522 -9.45 -17.54 34.36
CA GLY B 522 -9.56 -18.20 33.07
C GLY B 522 -10.14 -17.35 31.95
N LYS B 523 -10.78 -16.22 32.30
CA LYS B 523 -11.45 -15.37 31.32
C LYS B 523 -10.72 -14.03 31.15
N ILE B 524 -10.99 -13.36 30.04
CA ILE B 524 -10.56 -11.98 29.82
C ILE B 524 -11.67 -11.08 30.35
N ALA B 525 -11.29 -10.15 31.26
CA ALA B 525 -12.23 -9.18 31.81
C ALA B 525 -12.13 -7.86 31.05
N TYR B 526 -13.23 -7.11 31.03
CA TYR B 526 -13.20 -5.72 30.59
C TYR B 526 -14.05 -4.84 31.51
N LEU B 527 -13.50 -3.69 31.86
CA LEU B 527 -14.15 -2.70 32.72
C LEU B 527 -14.40 -1.48 31.86
N THR B 528 -15.51 -0.79 32.13
CA THR B 528 -15.96 0.30 31.30
C THR B 528 -16.00 1.62 32.06
N SER B 529 -15.50 2.67 31.41
CA SER B 529 -15.63 4.03 31.90
C SER B 529 -16.38 4.89 30.89
N LYS B 530 -17.31 5.69 31.38
CA LYS B 530 -18.07 6.61 30.55
C LYS B 530 -17.67 8.06 30.80
N ASP B 531 -16.63 8.29 31.60
CA ASP B 531 -16.14 9.63 31.91
C ASP B 531 -14.61 9.71 31.72
N ALA B 532 -14.13 9.13 30.61
CA ALA B 532 -12.72 9.19 30.24
C ALA B 532 -11.76 8.60 31.29
N GLY B 533 -12.22 7.60 32.04
CA GLY B 533 -11.39 6.89 33.00
C GLY B 533 -11.48 7.32 34.44
N THR B 534 -12.35 8.27 34.76
CA THR B 534 -12.49 8.73 36.15
C THR B 534 -13.18 7.68 37.01
N THR B 535 -14.23 7.05 36.51
CA THR B 535 -14.96 5.99 37.23
C THR B 535 -15.08 4.79 36.33
N TRP B 536 -15.14 3.62 36.95
CA TRP B 536 -15.11 2.34 36.24
C TRP B 536 -16.23 1.43 36.71
N SER B 537 -16.81 0.71 35.75
CA SER B 537 -17.83 -0.29 36.02
C SER B 537 -17.24 -1.53 36.71
N ALA B 538 -18.14 -2.37 37.20
CA ALA B 538 -17.79 -3.72 37.61
C ALA B 538 -17.30 -4.50 36.38
N PRO B 539 -16.53 -5.57 36.60
CA PRO B 539 -16.02 -6.33 35.47
C PRO B 539 -17.11 -7.07 34.67
N GLU B 540 -16.89 -7.15 33.37
CA GLU B 540 -17.59 -8.08 32.49
C GLU B 540 -16.52 -8.95 31.81
N TYR B 541 -16.93 -10.05 31.19
CA TYR B 541 -16.02 -11.07 30.72
C TYR B 541 -16.34 -11.48 29.29
N LEU B 542 -15.31 -11.59 28.46
CA LEU B 542 -15.53 -12.15 27.13
C LEU B 542 -16.05 -13.59 27.26
N LYS B 543 -17.00 -13.94 26.40
CA LYS B 543 -17.70 -15.21 26.47
C LYS B 543 -16.93 -16.30 25.73
N PHE B 544 -16.02 -15.89 24.85
CA PHE B 544 -15.45 -16.82 23.85
C PHE B 544 -13.99 -17.16 24.10
N VAL B 545 -13.37 -16.62 25.16
CA VAL B 545 -12.01 -17.02 25.54
C VAL B 545 -12.02 -17.79 26.86
N SER B 546 -11.35 -18.94 26.87
CA SER B 546 -11.23 -19.77 28.04
C SER B 546 -9.77 -20.25 28.16
N ASN B 547 -9.08 -19.68 29.14
CA ASN B 547 -7.65 -19.88 29.36
C ASN B 547 -7.38 -20.49 30.75
N PRO B 548 -6.12 -20.86 31.05
CA PRO B 548 -5.84 -21.38 32.38
C PRO B 548 -5.91 -20.25 33.41
N SER B 549 -5.96 -20.62 34.68
CA SER B 549 -6.15 -19.68 35.76
C SER B 549 -5.02 -18.61 35.79
N TYR B 550 -3.80 -18.97 35.42
CA TYR B 550 -2.69 -18.01 35.49
C TYR B 550 -2.85 -16.86 34.47
N GLY B 551 -3.48 -17.14 33.33
CA GLY B 551 -3.76 -16.13 32.31
C GLY B 551 -2.54 -15.70 31.53
N THR B 552 -2.78 -14.86 30.53
CA THR B 552 -1.74 -14.27 29.72
C THR B 552 -2.11 -12.82 29.42
N GLN B 553 -1.09 -11.99 29.22
CA GLN B 553 -1.26 -10.66 28.65
C GLN B 553 -1.98 -10.74 27.28
N LEU B 554 -2.65 -9.65 26.94
CA LEU B 554 -3.33 -9.52 25.64
C LEU B 554 -2.95 -8.21 24.97
N SER B 555 -3.36 -8.07 23.72
CA SER B 555 -3.26 -6.81 23.01
C SER B 555 -4.61 -6.55 22.39
N ILE B 556 -5.08 -5.32 22.56
CA ILE B 556 -6.27 -4.84 21.84
C ILE B 556 -6.02 -3.41 21.43
N ILE B 557 -6.45 -3.09 20.21
CA ILE B 557 -6.29 -1.75 19.64
C ILE B 557 -7.57 -1.29 18.94
N ASN B 558 -7.74 0.03 18.84
CA ASN B 558 -8.65 0.65 17.86
C ASN B 558 -8.06 0.56 16.46
N TYR B 559 -8.93 0.37 15.47
CA TYR B 559 -8.55 0.31 14.07
C TYR B 559 -9.19 1.53 13.45
N SER B 560 -8.45 2.20 12.56
CA SER B 560 -8.92 3.46 11.97
C SER B 560 -9.95 3.29 10.86
N GLN B 561 -10.01 2.14 10.17
CA GLN B 561 -10.95 1.99 9.03
C GLN B 561 -12.20 1.20 9.39
N LEU B 562 -13.31 1.53 8.73
CA LEU B 562 -14.56 0.82 8.97
C LEU B 562 -14.48 -0.63 8.51
N ILE B 563 -15.11 -1.54 9.27
CA ILE B 563 -15.26 -2.94 8.87
C ILE B 563 -16.73 -3.25 8.97
N ASP B 564 -17.29 -3.80 7.88
CA ASP B 564 -18.72 -3.92 7.72
C ASP B 564 -19.49 -2.64 8.10
N GLY B 565 -18.95 -1.48 7.73
CA GLY B 565 -19.60 -0.21 8.02
C GLY B 565 -19.52 0.27 9.47
N LYS B 566 -18.72 -0.40 10.29
CA LYS B 566 -18.67 -0.17 11.73
C LYS B 566 -17.25 0.10 12.19
N LYS B 567 -17.12 0.87 13.28
CA LYS B 567 -15.87 1.08 13.98
C LYS B 567 -15.44 -0.25 14.56
N ALA B 568 -14.15 -0.52 14.50
CA ALA B 568 -13.64 -1.83 14.88
C ALA B 568 -12.56 -1.73 15.95
N VAL B 569 -12.48 -2.78 16.77
CA VAL B 569 -11.32 -3.08 17.61
C VAL B 569 -10.73 -4.43 17.19
N ILE B 570 -9.43 -4.62 17.41
CA ILE B 570 -8.76 -5.84 17.04
C ILE B 570 -8.06 -6.36 18.29
N LEU B 571 -8.32 -7.63 18.62
CA LEU B 571 -7.83 -8.28 19.84
C LEU B 571 -6.94 -9.46 19.49
N SER B 572 -5.83 -9.60 20.21
CA SER B 572 -4.91 -10.75 20.10
C SER B 572 -4.76 -11.38 21.49
N THR B 573 -4.93 -12.71 21.54
CA THR B 573 -4.75 -13.47 22.79
C THR B 573 -4.62 -14.96 22.51
N PRO B 574 -3.89 -15.70 23.38
CA PRO B 574 -4.09 -17.16 23.36
C PRO B 574 -5.50 -17.51 23.78
N ASN B 575 -5.95 -18.69 23.38
CA ASN B 575 -7.26 -19.21 23.75
C ASN B 575 -7.24 -20.73 23.90
N SER B 576 -6.90 -21.20 25.08
CA SER B 576 -6.76 -22.64 25.33
C SER B 576 -6.71 -22.85 26.83
N THR B 577 -7.32 -23.91 27.33
CA THR B 577 -7.24 -24.22 28.75
C THR B 577 -6.00 -25.06 29.07
N ASN B 578 -5.26 -25.45 28.03
CA ASN B 578 -4.13 -26.38 28.15
C ASN B 578 -2.76 -25.74 28.32
N GLY B 579 -2.67 -24.42 28.18
CA GLY B 579 -1.39 -23.74 28.12
C GLY B 579 -1.51 -22.45 27.34
N ARG B 580 -0.37 -21.83 27.07
CA ARG B 580 -0.34 -20.61 26.27
C ARG B 580 -0.19 -21.01 24.83
N LYS B 581 -1.34 -21.22 24.20
CA LYS B 581 -1.40 -21.74 22.82
C LYS B 581 -2.70 -21.32 22.15
N HIS B 582 -2.89 -21.71 20.89
CA HIS B 582 -4.11 -21.44 20.14
C HIS B 582 -4.37 -19.93 20.06
N GLY B 583 -3.33 -19.22 19.61
CA GLY B 583 -3.43 -17.79 19.35
C GLY B 583 -4.50 -17.40 18.35
N GLN B 584 -5.26 -16.36 18.69
CA GLN B 584 -6.34 -15.87 17.83
C GLN B 584 -6.35 -14.36 17.74
N ILE B 585 -6.68 -13.87 16.55
CA ILE B 585 -7.01 -12.46 16.37
C ILE B 585 -8.51 -12.34 16.10
N TRP B 586 -9.15 -11.48 16.89
CA TRP B 586 -10.59 -11.29 16.91
C TRP B 586 -10.89 -9.87 16.45
N ILE B 587 -11.86 -9.74 15.55
CA ILE B 587 -12.38 -8.45 15.16
C ILE B 587 -13.69 -8.21 15.90
N GLY B 588 -13.74 -7.09 16.64
CA GLY B 588 -14.92 -6.62 17.34
C GLY B 588 -15.49 -5.35 16.71
N LEU B 589 -16.77 -5.36 16.38
CA LEU B 589 -17.42 -4.19 15.78
C LEU B 589 -18.26 -3.50 16.85
N ILE B 590 -18.07 -2.18 16.97
CA ILE B 590 -18.73 -1.37 17.98
C ILE B 590 -20.16 -1.06 17.55
N ASN B 591 -21.12 -1.46 18.39
CA ASN B 591 -22.55 -1.18 18.15
C ASN B 591 -22.90 0.21 18.64
N ASP B 592 -24.07 0.70 18.23
CA ASP B 592 -24.57 2.02 18.62
C ASP B 592 -24.68 2.21 20.14
N ASP B 593 -24.98 1.12 20.85
CA ASP B 593 -25.09 1.13 22.31
C ASP B 593 -23.75 0.85 23.02
N ASN B 594 -22.64 0.96 22.30
CA ASN B 594 -21.31 0.65 22.82
C ASN B 594 -21.05 -0.80 23.29
N THR B 595 -21.91 -1.76 22.98
CA THR B 595 -21.54 -3.16 23.09
C THR B 595 -20.71 -3.51 21.85
N ILE B 596 -19.96 -4.61 21.92
CA ILE B 596 -19.13 -5.05 20.81
C ILE B 596 -19.63 -6.37 20.21
N ASP B 597 -19.75 -6.39 18.89
CA ASP B 597 -20.08 -7.60 18.15
C ASP B 597 -18.77 -8.25 17.74
N TRP B 598 -18.41 -9.32 18.43
CA TRP B 598 -17.22 -10.10 18.11
C TRP B 598 -17.54 -11.06 16.95
N ARG B 599 -17.38 -10.55 15.73
CA ARG B 599 -17.94 -11.15 14.51
C ARG B 599 -16.99 -12.09 13.78
N TYR B 600 -15.68 -11.80 13.82
CA TYR B 600 -14.68 -12.60 13.10
C TYR B 600 -13.51 -12.99 13.99
N HIS B 601 -12.89 -14.11 13.66
CA HIS B 601 -11.61 -14.46 14.25
C HIS B 601 -10.80 -15.30 13.28
N HIS B 602 -9.50 -15.27 13.50
CA HIS B 602 -8.54 -16.02 12.70
C HIS B 602 -7.54 -16.66 13.65
N ASP B 603 -7.38 -17.98 13.55
CA ASP B 603 -6.33 -18.67 14.31
C ASP B 603 -4.96 -18.37 13.70
N VAL B 604 -4.00 -17.95 14.52
CA VAL B 604 -2.70 -17.53 14.00
C VAL B 604 -1.88 -18.71 13.43
N ASP B 605 -1.87 -19.82 14.14
CA ASP B 605 -1.26 -21.07 13.63
C ASP B 605 -2.19 -22.18 14.11
N TYR B 606 -1.76 -23.45 14.03
CA TYR B 606 -2.55 -24.58 14.54
C TYR B 606 -2.70 -24.45 16.04
N SER B 607 -3.73 -25.08 16.57
CA SER B 607 -4.18 -24.79 17.92
C SER B 607 -3.21 -25.23 19.03
N ASN B 608 -2.35 -26.22 18.78
CA ASN B 608 -1.40 -26.68 19.79
C ASN B 608 -0.05 -25.96 19.71
N TYR B 609 0.12 -25.07 18.74
CA TYR B 609 1.29 -24.23 18.66
C TYR B 609 1.24 -23.12 19.71
N GLY B 610 2.42 -22.74 20.18
CA GLY B 610 2.53 -21.80 21.31
C GLY B 610 2.22 -20.35 20.94
N TYR B 611 1.67 -19.64 21.90
CA TYR B 611 1.23 -18.24 21.71
C TYR B 611 1.04 -17.66 23.10
N SER B 612 1.93 -16.76 23.49
CA SER B 612 1.89 -16.15 24.80
C SER B 612 1.69 -14.64 24.64
N TYR B 613 2.56 -13.79 25.19
CA TYR B 613 2.33 -12.35 25.12
C TYR B 613 2.36 -11.90 23.66
N SER B 614 1.58 -10.87 23.34
CA SER B 614 1.47 -10.35 21.97
C SER B 614 1.21 -8.86 21.92
N THR B 615 1.36 -8.29 20.71
CA THR B 615 1.16 -6.86 20.49
C THR B 615 0.71 -6.60 19.04
N LEU B 616 -0.30 -5.75 18.92
CA LEU B 616 -0.90 -5.35 17.65
C LEU B 616 -0.60 -3.89 17.36
N THR B 617 -0.42 -3.57 16.09
CA THR B 617 -0.54 -2.17 15.68
C THR B 617 -1.18 -2.11 14.31
N GLU B 618 -1.80 -0.97 14.00
CA GLU B 618 -2.25 -0.69 12.65
C GLU B 618 -1.10 -0.08 11.85
N LEU B 619 -0.73 -0.72 10.75
CA LEU B 619 0.32 -0.18 9.89
C LEU B 619 -0.24 1.03 9.14
N PRO B 620 0.64 1.92 8.62
CA PRO B 620 0.13 3.09 7.88
C PRO B 620 -0.69 2.74 6.65
N ASN B 621 -0.41 1.61 5.99
CA ASN B 621 -1.27 1.13 4.89
C ASN B 621 -2.57 0.42 5.36
N HIS B 622 -2.84 0.40 6.67
CA HIS B 622 -4.06 -0.16 7.27
C HIS B 622 -4.08 -1.69 7.33
N GLU B 623 -2.93 -2.30 7.06
CA GLU B 623 -2.71 -3.67 7.40
C GLU B 623 -2.41 -3.70 8.91
N ILE B 624 -2.38 -4.91 9.45
CA ILE B 624 -2.19 -5.16 10.88
C ILE B 624 -0.84 -5.80 11.07
N GLY B 625 -0.02 -5.20 11.93
CA GLY B 625 1.24 -5.78 12.35
C GLY B 625 1.01 -6.52 13.65
N LEU B 626 1.64 -7.68 13.78
CA LEU B 626 1.58 -8.49 14.98
C LEU B 626 2.97 -9.02 15.33
N MET B 627 3.36 -8.81 16.57
CA MET B 627 4.54 -9.45 17.13
C MET B 627 4.13 -10.21 18.36
N PHE B 628 4.62 -11.44 18.50
CA PHE B 628 4.14 -12.29 19.60
C PHE B 628 5.16 -13.35 19.97
N GLU B 629 4.97 -13.89 21.16
CA GLU B 629 5.79 -14.95 21.71
C GLU B 629 5.26 -16.25 21.11
N LYS B 630 5.96 -16.77 20.11
CA LYS B 630 5.53 -18.04 19.46
C LYS B 630 6.10 -19.24 20.21
N PHE B 631 5.60 -19.39 21.43
CA PHE B 631 5.99 -20.43 22.38
C PHE B 631 5.15 -20.21 23.60
N ASP B 632 5.19 -21.17 24.51
CA ASP B 632 4.50 -21.07 25.78
C ASP B 632 5.49 -20.51 26.79
N SER B 633 5.36 -19.23 27.08
CA SER B 633 6.29 -18.55 27.98
C SER B 633 6.00 -18.77 29.47
N TRP B 634 4.98 -19.56 29.80
CA TRP B 634 4.70 -19.97 31.19
C TRP B 634 5.31 -21.36 31.53
N SER B 635 5.18 -22.29 30.58
CA SER B 635 5.69 -23.66 30.70
C SER B 635 7.16 -23.75 31.09
N ARG B 636 7.45 -24.64 32.03
CA ARG B 636 8.84 -24.89 32.43
C ARG B 636 9.61 -25.66 31.36
N ASN B 637 8.91 -26.18 30.34
CA ASN B 637 9.59 -26.94 29.27
C ASN B 637 10.00 -26.05 28.12
N GLU B 638 9.56 -24.79 28.10
CA GLU B 638 9.84 -23.92 26.95
C GLU B 638 10.63 -22.66 27.30
N LEU B 639 11.36 -22.72 28.42
CA LEU B 639 12.22 -21.61 28.86
C LEU B 639 13.46 -21.49 27.99
N HIS B 640 13.96 -20.27 27.86
CA HIS B 640 15.33 -20.05 27.37
C HIS B 640 15.52 -20.58 25.96
N MET B 641 14.63 -20.18 25.06
CA MET B 641 14.73 -20.57 23.65
C MET B 641 15.02 -19.37 22.78
N LYS B 642 15.88 -19.58 21.77
CA LYS B 642 16.30 -18.50 20.86
C LYS B 642 15.34 -18.32 19.70
N ASN B 643 15.09 -17.05 19.35
CA ASN B 643 14.44 -16.66 18.10
C ASN B 643 13.01 -17.16 17.96
N VAL B 644 12.21 -16.80 18.96
CA VAL B 644 10.84 -17.25 19.11
C VAL B 644 9.83 -16.12 19.28
N VAL B 645 10.20 -14.91 18.84
CA VAL B 645 9.28 -13.76 18.92
C VAL B 645 9.18 -13.09 17.54
N PRO B 646 8.38 -13.68 16.66
CA PRO B 646 8.31 -13.16 15.30
C PRO B 646 7.30 -12.02 15.10
N TYR B 647 7.48 -11.32 13.98
CA TYR B 647 6.59 -10.27 13.52
C TYR B 647 5.95 -10.78 12.25
N ILE B 648 4.63 -10.70 12.19
CA ILE B 648 3.88 -11.02 10.96
C ILE B 648 2.81 -9.96 10.68
N THR B 649 2.30 -9.96 9.45
CA THR B 649 1.30 -8.97 9.08
C THR B 649 0.08 -9.61 8.49
N PHE B 650 -1.04 -8.92 8.64
CA PHE B 650 -2.28 -9.37 8.06
C PHE B 650 -2.95 -8.20 7.36
N LYS B 651 -3.54 -8.49 6.20
CA LYS B 651 -4.58 -7.63 5.65
C LYS B 651 -5.87 -7.96 6.41
N ILE B 652 -6.79 -7.01 6.46
CA ILE B 652 -8.07 -7.24 7.12
C ILE B 652 -8.77 -8.47 6.53
N GLU B 653 -8.64 -8.68 5.22
CA GLU B 653 -9.29 -9.80 4.55
C GLU B 653 -8.75 -11.15 5.06
N ASP B 654 -7.48 -11.19 5.47
CA ASP B 654 -6.91 -12.38 6.10
C ASP B 654 -7.59 -12.66 7.45
N LEU B 655 -8.07 -11.60 8.11
CA LEU B 655 -8.66 -11.69 9.44
C LEU B 655 -10.16 -11.89 9.47
N LYS B 656 -10.87 -11.46 8.41
CA LYS B 656 -12.32 -11.56 8.35
C LYS B 656 -12.73 -13.00 8.05
N LYS B 657 -12.56 -13.89 9.04
CA LYS B 657 -12.92 -15.30 8.91
C LYS B 657 -13.85 -15.72 10.04
N ASN B 658 -14.47 -16.88 9.86
CA ASN B 658 -15.33 -17.49 10.89
C ASN B 658 -16.56 -16.68 11.41
N LEU B 659 -17.56 -16.39 10.56
CA LEU B 659 -19.02 -16.27 10.95
C LEU B 659 -19.73 -15.67 9.77
C1 FSI C . -2.47 10.68 -30.68
F1 FSI C . -4.73 12.16 -31.47
C2 FSI C . -2.39 12.17 -30.80
C3 FSI C . -3.79 12.86 -30.74
C4 FSI C . -3.69 14.28 -31.27
O4 FSI C . -4.92 14.98 -31.16
C5 FSI C . -3.20 14.24 -32.71
N5 FSI C . -3.16 15.55 -33.31
C6 FSI C . -1.80 13.61 -32.71
O6 FSI C . -1.87 12.31 -32.12
C7 FSI C . -1.20 13.47 -34.10
O7 FSI C . -2.14 12.79 -34.94
C8 FSI C . 0.15 12.76 -34.11
O8 FSI C . 0.97 13.34 -35.13
C9 FSI C . 0.05 11.27 -34.42
O9 FSI C . 1.34 10.69 -34.23
C10 FSI C . -3.42 15.80 -34.59
O10 FSI C . -3.70 14.92 -35.38
C11 FSI C . -3.33 17.24 -35.02
O1A FSI C . -3.41 10.16 -30.05
O1B FSI C . -1.54 9.99 -31.15
C11 SFJ D . -15.22 -13.13 -20.39
C9 SFJ D . -9.88 -16.99 -19.87
C10 SFJ D . -14.49 -14.12 -21.28
C1 SFJ D . -14.72 -20.14 -21.60
C7 SFJ D . -12.15 -16.69 -20.97
C4 SFJ D . -15.62 -17.27 -22.66
C3 SFJ D . -15.10 -18.44 -23.47
C5 SFJ D . -14.44 -16.45 -22.14
C6 SFJ D . -13.46 -17.36 -21.38
C2 SFJ D . -14.10 -19.31 -22.70
N5 SFJ D . -14.95 -15.38 -21.28
O10 SFJ D . -13.55 -13.74 -21.96
O9 SFJ D . -10.07 -16.64 -18.50
O1A SFJ D . -14.11 -20.24 -20.50
O8 SFJ D . -11.78 -18.45 -19.38
O7 SFJ D . -11.61 -16.11 -22.15
O4 SFJ D . -16.48 -16.44 -23.47
O6 SFJ D . -13.07 -18.48 -22.18
FAI SFJ D . -14.48 -17.94 -24.59
FAJ SFJ D . -13.55 -20.16 -23.55
O1B SFJ D . -15.81 -20.71 -21.79
C8 SFJ D . -11.13 -17.68 -20.41
C1 GOL E . 22.60 -24.77 22.28
O1 GOL E . 21.72 -25.87 22.53
C2 GOL E . 21.76 -23.68 21.61
O2 GOL E . 21.82 -22.50 22.39
C3 GOL E . 22.26 -23.42 20.21
O3 GOL E . 21.66 -22.27 19.63
C1 FSI F . 4.05 -13.65 32.31
F1 FSI F . 6.54 -12.54 32.49
C2 FSI F . 4.20 -12.15 32.45
C3 FSI F . 5.59 -11.67 32.03
C4 FSI F . 5.92 -10.28 32.57
O4 FSI F . 7.22 -9.88 32.11
C5 FSI F . 5.86 -10.29 34.08
N5 FSI F . 6.27 -9.00 34.62
C6 FSI F . 4.45 -10.70 34.48
O6 FSI F . 4.10 -11.97 33.88
C7 FSI F . 4.30 -10.77 36.01
O7 FSI F . 5.34 -11.56 36.58
C8 FSI F . 2.95 -11.34 36.46
O8 FSI F . 1.94 -10.50 35.89
C9 FSI F . 2.78 -11.29 37.96
O9 FSI F . 1.84 -12.29 38.33
C10 FSI F . 6.91 -8.83 35.78
O10 FSI F . 7.20 -9.74 36.54
C11 FSI F . 7.24 -7.41 36.15
O1A FSI F . 3.22 -14.23 33.05
O1B FSI F . 4.72 -14.31 31.48
C11 SFJ G . 10.09 -38.90 19.35
C9 SFJ G . 4.48 -41.67 20.44
C10 SFJ G . 9.48 -39.84 20.35
C1 SFJ G . 9.09 -45.81 20.64
C7 SFJ G . 6.93 -41.97 20.83
C4 SFJ G . 10.58 -43.12 21.41
C3 SFJ G . 10.19 -44.25 22.36
C5 SFJ G . 9.43 -42.15 21.23
C6 SFJ G . 8.14 -42.90 20.83
C2 SFJ G . 8.90 -44.97 21.91
N5 SFJ G . 9.82 -41.14 20.24
O10 SFJ G . 8.75 -39.42 21.22
O9 SFJ G . 3.40 -42.20 19.66
O1A SFJ G . 10.17 -46.42 20.45
O8 SFJ G . 5.73 -43.35 19.25
O7 SFJ G . 6.75 -41.39 22.12
O4 SFJ G . 11.73 -42.43 21.92
O6 SFJ G . 7.86 -44.00 21.72
FAI SFJ G . 10.04 -43.68 23.60
FAJ SFJ G . 8.51 -45.82 22.85
O1B SFJ G . 8.16 -45.86 19.82
C8 SFJ G . 5.62 -42.67 20.50
#